data_7ZOL
#
_entry.id   7ZOL
#
_cell.length_a   1.00
_cell.length_b   1.00
_cell.length_c   1.00
_cell.angle_alpha   90.00
_cell.angle_beta   90.00
_cell.angle_gamma   90.00
#
_symmetry.space_group_name_H-M   'P 1'
#
loop_
_entity.id
_entity.type
_entity.pdbx_description
1 polymer Cas7-11
2 polymer gRNA
3 polymer TPR-CHAT
4 non-polymer 'ZINC ION'
#
loop_
_entity_poly.entity_id
_entity_poly.type
_entity_poly.pdbx_seq_one_letter_code
_entity_poly.pdbx_strand_id
1 'polypeptide(L)'
;MGSSHHHHHHSQDPMQHIIPLTITFLESFRVIEWHKSSDRNSLRFLRGYAYARWHRSLKNNKGRPYITGTLVRSAIIRAA
EELLWLNDGNYKGAICCPGEFNGSNAKVFREGKARRLRRRQTLTWPTKCACHEKEPCPFCLLLGRYEKSSKTSKSPVLNN
VNFSNFNVLGKEKEFLNIEDVADMRVVNRVDQQSGKAEDFFNIWEITDGAWKIFRGEIQVSDKGWSDEENFSKFLTLLKG
ASVLVDKISGGLCYLTLDKPELAELPAVKTEKDVLEPGDDASVLEISRPPYWNNMLNLAGTISEAFEREDKLVHLRLFAD
TVRELRRSDIETLDLPKGHADRLGKPSDHFIWDIEINKKVKLRNWLFWIFNEFRDTYAYFDWRTFCEALGQALYLEAKKQ
VPNQFSSERPVGATPAMEVKTPEHDPGRAAQGPRYEWLIKGELVSQTPFFFGWSTEADNREHTNLKLLAARDGRLRLPLS
VLRGILRRDIKVVLDNKCRAELAMKQPCSCPVCNLMKKITIRDSFSSNYAEPPKIRHKIRLDPKSGTVAKGALFDSEVGP
RGVVFPFELRLRSADDTLPQALKTVFSWWQQGTVSFSGDAGTGKGIFCLRNLKSIRWDLKTEMDKYAATLGGRKTPVGKW
DKCHIPDDKTYPWVKETVEISVCSPFITKDPVNSLIDSAGYDAICYTTVDLEKSENINSLPESEISLLFEMFDLQYPMSY
LFPNKDIYLLKGESFRGMLRTAVGRGENLLLREHEDCSCTLCRIFGNEHNAGKIRVEDFIIQGEPRTKLVDRVAIDRFTA
GAKDKFKFDAAPIVGTPTNKLKFRGNIWIHRDLDGLACESLKLALEDIENGLYPFGGLGNAGFGWVNYNPLSHPAQEENK
ADFSLTKKMELNWSMKELSTDKIYWPHYFLPFGKKVLREKTPPSHACIDENEDSELYSGKIVCTLETRTPLIIPDSEFQG
EEHKSYDFFNLNGELCIPGSEIRGMISSVFEALTNSCMRIFDEKKRLSWRMNPNKKDKKNNNRRELDDFIPGRVTNDRKM
EEMKEYRYPFYDQAITANDKQNKYFDQWEATIELTDESLEKLKAEKILQSVLDALRPLTKKKEKYKNTETFVFDLKKFIG
KIDDNQQMISEALERGKVRLTGNSLKQISKTKKIPRQILNQLKGLKDNTYENREQFISVLKTTVRGINDEQISLILDNID
EDVRLTDLSLTKIRKAKVPQTLVDMLADLKKDEPYKNEKEFLSEFKKKMGEIIGLILKHAAKTGGDVPRYNHPTPTDKML
LSLAAYNRNHKHENGKAEYRIVKPKHNLKVDFMFAVTPFENPFKGYNPAAVVEEPVGGYLKVSGPNKIEKVKKVNPNSVS
VRDDKNQEIIHNGVYLRKITVANAKSKNKLRERLVPEFAWYDKDSEAAYAMTKRCERVFVEIGAKPIPIQPSAREKFKIL
TQEYQKNAKQQKTPEAFQTILPKDGELRPGDLVYFREDKKTNTVTDIIPVRISRTVDDEVLARKIPDDVGDVRPCVREIL
DKEKQKEIADAGVKEVFQHHPDGLCPACSLFGTTFYKGRIAFGFAFHKDKDPELANNGKHITLPLLERPRPTWSMPKKES
RVPGRKFYVHHQGWERVIKHSNLDESDPNATKQTVNNRSVQAIKEEQKFQFEVRFENLREWELGLLVYVLQLEPQFAHKL
GMGKALGFGSVRIRVGEIHSGPKELDESRLVSSAMKKMEEIWDRDKNVLEKLFRLLYFNESKDIKVRYPKLQKEKEEEEE
ESGYMELAKEEYQPEQRRNKLTNPWEGWGNILKKPAILI
;
B
2 'polyribonucleotide' UAUGUGAUGGAACCUCUCCGGAUAAUUCUAUCUCUUCUG C
3 'polypeptide(L)'
;MSSAFSGLKIPELSVDPAEVFKSDNPQLVSVLLDEFELQEQRPFFSGLIPEKQINIALKKSPQLKKLACHLLEAYEINGR
RWKHADRRRVLEKAIRLLEKVSNELKGDIQKLENNVKESGKDSEELNKTREKHGEILADMGRAYLHRAKII
;
A
#
# COMPACT_ATOMS: atom_id res chain seq x y z
N GLN A 16 63.89 49.27 -3.70
CA GLN A 16 63.64 47.98 -3.08
C GLN A 16 63.79 46.84 -4.07
N HIS A 17 63.79 45.60 -3.57
CA HIS A 17 63.91 44.42 -4.39
C HIS A 17 62.80 43.45 -4.04
N ILE A 18 62.23 42.81 -5.06
CA ILE A 18 61.07 41.95 -4.91
C ILE A 18 61.46 40.53 -5.33
N ILE A 19 61.21 39.58 -4.43
CA ILE A 19 61.45 38.17 -4.69
C ILE A 19 60.11 37.43 -4.57
N PRO A 20 59.46 37.15 -5.69
CA PRO A 20 58.15 36.47 -5.63
C PRO A 20 58.27 35.05 -5.10
N LEU A 21 57.21 34.61 -4.43
CA LEU A 21 57.12 33.27 -3.89
C LEU A 21 55.93 32.54 -4.50
N THR A 22 55.99 31.22 -4.48
CA THR A 22 54.92 30.38 -5.02
C THR A 22 54.62 29.26 -4.04
N ILE A 23 53.38 29.22 -3.56
CA ILE A 23 52.91 28.14 -2.68
C ILE A 23 51.92 27.31 -3.49
N THR A 24 52.27 26.05 -3.73
CA THR A 24 51.47 25.15 -4.55
C THR A 24 50.98 24.00 -3.69
N PHE A 25 49.67 23.96 -3.44
CA PHE A 25 49.10 22.88 -2.66
C PHE A 25 48.88 21.65 -3.55
N LEU A 26 48.95 20.48 -2.92
CA LEU A 26 48.83 19.22 -3.65
C LEU A 26 47.41 18.67 -3.63
N GLU A 27 46.78 18.59 -2.47
CA GLU A 27 45.44 18.02 -2.38
C GLU A 27 44.40 19.01 -1.87
N SER A 28 44.62 19.63 -0.72
CA SER A 28 43.60 20.50 -0.12
C SER A 28 44.25 21.34 0.98
N PHE A 29 43.45 22.26 1.53
CA PHE A 29 43.85 23.06 2.67
C PHE A 29 42.58 23.51 3.39
N ARG A 30 42.77 24.19 4.53
CA ARG A 30 41.67 24.61 5.37
C ARG A 30 41.57 26.14 5.40
N VAL A 31 40.36 26.62 5.68
CA VAL A 31 40.05 28.04 5.68
C VAL A 31 39.21 28.37 6.90
N ILE A 32 39.47 29.51 7.53
CA ILE A 32 38.64 30.05 8.60
C ILE A 32 37.79 31.17 8.03
N GLU A 33 36.58 31.32 8.55
CA GLU A 33 35.62 32.26 8.00
C GLU A 33 35.94 33.68 8.46
N TRP A 34 35.06 34.62 8.15
CA TRP A 34 35.27 36.03 8.46
C TRP A 34 34.65 36.41 9.80
N HIS A 35 35.37 37.24 10.55
CA HIS A 35 34.93 37.68 11.87
C HIS A 35 35.06 39.19 11.98
N LYS A 36 34.18 39.79 12.77
CA LYS A 36 34.26 41.22 13.01
C LYS A 36 35.50 41.55 13.84
N SER A 37 35.95 42.80 13.71
CA SER A 37 37.19 43.21 14.37
C SER A 37 37.08 43.09 15.89
N SER A 38 35.92 43.45 16.45
CA SER A 38 35.72 43.33 17.89
C SER A 38 35.65 41.88 18.36
N ASP A 39 35.46 40.94 17.44
CA ASP A 39 35.33 39.53 17.76
C ASP A 39 36.51 38.71 17.22
N ARG A 40 37.68 39.33 17.11
CA ARG A 40 38.86 38.68 16.55
C ARG A 40 39.77 38.07 17.61
N ASN A 41 39.35 38.10 18.88
CA ASN A 41 40.11 37.45 19.95
C ASN A 41 39.30 36.37 20.65
N SER A 42 38.19 35.93 20.05
CA SER A 42 37.36 34.90 20.66
C SER A 42 37.99 33.52 20.47
N LEU A 43 37.32 32.50 21.00
CA LEU A 43 37.82 31.14 20.89
C LEU A 43 37.84 30.67 19.44
N ARG A 44 36.82 31.03 18.66
CA ARG A 44 36.72 30.60 17.28
C ARG A 44 37.85 31.14 16.42
N PHE A 45 38.46 32.26 16.81
CA PHE A 45 39.55 32.83 16.03
C PHE A 45 40.92 32.33 16.48
N LEU A 46 41.14 32.24 17.80
CA LEU A 46 42.42 31.71 18.28
C LEU A 46 42.63 30.28 17.82
N ARG A 47 41.58 29.45 17.89
CA ARG A 47 41.62 28.16 17.24
C ARG A 47 41.51 28.35 15.73
N GLY A 48 42.33 27.61 14.99
CA GLY A 48 42.39 27.84 13.56
C GLY A 48 43.10 29.10 13.16
N TYR A 49 43.96 29.63 14.05
CA TYR A 49 44.72 30.83 13.74
C TYR A 49 45.74 30.60 12.63
N ALA A 50 46.10 29.33 12.37
CA ALA A 50 47.09 28.98 11.36
C ALA A 50 46.45 28.54 10.05
N TYR A 51 45.24 28.99 9.76
CA TYR A 51 44.53 28.63 8.55
C TYR A 51 44.29 29.87 7.68
N ALA A 52 43.94 29.63 6.43
CA ALA A 52 43.63 30.72 5.52
C ALA A 52 42.37 31.44 5.98
N ARG A 53 42.33 32.75 5.74
CA ARG A 53 41.21 33.58 6.13
C ARG A 53 40.30 33.84 4.93
N TRP A 54 39.15 34.46 5.20
CA TRP A 54 38.17 34.77 4.18
C TRP A 54 37.90 36.26 4.15
N HIS A 55 37.73 36.81 2.95
CA HIS A 55 37.52 38.22 2.73
C HIS A 55 36.04 38.54 2.54
N ARG A 56 35.67 39.77 2.90
CA ARG A 56 34.30 40.24 2.72
C ARG A 56 34.36 41.73 2.46
N SER A 57 33.95 42.15 1.27
CA SER A 57 34.03 43.54 0.87
C SER A 57 32.75 44.29 1.23
N LEU A 58 32.81 45.63 1.15
CA LEU A 58 31.65 46.45 1.48
C LEU A 58 30.62 46.44 0.36
N LYS A 59 31.09 46.46 -0.90
CA LYS A 59 30.17 46.65 -2.02
C LYS A 59 29.18 45.50 -2.16
N ASN A 60 29.66 44.26 -2.01
CA ASN A 60 28.80 43.11 -2.26
C ASN A 60 28.95 42.00 -1.23
N ASN A 61 29.74 42.20 -0.17
CA ASN A 61 29.90 41.21 0.91
C ASN A 61 30.38 39.87 0.36
N LYS A 62 31.37 39.93 -0.53
CA LYS A 62 31.95 38.73 -1.13
C LYS A 62 33.47 38.91 -1.20
N GLY A 63 34.19 37.79 -1.18
CA GLY A 63 35.64 37.85 -1.17
C GLY A 63 36.24 36.50 -1.46
N ARG A 64 37.57 36.48 -1.40
CA ARG A 64 38.38 35.31 -1.74
C ARG A 64 39.37 35.03 -0.61
N PRO A 65 39.81 33.78 -0.48
CA PRO A 65 40.77 33.47 0.58
C PRO A 65 42.16 34.01 0.26
N TYR A 66 42.95 34.19 1.32
CA TYR A 66 44.32 34.66 1.18
C TYR A 66 45.15 34.15 2.34
N ILE A 67 46.46 34.12 2.13
CA ILE A 67 47.43 33.66 3.12
C ILE A 67 48.27 34.86 3.54
N THR A 68 48.29 35.15 4.83
CA THR A 68 49.10 36.26 5.32
C THR A 68 50.57 35.91 5.27
N GLY A 69 51.42 36.93 5.34
CA GLY A 69 52.85 36.73 5.29
C GLY A 69 53.46 36.18 6.56
N THR A 70 52.74 36.28 7.68
CA THR A 70 53.30 35.82 8.95
C THR A 70 53.44 34.30 8.99
N LEU A 71 52.48 33.58 8.41
CA LEU A 71 52.60 32.13 8.34
C LEU A 71 53.83 31.72 7.54
N VAL A 72 54.03 32.36 6.39
CA VAL A 72 55.18 32.03 5.55
C VAL A 72 56.48 32.40 6.28
N ARG A 73 56.49 33.53 6.97
CA ARG A 73 57.69 33.91 7.73
C ARG A 73 58.00 32.88 8.82
N SER A 74 56.99 32.42 9.54
CA SER A 74 57.20 31.42 10.58
C SER A 74 57.70 30.11 9.99
N ALA A 75 57.12 29.68 8.87
CA ALA A 75 57.57 28.44 8.24
C ALA A 75 59.02 28.55 7.77
N ILE A 76 59.38 29.69 7.16
CA ILE A 76 60.75 29.88 6.71
C ILE A 76 61.70 29.90 7.90
N ILE A 77 61.29 30.52 9.01
CA ILE A 77 62.14 30.56 10.20
C ILE A 77 62.36 29.14 10.72
N ARG A 78 61.30 28.33 10.79
CA ARG A 78 61.44 26.96 11.27
C ARG A 78 62.37 26.15 10.37
N ALA A 79 62.18 26.27 9.05
CA ALA A 79 63.03 25.52 8.12
C ALA A 79 64.47 25.96 8.21
N ALA A 80 64.72 27.26 8.33
CA ALA A 80 66.09 27.76 8.46
C ALA A 80 66.72 27.28 9.76
N GLU A 81 65.95 27.26 10.86
CA GLU A 81 66.46 26.75 12.11
C GLU A 81 66.89 25.30 11.97
N GLU A 82 66.03 24.48 11.35
CA GLU A 82 66.39 23.07 11.16
C GLU A 82 67.63 22.92 10.28
N LEU A 83 67.70 23.69 9.20
CA LEU A 83 68.85 23.58 8.28
C LEU A 83 70.15 23.97 8.97
N LEU A 84 70.13 25.07 9.73
CA LEU A 84 71.36 25.50 10.41
C LEU A 84 71.75 24.57 11.55
N TRP A 85 70.77 23.99 12.27
CA TRP A 85 71.12 23.01 13.28
C TRP A 85 71.75 21.77 12.66
N LEU A 86 71.19 21.30 11.54
CA LEU A 86 71.69 20.08 10.93
C LEU A 86 73.11 20.25 10.37
N ASN A 87 73.44 21.44 9.88
CA ASN A 87 74.72 21.70 9.26
C ASN A 87 75.73 22.34 10.23
N ASP A 88 75.44 22.33 11.53
CA ASP A 88 76.32 22.89 12.55
C ASP A 88 76.58 24.37 12.29
N GLY A 89 75.55 25.10 11.88
CA GLY A 89 75.67 26.53 11.65
C GLY A 89 76.61 26.88 10.50
N ASN A 90 76.58 26.09 9.42
CA ASN A 90 77.40 26.38 8.26
C ASN A 90 76.70 25.78 7.05
N TYR A 91 75.98 26.60 6.30
CA TYR A 91 75.27 26.17 5.09
C TYR A 91 75.93 26.84 3.90
N LYS A 92 76.98 26.20 3.38
CA LYS A 92 77.71 26.68 2.21
C LYS A 92 78.19 28.12 2.39
N GLY A 93 78.95 28.32 3.46
CA GLY A 93 79.52 29.62 3.76
C GLY A 93 78.59 30.58 4.47
N ALA A 94 77.39 30.14 4.85
CA ALA A 94 76.43 31.02 5.53
C ALA A 94 76.54 30.78 7.04
N ILE A 95 77.59 31.36 7.63
CA ILE A 95 77.78 31.26 9.07
C ILE A 95 76.69 32.02 9.79
N CYS A 96 76.08 31.39 10.80
CA CYS A 96 74.95 31.96 11.48
C CYS A 96 75.08 31.80 12.99
N CYS A 97 74.39 32.66 13.73
CA CYS A 97 74.30 32.64 15.18
C CYS A 97 72.86 32.35 15.59
N PRO A 98 72.65 31.77 16.78
CA PRO A 98 71.29 31.30 17.13
C PRO A 98 70.22 32.38 17.10
N GLY A 99 70.54 33.59 17.55
CA GLY A 99 69.54 34.63 17.68
C GLY A 99 69.07 34.81 19.11
N GLU A 100 67.84 35.32 19.24
CA GLU A 100 67.25 35.56 20.55
C GLU A 100 66.04 34.67 20.82
N PHE A 101 65.02 34.73 19.96
CA PHE A 101 63.80 33.93 20.13
C PHE A 101 63.18 34.13 21.51
N ASN A 102 63.21 35.37 22.00
CA ASN A 102 62.67 35.67 23.32
C ASN A 102 62.29 37.15 23.37
N GLY A 103 61.44 37.48 24.33
CA GLY A 103 60.99 38.85 24.52
C GLY A 103 59.86 39.23 23.58
N SER A 104 60.12 40.23 22.74
CA SER A 104 59.19 40.67 21.69
C SER A 104 57.87 41.17 22.24
N ASN A 105 57.03 41.69 21.36
CA ASN A 105 55.69 42.13 21.75
C ASN A 105 54.68 41.73 20.68
N ALA A 106 54.79 40.51 20.17
CA ALA A 106 53.92 40.04 19.10
C ALA A 106 52.47 39.96 19.60
N LYS A 107 51.55 40.38 18.73
CA LYS A 107 50.13 40.35 19.04
C LYS A 107 49.41 39.66 17.89
N VAL A 108 48.36 38.90 18.20
CA VAL A 108 47.58 38.20 17.20
C VAL A 108 46.94 39.21 16.25
N PHE A 109 46.36 40.26 16.82
CA PHE A 109 45.76 41.32 16.02
C PHE A 109 46.16 42.66 16.61
N ARG A 110 46.19 43.69 15.74
CA ARG A 110 46.62 45.02 16.18
C ARG A 110 45.68 45.59 17.23
N GLU A 111 44.38 45.39 17.06
CA GLU A 111 43.38 45.87 18.03
C GLU A 111 43.03 44.76 19.03
N GLY A 112 44.06 44.30 19.73
CA GLY A 112 43.86 43.24 20.70
C GLY A 112 45.08 43.09 21.58
N LYS A 113 44.99 42.14 22.51
CA LYS A 113 46.05 41.86 23.46
C LYS A 113 46.27 40.35 23.62
N ALA A 114 45.99 39.58 22.57
CA ALA A 114 46.06 38.13 22.67
C ALA A 114 47.48 37.65 22.90
N ARG A 115 48.45 38.25 22.19
CA ARG A 115 49.88 37.95 22.33
C ARG A 115 50.23 36.58 21.72
N ARG A 116 51.14 36.58 20.75
CA ARG A 116 51.59 35.35 20.09
C ARG A 116 52.89 34.90 20.72
N LEU A 117 52.91 33.69 21.27
CA LEU A 117 54.08 33.15 21.95
C LEU A 117 54.31 31.69 21.52
N ARG A 118 55.56 31.27 21.65
CA ARG A 118 55.95 29.92 21.26
C ARG A 118 55.44 28.87 22.24
N ARG A 119 55.43 27.62 21.79
CA ARG A 119 55.14 26.49 22.65
C ARG A 119 56.09 25.32 22.48
N ARG A 120 56.92 25.31 21.43
CA ARG A 120 57.86 24.22 21.19
C ARG A 120 59.26 24.63 21.59
N GLN A 121 60.19 23.68 21.49
CA GLN A 121 61.56 23.87 21.92
C GLN A 121 62.43 24.26 20.72
N THR A 122 63.22 25.31 20.90
CA THR A 122 64.09 25.83 19.85
C THR A 122 65.43 25.09 19.85
N LEU A 123 65.99 24.93 18.67
CA LEU A 123 67.25 24.21 18.49
C LEU A 123 68.44 25.15 18.60
N THR A 124 69.58 24.60 19.00
CA THR A 124 70.78 25.38 19.27
C THR A 124 71.94 24.86 18.45
N TRP A 125 72.85 25.76 18.11
CA TRP A 125 74.10 25.42 17.43
C TRP A 125 75.20 26.32 17.98
N PRO A 126 76.46 25.86 17.92
CA PRO A 126 77.56 26.70 18.40
C PRO A 126 77.70 27.97 17.56
N THR A 127 78.16 29.04 18.22
CA THR A 127 78.29 30.34 17.58
C THR A 127 79.66 30.50 16.94
N LYS A 128 79.67 30.99 15.71
CA LYS A 128 80.90 31.27 14.98
C LYS A 128 80.81 32.66 14.37
N CYS A 129 81.98 33.23 14.08
CA CYS A 129 82.10 34.58 13.53
C CYS A 129 81.53 35.62 14.47
N ALA A 130 81.37 36.86 13.99
CA ALA A 130 80.87 37.95 14.80
C ALA A 130 79.62 38.52 14.16
N CYS A 131 78.57 38.69 14.97
CA CYS A 131 77.30 39.24 14.52
C CYS A 131 76.87 40.34 15.49
N HIS A 132 76.60 41.52 14.96
CA HIS A 132 76.16 42.66 15.77
C HIS A 132 75.22 43.52 14.94
N GLU A 133 74.90 44.70 15.46
CA GLU A 133 73.94 45.58 14.79
C GLU A 133 74.45 46.06 13.45
N LYS A 134 75.74 46.44 13.38
CA LYS A 134 76.28 47.02 12.14
C LYS A 134 76.29 46.00 11.01
N GLU A 135 76.69 44.76 11.29
CA GLU A 135 76.78 43.71 10.28
C GLU A 135 76.03 42.48 10.79
N PRO A 136 74.71 42.46 10.65
CA PRO A 136 73.94 41.30 11.11
C PRO A 136 74.25 40.06 10.28
N CYS A 137 74.16 38.91 10.93
CA CYS A 137 74.32 37.64 10.24
C CYS A 137 73.09 37.35 9.38
N PRO A 138 73.20 36.46 8.40
CA PRO A 138 72.03 36.18 7.55
C PRO A 138 70.81 35.73 8.33
N PHE A 139 70.98 34.93 9.38
CA PHE A 139 69.84 34.51 10.20
C PHE A 139 69.22 35.71 10.91
N CYS A 140 70.05 36.59 11.47
CA CYS A 140 69.52 37.78 12.13
C CYS A 140 68.95 38.77 11.12
N LEU A 141 69.55 38.84 9.93
CA LEU A 141 69.01 39.71 8.87
C LEU A 141 67.62 39.24 8.46
N LEU A 142 67.43 37.92 8.33
CA LEU A 142 66.09 37.40 8.07
C LEU A 142 65.15 37.67 9.23
N LEU A 143 65.63 37.47 10.46
CA LEU A 143 64.78 37.70 11.63
C LEU A 143 64.54 39.19 11.85
N GLY A 144 65.55 40.02 11.60
CA GLY A 144 65.43 41.45 11.84
C GLY A 144 65.31 41.80 13.31
N ARG A 145 66.06 41.12 14.18
CA ARG A 145 65.96 41.37 15.61
C ARG A 145 66.60 42.70 16.02
N TYR A 146 67.43 43.28 15.17
CA TYR A 146 68.08 44.54 15.48
C TYR A 146 67.23 45.76 15.15
N GLU A 147 66.06 45.56 14.52
CA GLU A 147 65.17 46.68 14.25
C GLU A 147 64.59 47.25 15.53
N LYS A 148 64.40 46.41 16.55
CA LYS A 148 63.83 46.82 17.83
C LYS A 148 62.47 47.45 17.65
N SER A 149 61.52 46.64 17.19
CA SER A 149 60.14 47.07 16.97
C SER A 149 59.38 47.33 18.26
N SER A 150 60.00 47.20 19.43
CA SER A 150 59.31 47.50 20.68
C SER A 150 59.02 49.00 20.78
N LYS A 151 57.82 49.32 21.25
CA LYS A 151 57.37 50.69 21.49
C LYS A 151 57.17 51.45 20.18
N THR A 152 57.48 50.80 19.05
CA THR A 152 57.30 51.44 17.76
C THR A 152 56.16 50.77 16.99
N SER A 153 55.26 51.59 16.44
CA SER A 153 54.13 51.05 15.69
C SER A 153 54.60 50.42 14.38
N LYS A 154 55.65 50.96 13.76
CA LYS A 154 56.24 50.55 12.49
C LYS A 154 55.31 50.79 11.30
N SER A 155 54.20 51.50 11.47
CA SER A 155 53.35 51.81 10.32
C SER A 155 54.08 52.64 9.27
N PRO A 156 54.79 53.73 9.61
CA PRO A 156 55.65 54.38 8.62
C PRO A 156 57.11 53.95 8.64
N VAL A 157 57.52 53.16 9.64
CA VAL A 157 58.91 52.72 9.72
C VAL A 157 59.15 51.60 8.72
N LEU A 158 60.25 51.70 7.98
CA LEU A 158 60.58 50.72 6.96
C LEU A 158 60.96 49.38 7.57
N ASN A 159 61.18 48.38 6.73
CA ASN A 159 61.59 47.05 7.20
C ASN A 159 62.63 46.50 6.25
N ASN A 160 63.71 45.93 6.79
CA ASN A 160 64.76 45.37 5.95
C ASN A 160 64.24 44.22 5.11
N VAL A 161 63.43 43.34 5.71
CA VAL A 161 62.82 42.22 5.01
C VAL A 161 61.34 42.22 5.34
N ASN A 162 60.49 42.27 4.32
CA ASN A 162 59.05 42.30 4.49
C ASN A 162 58.41 41.15 3.71
N PHE A 163 57.37 40.58 4.28
CA PHE A 163 56.59 39.52 3.64
C PHE A 163 55.20 40.06 3.33
N SER A 164 54.81 40.02 2.06
CA SER A 164 53.50 40.49 1.64
C SER A 164 52.47 39.38 1.82
N ASN A 165 51.26 39.62 1.34
CA ASN A 165 50.23 38.59 1.39
C ASN A 165 50.37 37.63 0.22
N PHE A 166 49.54 36.59 0.24
CA PHE A 166 49.51 35.59 -0.82
C PHE A 166 48.07 35.42 -1.27
N ASN A 167 47.85 35.48 -2.59
CA ASN A 167 46.51 35.38 -3.16
C ASN A 167 46.47 34.30 -4.22
N VAL A 168 45.26 33.90 -4.59
CA VAL A 168 45.08 32.84 -5.58
C VAL A 168 45.56 33.35 -6.94
N LEU A 169 46.41 32.56 -7.60
CA LEU A 169 46.93 32.94 -8.90
C LEU A 169 45.86 32.81 -9.97
N GLY A 170 45.70 33.85 -10.78
CA GLY A 170 44.71 33.86 -11.82
C GLY A 170 43.31 34.22 -11.37
N LYS A 171 43.10 34.46 -10.09
CA LYS A 171 41.79 34.81 -9.54
C LYS A 171 41.92 35.96 -8.54
N GLU A 172 42.69 36.98 -8.91
CA GLU A 172 42.89 38.12 -8.03
C GLU A 172 41.57 38.86 -7.79
N LYS A 173 40.73 38.97 -8.82
CA LYS A 173 39.45 39.66 -8.74
C LYS A 173 38.35 38.69 -9.12
N GLU A 174 37.84 37.95 -8.13
CA GLU A 174 36.69 37.07 -8.33
C GLU A 174 36.05 36.86 -6.96
N PHE A 175 34.76 37.12 -6.86
CA PHE A 175 34.12 37.26 -5.55
C PHE A 175 33.59 35.92 -5.02
N LEU A 176 32.62 35.32 -5.72
CA LEU A 176 31.95 34.11 -5.25
C LEU A 176 31.49 34.22 -3.79
N ASN A 177 31.39 33.09 -3.10
CA ASN A 177 30.89 33.08 -1.74
C ASN A 177 31.56 31.96 -0.97
N ILE A 178 31.39 31.98 0.36
CA ILE A 178 32.02 30.97 1.21
C ILE A 178 31.44 29.59 0.93
N GLU A 179 30.13 29.49 0.71
CA GLU A 179 29.50 28.20 0.48
C GLU A 179 29.74 27.68 -0.94
N ASP A 180 30.25 28.51 -1.84
CA ASP A 180 30.47 28.12 -3.22
C ASP A 180 31.89 27.65 -3.49
N VAL A 181 32.78 27.73 -2.51
CA VAL A 181 34.19 27.35 -2.72
C VAL A 181 34.59 26.29 -1.69
N ALA A 182 33.93 26.29 -0.54
CA ALA A 182 34.30 25.43 0.57
C ALA A 182 33.09 24.65 1.06
N ASP A 183 33.36 23.59 1.81
CA ASP A 183 32.33 22.76 2.42
C ASP A 183 32.67 22.54 3.89
N MET A 184 31.63 22.41 4.71
CA MET A 184 31.78 22.33 6.16
C MET A 184 31.60 20.89 6.62
N ARG A 185 32.56 20.39 7.40
CA ARG A 185 32.49 19.07 7.99
C ARG A 185 32.57 19.19 9.50
N VAL A 186 31.91 18.26 10.20
CA VAL A 186 32.04 18.18 11.65
C VAL A 186 32.95 17.01 11.99
N VAL A 187 34.02 17.28 12.73
CA VAL A 187 35.01 16.28 13.10
C VAL A 187 35.07 16.17 14.61
N ASN A 188 35.19 14.94 15.09
CA ASN A 188 35.03 14.62 16.51
C ASN A 188 36.32 14.06 17.10
N ARG A 189 36.25 13.73 18.39
CA ARG A 189 37.31 13.08 19.13
C ARG A 189 36.75 11.86 19.85
N VAL A 190 37.50 10.77 19.87
CA VAL A 190 37.03 9.48 20.36
C VAL A 190 37.73 9.15 21.68
N ASP A 191 36.97 8.63 22.63
CA ASP A 191 37.50 8.36 23.97
C ASP A 191 38.56 7.26 23.94
N GLN A 192 38.46 6.32 22.99
CA GLN A 192 39.41 5.25 22.78
C GLN A 192 39.34 4.17 23.86
N GLN A 193 38.54 4.40 24.91
CA GLN A 193 38.23 3.36 25.87
C GLN A 193 36.87 2.74 25.58
N SER A 194 35.84 3.58 25.51
CA SER A 194 34.57 3.25 24.88
C SER A 194 34.50 4.05 23.59
N GLY A 195 34.23 3.37 22.48
CA GLY A 195 34.33 4.01 21.17
C GLY A 195 33.25 5.04 20.91
N LYS A 196 33.16 6.05 21.78
CA LYS A 196 32.15 7.08 21.68
C LYS A 196 32.80 8.46 21.64
N ALA A 197 32.10 9.40 21.02
CA ALA A 197 32.61 10.76 20.87
C ALA A 197 32.53 11.51 22.19
N GLU A 198 33.46 12.46 22.36
CA GLU A 198 33.48 13.34 23.51
C GLU A 198 33.42 14.81 23.15
N ASP A 199 34.17 15.22 22.12
CA ASP A 199 34.22 16.62 21.69
C ASP A 199 34.20 16.67 20.17
N PHE A 200 33.78 17.81 19.64
CA PHE A 200 33.80 18.03 18.20
C PHE A 200 33.80 19.53 17.93
N PHE A 201 34.19 19.89 16.71
CA PHE A 201 34.16 21.28 16.27
C PHE A 201 33.93 21.28 14.76
N ASN A 202 34.08 22.45 14.14
CA ASN A 202 33.77 22.64 12.73
C ASN A 202 35.01 23.09 11.96
N ILE A 203 35.09 22.68 10.69
CA ILE A 203 36.19 23.04 9.82
C ILE A 203 35.63 23.43 8.45
N TRP A 204 36.49 24.03 7.64
CA TRP A 204 36.21 24.31 6.24
C TRP A 204 37.37 23.78 5.41
N GLU A 205 37.07 23.23 4.23
CA GLU A 205 38.09 22.67 3.36
C GLU A 205 37.85 23.11 1.93
N ILE A 206 38.95 23.23 1.18
CA ILE A 206 38.92 23.61 -0.23
C ILE A 206 39.61 22.50 -1.02
N THR A 207 38.89 21.89 -1.94
CA THR A 207 39.42 20.80 -2.75
C THR A 207 39.38 21.07 -4.26
N ASP A 208 38.91 22.24 -4.66
CA ASP A 208 38.90 22.57 -6.08
C ASP A 208 40.32 22.75 -6.61
N GLY A 209 40.56 22.30 -7.85
CA GLY A 209 41.88 22.38 -8.43
C GLY A 209 42.30 23.78 -8.83
N ALA A 210 41.33 24.70 -9.00
CA ALA A 210 41.67 26.05 -9.42
C ALA A 210 42.30 26.84 -8.28
N TRP A 211 41.74 26.73 -7.07
CA TRP A 211 42.21 27.51 -5.93
C TRP A 211 43.32 26.75 -5.18
N LYS A 212 44.43 26.52 -5.88
CA LYS A 212 45.56 25.82 -5.28
C LYS A 212 46.82 26.66 -5.25
N ILE A 213 47.24 27.23 -6.38
CA ILE A 213 48.50 27.97 -6.43
C ILE A 213 48.31 29.33 -5.77
N PHE A 214 49.23 29.68 -4.86
CA PHE A 214 49.26 30.98 -4.21
C PHE A 214 50.58 31.66 -4.50
N ARG A 215 50.52 32.94 -4.83
CA ARG A 215 51.71 33.70 -5.20
C ARG A 215 51.77 35.00 -4.41
N GLY A 216 52.94 35.26 -3.82
CA GLY A 216 53.20 36.50 -3.10
C GLY A 216 54.59 37.00 -3.41
N GLU A 217 55.17 37.81 -2.53
CA GLU A 217 56.52 38.32 -2.77
C GLU A 217 57.16 38.73 -1.46
N ILE A 218 58.50 38.80 -1.48
CA ILE A 218 59.31 39.27 -0.37
C ILE A 218 60.00 40.56 -0.80
N GLN A 219 59.86 41.60 0.00
CA GLN A 219 60.41 42.91 -0.33
C GLN A 219 61.62 43.18 0.57
N VAL A 220 62.75 43.48 -0.05
CA VAL A 220 64.00 43.77 0.66
C VAL A 220 64.40 45.20 0.35
N SER A 221 64.64 45.98 1.39
CA SER A 221 65.02 47.38 1.22
C SER A 221 66.50 47.49 0.89
N ASP A 222 66.95 48.72 0.64
CA ASP A 222 68.34 48.94 0.27
C ASP A 222 69.29 48.63 1.43
N LYS A 223 68.84 48.82 2.67
CA LYS A 223 69.69 48.50 3.81
C LYS A 223 70.02 47.02 3.87
N GLY A 224 69.06 46.16 3.53
CA GLY A 224 69.33 44.73 3.51
C GLY A 224 70.38 44.36 2.48
N TRP A 225 70.34 45.00 1.31
CA TRP A 225 71.33 44.77 0.26
C TRP A 225 72.56 45.64 0.53
N SER A 226 73.30 45.24 1.57
CA SER A 226 74.52 45.96 1.92
C SER A 226 75.57 45.84 0.83
N ASP A 227 75.75 44.63 0.29
CA ASP A 227 76.72 44.38 -0.77
C ASP A 227 76.33 43.07 -1.46
N GLU A 228 77.21 42.58 -2.33
CA GLU A 228 76.90 41.39 -3.10
C GLU A 228 76.96 40.12 -2.25
N GLU A 229 77.96 40.02 -1.37
CA GLU A 229 78.14 38.79 -0.61
C GLU A 229 77.03 38.59 0.41
N ASN A 230 76.59 39.66 1.07
CA ASN A 230 75.49 39.54 2.02
C ASN A 230 74.21 39.10 1.32
N PHE A 231 73.91 39.68 0.16
CA PHE A 231 72.72 39.29 -0.58
C PHE A 231 72.83 37.85 -1.07
N SER A 232 74.02 37.43 -1.51
CA SER A 232 74.19 36.05 -1.95
C SER A 232 73.94 35.07 -0.80
N LYS A 233 74.49 35.37 0.39
CA LYS A 233 74.27 34.50 1.54
C LYS A 233 72.80 34.48 1.93
N PHE A 234 72.15 35.64 1.93
CA PHE A 234 70.73 35.70 2.27
C PHE A 234 69.90 34.88 1.29
N LEU A 235 70.19 35.01 -0.01
CA LEU A 235 69.46 34.24 -1.00
C LEU A 235 69.70 32.75 -0.85
N THR A 236 70.93 32.35 -0.55
CA THR A 236 71.22 30.92 -0.36
C THR A 236 70.45 30.36 0.83
N LEU A 237 70.47 31.08 1.96
CA LEU A 237 69.75 30.62 3.14
C LEU A 237 68.25 30.57 2.88
N LEU A 238 67.71 31.61 2.22
CA LEU A 238 66.28 31.62 1.91
C LEU A 238 65.90 30.48 0.99
N LYS A 239 66.75 30.18 0.00
CA LYS A 239 66.48 29.06 -0.91
C LYS A 239 66.46 27.74 -0.15
N GLY A 240 67.44 27.53 0.73
CA GLY A 240 67.45 26.29 1.51
C GLY A 240 66.23 26.16 2.39
N ALA A 241 65.87 27.24 3.09
CA ALA A 241 64.69 27.21 3.94
C ALA A 241 63.43 26.93 3.12
N SER A 242 63.29 27.57 1.96
CA SER A 242 62.14 27.31 1.12
C SER A 242 62.10 25.87 0.63
N VAL A 243 63.27 25.27 0.40
CA VAL A 243 63.32 23.86 0.04
C VAL A 243 62.79 23.00 1.18
N LEU A 244 63.18 23.32 2.42
CA LEU A 244 62.76 22.46 3.54
C LEU A 244 61.35 22.73 4.04
N VAL A 245 60.66 23.76 3.54
CA VAL A 245 59.28 24.01 3.97
C VAL A 245 58.38 22.90 3.44
N ASP A 246 57.55 22.34 4.32
CA ASP A 246 56.75 21.16 4.01
C ASP A 246 55.27 21.43 3.96
N LYS A 247 54.67 21.99 5.02
CA LYS A 247 53.23 22.16 5.09
C LYS A 247 52.88 23.57 5.54
N ILE A 248 51.85 24.14 4.92
CA ILE A 248 51.33 25.45 5.27
C ILE A 248 49.81 25.41 5.20
N SER A 249 49.16 26.02 6.19
CA SER A 249 47.71 26.19 6.23
C SER A 249 46.98 24.84 6.20
N GLY A 250 47.57 23.82 6.81
CA GLY A 250 46.91 22.54 6.92
C GLY A 250 46.90 21.70 5.67
N GLY A 251 47.90 21.85 4.80
CA GLY A 251 47.98 21.04 3.60
C GLY A 251 49.42 20.78 3.22
N LEU A 252 49.60 19.87 2.27
CA LEU A 252 50.91 19.50 1.77
C LEU A 252 51.25 20.37 0.57
N CYS A 253 52.44 20.97 0.58
CA CYS A 253 52.80 21.95 -0.44
C CYS A 253 54.31 21.90 -0.67
N TYR A 254 54.72 22.51 -1.78
CA TYR A 254 56.13 22.72 -2.08
C TYR A 254 56.31 24.16 -2.56
N LEU A 255 57.43 24.77 -2.17
CA LEU A 255 57.68 26.17 -2.43
C LEU A 255 58.80 26.32 -3.47
N THR A 256 58.58 27.19 -4.45
CA THR A 256 59.58 27.52 -5.45
C THR A 256 59.93 29.00 -5.34
N LEU A 257 61.22 29.31 -5.32
CA LEU A 257 61.71 30.67 -5.16
C LEU A 257 62.20 31.18 -6.50
N ASP A 258 61.71 32.34 -6.92
CA ASP A 258 62.04 32.92 -8.21
C ASP A 258 63.35 33.71 -8.11
N LYS A 259 63.70 34.40 -9.20
CA LYS A 259 64.92 35.20 -9.23
C LYS A 259 64.70 36.53 -8.52
N PRO A 260 65.72 36.97 -7.79
CA PRO A 260 65.66 38.21 -7.03
C PRO A 260 66.12 39.35 -7.93
N GLU A 261 65.17 39.93 -8.67
CA GLU A 261 65.48 41.04 -9.56
C GLU A 261 64.19 41.81 -9.83
N LEU A 262 64.13 43.05 -9.34
CA LEU A 262 62.98 43.93 -9.54
C LEU A 262 63.41 45.34 -9.15
N ALA A 263 62.45 46.26 -9.10
CA ALA A 263 62.72 47.63 -8.74
C ALA A 263 61.69 48.15 -7.73
N LEU A 275 39.43 45.99 -0.29
CA LEU A 275 39.78 47.18 0.48
C LEU A 275 39.41 47.01 1.95
N GLU A 276 38.48 47.83 2.42
CA GLU A 276 38.05 47.75 3.81
C GLU A 276 37.26 46.47 4.05
N PRO A 277 37.24 46.04 5.31
CA PRO A 277 36.65 44.76 5.69
C PRO A 277 35.23 44.88 6.22
N GLY A 278 34.65 46.08 6.26
CA GLY A 278 33.29 46.31 6.73
C GLY A 278 33.12 45.83 8.18
N ASP A 279 33.86 46.50 9.07
CA ASP A 279 33.91 46.13 10.48
C ASP A 279 32.70 46.64 11.27
N ASP A 280 31.62 47.03 10.61
CA ASP A 280 30.42 47.48 11.29
C ASP A 280 29.59 46.27 11.71
N ALA A 281 28.37 46.52 12.19
CA ALA A 281 27.50 45.45 12.64
C ALA A 281 26.68 44.93 11.46
N SER A 282 26.95 43.69 11.05
CA SER A 282 26.22 43.07 9.96
C SER A 282 26.41 41.56 10.03
N VAL A 283 25.31 40.82 9.88
CA VAL A 283 25.35 39.37 9.91
C VAL A 283 24.56 38.82 8.73
N LEU A 284 25.13 37.82 8.05
CA LEU A 284 24.49 37.21 6.90
C LEU A 284 25.00 35.79 6.74
N GLU A 285 24.08 34.86 6.52
CA GLU A 285 24.42 33.45 6.34
C GLU A 285 23.24 32.74 5.71
N ILE A 286 23.37 31.41 5.58
CA ILE A 286 22.31 30.54 5.06
C ILE A 286 21.91 30.96 3.64
N SER A 287 22.88 30.82 2.73
CA SER A 287 22.64 31.16 1.33
C SER A 287 21.69 30.18 0.65
N ARG A 288 21.47 29.01 1.24
CA ARG A 288 20.55 27.98 0.72
C ARG A 288 21.04 27.59 -0.67
N PRO A 289 20.16 27.46 -1.66
CA PRO A 289 20.57 27.06 -3.01
C PRO A 289 19.50 27.52 -3.99
N PRO A 290 19.86 27.52 -5.27
CA PRO A 290 18.93 27.93 -6.31
C PRO A 290 17.85 26.88 -6.52
N TYR A 291 16.67 27.36 -6.90
CA TYR A 291 15.51 26.53 -7.23
C TYR A 291 15.02 25.69 -6.05
N TRP A 292 15.37 26.10 -4.83
CA TRP A 292 14.87 25.37 -3.64
C TRP A 292 13.36 25.53 -3.50
N ASN A 293 12.84 26.73 -3.78
CA ASN A 293 11.40 26.95 -3.70
C ASN A 293 10.65 26.10 -4.71
N ASN A 294 11.21 25.93 -5.91
CA ASN A 294 10.58 25.08 -6.92
C ASN A 294 10.49 23.64 -6.45
N MET A 295 11.57 23.13 -5.85
CA MET A 295 11.55 21.77 -5.33
C MET A 295 10.56 21.63 -4.18
N LEU A 296 10.46 22.65 -3.32
CA LEU A 296 9.48 22.62 -2.24
C LEU A 296 8.06 22.58 -2.79
N ASN A 297 7.78 23.38 -3.83
CA ASN A 297 6.46 23.36 -4.45
C ASN A 297 6.16 22.01 -5.07
N LEU A 298 7.15 21.41 -5.73
CA LEU A 298 6.96 20.08 -6.31
C LEU A 298 6.65 19.05 -5.24
N ALA A 299 7.38 19.10 -4.12
CA ALA A 299 7.12 18.17 -3.02
C ALA A 299 5.72 18.39 -2.44
N GLY A 300 5.30 19.65 -2.31
CA GLY A 300 3.96 19.93 -1.83
C GLY A 300 2.89 19.39 -2.77
N THR A 301 3.09 19.55 -4.07
CA THR A 301 2.13 19.02 -5.04
C THR A 301 2.05 17.49 -4.96
N ILE A 302 3.20 16.83 -4.86
CA ILE A 302 3.22 15.38 -4.77
C ILE A 302 2.53 14.90 -3.50
N SER A 303 2.78 15.58 -2.38
CA SER A 303 2.12 15.22 -1.13
C SER A 303 0.62 15.44 -1.22
N GLU A 304 0.19 16.53 -1.86
CA GLU A 304 -1.24 16.77 -2.03
C GLU A 304 -1.89 15.67 -2.87
N ALA A 305 -1.23 15.25 -3.94
CA ALA A 305 -1.76 14.15 -4.74
C ALA A 305 -1.84 12.85 -3.93
N PHE A 306 -0.79 12.55 -3.16
CA PHE A 306 -0.78 11.33 -2.37
C PHE A 306 -1.90 11.32 -1.33
N GLU A 307 -2.11 12.45 -0.66
CA GLU A 307 -3.20 12.52 0.31
C GLU A 307 -4.56 12.56 -0.37
N ARG A 308 -4.63 13.04 -1.62
CA ARG A 308 -5.86 12.95 -2.39
C ARG A 308 -6.24 11.51 -2.66
N GLU A 309 -5.26 10.67 -3.02
CA GLU A 309 -5.52 9.25 -3.21
C GLU A 309 -5.30 8.43 -1.95
N ASP A 310 -5.00 9.08 -0.82
CA ASP A 310 -4.90 8.43 0.48
C ASP A 310 -3.86 7.32 0.49
N LYS A 311 -2.71 7.59 -0.10
CA LYS A 311 -1.58 6.66 -0.11
C LYS A 311 -0.38 7.26 0.60
N LEU A 312 -0.62 7.90 1.74
CA LEU A 312 0.44 8.56 2.49
C LEU A 312 1.38 7.59 3.19
N VAL A 313 1.04 6.30 3.24
CA VAL A 313 1.91 5.32 3.89
C VAL A 313 3.12 4.94 3.04
N HIS A 314 3.23 5.47 1.83
CA HIS A 314 4.36 5.19 0.95
C HIS A 314 5.18 6.44 0.65
N LEU A 315 5.02 7.51 1.43
CA LEU A 315 5.74 8.75 1.15
C LEU A 315 7.24 8.59 1.39
N ARG A 316 7.62 7.94 2.49
CA ARG A 316 9.04 7.69 2.74
C ARG A 316 9.61 6.71 1.71
N LEU A 317 8.82 5.72 1.31
CA LEU A 317 9.25 4.80 0.25
C LEU A 317 9.54 5.57 -1.03
N PHE A 318 8.68 6.52 -1.39
CA PHE A 318 8.93 7.34 -2.58
C PHE A 318 10.15 8.24 -2.38
N ALA A 319 10.32 8.79 -1.17
CA ALA A 319 11.46 9.66 -0.90
C ALA A 319 12.79 8.93 -0.95
N ASP A 320 12.78 7.61 -0.78
CA ASP A 320 13.99 6.82 -1.03
C ASP A 320 14.05 6.31 -2.47
N THR A 321 12.89 6.08 -3.09
CA THR A 321 12.87 5.66 -4.48
C THR A 321 13.43 6.73 -5.41
N VAL A 322 13.24 8.00 -5.07
CA VAL A 322 13.79 9.06 -5.92
C VAL A 322 15.32 9.02 -5.90
N ARG A 323 15.92 8.71 -4.75
CA ARG A 323 17.37 8.54 -4.70
C ARG A 323 17.81 7.28 -5.43
N GLU A 324 17.00 6.21 -5.36
CA GLU A 324 17.31 5.04 -6.17
C GLU A 324 17.28 5.38 -7.66
N LEU A 325 16.34 6.21 -8.08
CA LEU A 325 16.33 6.71 -9.46
C LEU A 325 17.56 7.54 -9.76
N ARG A 326 17.99 8.36 -8.79
CA ARG A 326 19.26 9.07 -8.93
C ARG A 326 20.38 8.12 -9.29
N ARG A 327 20.45 6.99 -8.60
CA ARG A 327 21.50 6.02 -8.88
C ARG A 327 21.25 5.27 -10.19
N SER A 328 19.99 5.15 -10.62
CA SER A 328 19.62 4.22 -11.68
C SER A 328 19.68 4.82 -13.08
N ASP A 329 20.03 6.10 -13.22
CA ASP A 329 20.23 6.74 -14.52
C ASP A 329 18.93 6.89 -15.31
N ILE A 330 18.89 7.86 -16.22
CA ILE A 330 17.69 8.16 -17.00
C ILE A 330 17.75 7.58 -18.42
N GLU A 331 18.93 7.21 -18.91
CA GLU A 331 19.09 6.89 -20.32
C GLU A 331 18.33 5.64 -20.73
N THR A 332 18.23 4.65 -19.86
CA THR A 332 17.49 3.41 -20.12
C THR A 332 16.45 3.15 -19.04
N LEU A 333 15.67 4.16 -18.70
CA LEU A 333 14.69 4.03 -17.63
C LEU A 333 13.37 3.48 -18.17
N ASP A 334 12.81 2.51 -17.46
CA ASP A 334 11.52 1.93 -17.81
C ASP A 334 10.84 1.51 -16.50
N LEU A 335 9.96 2.36 -15.99
CA LEU A 335 9.29 2.09 -14.73
C LEU A 335 8.29 0.96 -14.90
N PRO A 336 7.99 0.21 -13.83
CA PRO A 336 7.12 -0.96 -13.96
C PRO A 336 5.67 -0.61 -14.25
N LYS A 337 4.84 -1.65 -14.39
CA LYS A 337 3.41 -1.48 -14.67
C LYS A 337 2.60 -2.42 -13.80
N GLY A 338 1.31 -2.57 -14.12
CA GLY A 338 0.45 -3.44 -13.36
C GLY A 338 0.82 -4.90 -13.49
N HIS A 339 0.02 -5.75 -12.85
CA HIS A 339 0.28 -7.18 -12.79
C HIS A 339 -0.38 -7.96 -13.91
N ALA A 340 -0.91 -7.27 -14.93
CA ALA A 340 -1.51 -7.89 -16.11
C ALA A 340 -2.70 -8.77 -15.71
N ASP A 341 -3.73 -8.11 -15.20
CA ASP A 341 -4.96 -8.80 -14.82
C ASP A 341 -5.64 -9.39 -16.06
N ARG A 342 -6.61 -10.27 -15.81
CA ARG A 342 -7.35 -10.99 -16.84
C ARG A 342 -6.33 -11.80 -17.66
N LEU A 343 -6.34 -11.73 -18.98
CA LEU A 343 -5.48 -12.59 -19.78
C LEU A 343 -4.17 -11.92 -20.18
N GLY A 344 -4.23 -10.71 -20.74
CA GLY A 344 -3.04 -10.08 -21.25
C GLY A 344 -2.97 -8.57 -21.12
N LYS A 345 -3.91 -7.96 -20.41
CA LYS A 345 -4.00 -6.51 -20.34
C LYS A 345 -3.37 -6.00 -19.04
N PRO A 346 -2.26 -5.27 -19.11
CA PRO A 346 -1.69 -4.70 -17.89
C PRO A 346 -2.64 -3.72 -17.22
N SER A 347 -2.58 -3.68 -15.89
CA SER A 347 -3.34 -2.73 -15.09
C SER A 347 -2.44 -1.53 -14.76
N ASP A 348 -2.92 -0.67 -13.87
CA ASP A 348 -2.20 0.54 -13.47
C ASP A 348 -1.45 0.29 -12.18
N HIS A 349 -0.18 0.70 -12.15
CA HIS A 349 0.62 0.56 -10.95
C HIS A 349 0.05 1.39 -9.81
N PHE A 350 0.18 0.88 -8.58
CA PHE A 350 -0.44 1.52 -7.43
C PHE A 350 0.23 2.84 -7.06
N ILE A 351 1.49 3.05 -7.47
CA ILE A 351 2.22 4.27 -7.16
C ILE A 351 2.67 5.01 -8.41
N TRP A 352 3.16 4.29 -9.42
CA TRP A 352 3.68 4.93 -10.62
C TRP A 352 2.58 5.48 -11.51
N ASP A 353 1.32 5.12 -11.27
CA ASP A 353 0.19 5.56 -12.09
C ASP A 353 -0.75 6.44 -11.29
N ILE A 354 -0.17 7.34 -10.49
CA ILE A 354 -0.94 8.28 -9.68
C ILE A 354 -1.24 9.52 -10.50
N GLU A 355 -2.52 9.88 -10.58
CA GLU A 355 -2.91 11.08 -11.30
C GLU A 355 -2.49 12.32 -10.52
N ILE A 356 -1.92 13.30 -11.22
CA ILE A 356 -1.46 14.54 -10.60
C ILE A 356 -1.82 15.69 -11.54
N ASN A 357 -2.82 16.48 -11.15
CA ASN A 357 -3.23 17.67 -11.89
C ASN A 357 -3.51 17.35 -13.36
N LYS A 358 -4.58 16.57 -13.54
CA LYS A 358 -5.07 16.04 -14.81
C LYS A 358 -3.97 15.40 -15.66
N LYS A 359 -2.88 14.95 -15.03
CA LYS A 359 -1.86 14.14 -15.68
C LYS A 359 -1.94 12.75 -15.08
N VAL A 360 -2.44 11.78 -15.86
CA VAL A 360 -2.69 10.44 -15.34
C VAL A 360 -1.39 9.78 -14.94
N LYS A 361 -0.33 9.99 -15.71
CA LYS A 361 0.92 9.28 -15.53
C LYS A 361 1.89 10.14 -14.72
N LEU A 362 2.20 9.70 -13.50
CA LEU A 362 3.32 10.27 -12.77
C LEU A 362 4.63 9.98 -13.48
N ARG A 363 4.69 8.86 -14.21
CA ARG A 363 5.88 8.52 -14.98
C ARG A 363 6.25 9.61 -15.97
N ASN A 364 5.26 10.11 -16.71
CA ASN A 364 5.50 11.19 -17.66
C ASN A 364 5.65 12.53 -16.96
N TRP A 365 4.94 12.74 -15.86
CA TRP A 365 5.03 14.01 -15.13
C TRP A 365 6.45 14.24 -14.61
N LEU A 366 7.06 13.21 -14.02
CA LEU A 366 8.42 13.35 -13.50
C LEU A 366 9.40 13.68 -14.63
N PHE A 367 9.29 12.98 -15.76
CA PHE A 367 10.19 13.24 -16.88
C PHE A 367 10.01 14.65 -17.42
N TRP A 368 8.76 15.09 -17.56
CA TRP A 368 8.51 16.44 -18.07
C TRP A 368 9.04 17.50 -17.11
N ILE A 369 8.86 17.28 -15.80
CA ILE A 369 9.38 18.22 -14.82
C ILE A 369 10.91 18.29 -14.89
N PHE A 370 11.56 17.14 -15.01
CA PHE A 370 13.02 17.14 -15.10
C PHE A 370 13.48 17.85 -16.37
N ASN A 371 12.79 17.62 -17.49
CA ASN A 371 13.16 18.30 -18.73
C ASN A 371 13.00 19.81 -18.61
N GLU A 372 11.90 20.26 -17.99
CA GLU A 372 11.69 21.69 -17.79
C GLU A 372 12.78 22.28 -16.89
N PHE A 373 13.14 21.56 -15.82
CA PHE A 373 14.20 22.05 -14.94
C PHE A 373 15.53 22.13 -15.66
N ARG A 374 15.84 21.13 -16.49
CA ARG A 374 17.09 21.15 -17.24
C ARG A 374 17.12 22.31 -18.23
N ASP A 375 15.99 22.57 -18.89
CA ASP A 375 15.94 23.68 -19.83
C ASP A 375 16.07 25.03 -19.12
N THR A 376 15.44 25.16 -17.94
CA THR A 376 15.41 26.47 -17.28
C THR A 376 16.77 26.83 -16.68
N TYR A 377 17.43 25.89 -16.03
CA TYR A 377 18.67 26.15 -15.31
C TYR A 377 19.87 25.55 -16.04
N ALA A 378 21.04 26.13 -15.79
CA ALA A 378 22.29 25.64 -16.36
C ALA A 378 23.03 24.76 -15.36
N TYR A 379 23.88 23.88 -15.90
CA TYR A 379 24.65 22.93 -15.10
C TYR A 379 23.74 22.08 -14.21
N PHE A 380 22.60 21.67 -14.76
CA PHE A 380 21.62 20.87 -14.06
C PHE A 380 21.56 19.48 -14.68
N ASP A 381 21.69 18.45 -13.85
CA ASP A 381 21.72 17.07 -14.32
C ASP A 381 20.70 16.24 -13.56
N TRP A 382 20.63 14.96 -13.91
CA TRP A 382 19.67 14.05 -13.29
C TRP A 382 19.96 13.87 -11.79
N ARG A 383 21.23 13.74 -11.43
CA ARG A 383 21.60 13.43 -10.06
C ARG A 383 21.21 14.56 -9.11
N THR A 384 21.56 15.81 -9.47
CA THR A 384 21.24 16.93 -8.60
C THR A 384 19.73 17.12 -8.44
N PHE A 385 18.99 16.97 -9.54
CA PHE A 385 17.54 17.10 -9.47
C PHE A 385 16.94 16.04 -8.57
N CYS A 386 17.40 14.80 -8.70
CA CYS A 386 16.88 13.73 -7.85
C CYS A 386 17.24 13.97 -6.39
N GLU A 387 18.46 14.43 -6.11
CA GLU A 387 18.85 14.68 -4.72
C GLU A 387 17.99 15.78 -4.10
N ALA A 388 17.81 16.89 -4.82
CA ALA A 388 17.00 17.98 -4.29
C ALA A 388 15.55 17.55 -4.09
N LEU A 389 15.00 16.81 -5.05
CA LEU A 389 13.62 16.34 -4.91
C LEU A 389 13.49 15.37 -3.74
N GLY A 390 14.48 14.51 -3.53
CA GLY A 390 14.44 13.60 -2.39
C GLY A 390 14.47 14.33 -1.07
N GLN A 391 15.33 15.34 -0.95
CA GLN A 391 15.36 16.12 0.27
C GLN A 391 14.03 16.85 0.50
N ALA A 392 13.46 17.42 -0.57
CA ALA A 392 12.18 18.11 -0.44
C ALA A 392 11.06 17.17 0.00
N LEU A 393 11.00 15.97 -0.60
CA LEU A 393 9.98 15.01 -0.20
C LEU A 393 10.21 14.50 1.21
N TYR A 394 11.47 14.35 1.63
CA TYR A 394 11.73 13.95 3.01
C TYR A 394 11.21 15.00 3.99
N LEU A 395 11.49 16.28 3.70
CA LEU A 395 10.98 17.34 4.56
C LEU A 395 9.45 17.36 4.57
N GLU A 396 8.82 17.19 3.39
CA GLU A 396 7.36 17.18 3.33
C GLU A 396 6.77 16.02 4.12
N ALA A 397 7.38 14.84 4.01
CA ALA A 397 6.89 13.68 4.74
C ALA A 397 7.03 13.87 6.24
N LYS A 398 8.17 14.42 6.69
CA LYS A 398 8.32 14.69 8.11
C LYS A 398 7.36 15.76 8.61
N LYS A 399 6.98 16.71 7.74
CA LYS A 399 6.05 17.75 8.13
C LYS A 399 4.61 17.22 8.23
N GLN A 400 4.19 16.40 7.26
CA GLN A 400 2.81 15.95 7.20
C GLN A 400 2.60 14.60 7.88
N VAL A 401 3.26 13.56 7.39
CA VAL A 401 3.07 12.20 7.88
C VAL A 401 4.00 11.97 9.07
N PRO A 402 3.51 12.27 10.26
CA PRO A 402 4.28 12.05 11.47
C PRO A 402 4.25 10.56 11.85
N ASN A 403 4.92 10.23 12.94
CA ASN A 403 5.00 8.87 13.48
C ASN A 403 5.60 7.88 12.48
N GLN A 404 6.25 8.39 11.44
CA GLN A 404 6.90 7.53 10.45
C GLN A 404 8.37 7.28 10.76
N PHE A 405 8.89 7.85 11.85
CA PHE A 405 10.27 7.64 12.24
C PHE A 405 10.38 7.78 13.75
N SER A 406 11.47 7.23 14.30
CA SER A 406 11.71 7.28 15.73
C SER A 406 11.99 8.70 16.20
N SER A 407 12.72 10.00 19.25
CA SER A 407 13.84 10.74 18.66
C SER A 407 14.59 11.53 19.72
N GLU A 408 15.13 10.81 20.71
CA GLU A 408 15.89 11.41 21.80
C GLU A 408 17.38 11.21 21.54
N ARG A 409 18.12 12.32 21.48
CA ARG A 409 19.56 12.30 21.26
C ARG A 409 20.24 13.18 22.30
N PRO A 410 20.31 12.72 23.55
CA PRO A 410 20.97 13.54 24.58
C PRO A 410 22.47 13.57 24.44
N VAL A 411 23.09 12.44 24.13
CA VAL A 411 24.54 12.35 24.02
C VAL A 411 24.96 12.74 22.61
N GLY A 412 26.21 13.22 22.47
CA GLY A 412 26.72 13.63 21.18
C GLY A 412 26.53 15.10 20.93
N ALA A 413 26.95 15.93 21.88
CA ALA A 413 26.77 17.37 21.80
C ALA A 413 27.94 18.03 22.53
N THR A 414 27.76 19.32 22.88
CA THR A 414 28.73 20.11 23.61
C THR A 414 30.04 20.23 22.86
N PRO A 415 30.09 20.99 21.77
CA PRO A 415 31.37 21.23 21.09
C PRO A 415 32.36 21.94 22.01
N ALA A 416 33.63 21.56 21.90
CA ALA A 416 34.67 22.06 22.80
C ALA A 416 35.86 22.57 22.01
N MET A 417 36.28 23.79 22.30
CA MET A 417 37.52 24.36 21.76
C MET A 417 38.24 25.03 22.91
N GLU A 418 39.54 24.75 23.05
CA GLU A 418 40.32 25.30 24.14
C GLU A 418 41.70 25.74 23.65
N VAL A 419 42.17 26.86 24.18
CA VAL A 419 43.50 27.38 23.87
C VAL A 419 44.00 28.15 25.09
N LYS A 420 45.30 28.07 25.33
CA LYS A 420 45.88 28.70 26.52
C LYS A 420 47.28 29.19 26.19
N THR A 421 47.51 30.49 26.39
CA THR A 421 48.81 31.08 26.18
C THR A 421 49.78 30.57 27.25
N PRO A 422 51.01 30.21 26.88
CA PRO A 422 51.98 29.75 27.87
C PRO A 422 52.30 30.85 28.89
N GLU A 423 52.56 30.42 30.13
CA GLU A 423 52.90 31.34 31.20
C GLU A 423 54.39 31.44 31.47
N HIS A 424 55.18 30.47 30.98
CA HIS A 424 56.62 30.46 31.18
C HIS A 424 57.32 30.37 29.83
N ASP A 425 58.64 30.44 29.87
CA ASP A 425 59.44 30.29 28.66
C ASP A 425 59.59 28.82 28.31
N PRO A 426 59.24 28.40 27.09
CA PRO A 426 59.36 26.98 26.75
C PRO A 426 60.78 26.44 26.83
N GLY A 427 61.78 27.27 26.54
CA GLY A 427 63.16 26.82 26.63
C GLY A 427 63.78 26.51 25.29
N ARG A 428 64.81 25.66 25.28
CA ARG A 428 65.51 25.31 24.06
C ARG A 428 65.94 23.85 24.13
N ALA A 429 66.13 23.25 22.97
CA ALA A 429 66.49 21.84 22.85
C ALA A 429 67.74 21.70 21.98
N ALA A 430 68.18 20.46 21.80
CA ALA A 430 69.37 20.19 21.00
C ALA A 430 69.22 18.96 20.11
N GLN A 431 67.99 18.47 19.92
CA GLN A 431 67.74 17.30 19.07
C GLN A 431 66.88 17.71 17.89
N GLY A 432 67.29 17.31 16.70
CA GLY A 432 66.57 17.65 15.49
C GLY A 432 66.62 16.55 14.45
N PRO A 433 65.86 16.73 13.37
CA PRO A 433 65.80 15.68 12.33
C PRO A 433 67.10 15.54 11.57
N ARG A 434 67.36 14.32 11.11
CA ARG A 434 68.50 14.04 10.25
C ARG A 434 68.17 13.14 9.06
N TYR A 435 67.02 12.46 9.06
CA TYR A 435 66.64 11.58 7.97
C TYR A 435 65.18 11.82 7.61
N GLU A 436 64.83 11.51 6.37
CA GLU A 436 63.46 11.63 5.90
C GLU A 436 63.07 10.37 5.15
N TRP A 437 61.86 9.89 5.38
CA TRP A 437 61.34 8.69 4.74
C TRP A 437 60.07 9.02 3.96
N LEU A 438 59.93 8.39 2.79
CA LEU A 438 58.70 8.46 2.00
C LEU A 438 58.25 7.05 1.67
N ILE A 439 56.98 6.76 1.91
CA ILE A 439 56.43 5.43 1.74
C ILE A 439 55.17 5.53 0.88
N LYS A 440 55.12 4.72 -0.18
CA LYS A 440 53.96 4.64 -1.06
C LYS A 440 53.24 3.31 -0.88
N GLY A 441 52.01 3.27 -1.35
CA GLY A 441 51.21 2.07 -1.23
C GLY A 441 49.79 2.33 -1.68
N GLU A 442 48.97 1.30 -1.56
CA GLU A 442 47.57 1.36 -1.97
C GLU A 442 46.70 0.69 -0.91
N LEU A 443 45.59 1.34 -0.57
CA LEU A 443 44.59 0.79 0.33
C LEU A 443 43.35 0.44 -0.48
N VAL A 444 42.94 -0.83 -0.42
CA VAL A 444 41.83 -1.35 -1.20
C VAL A 444 40.77 -1.86 -0.24
N SER A 445 39.53 -1.41 -0.44
CA SER A 445 38.42 -1.81 0.43
C SER A 445 37.91 -3.18 0.01
N GLN A 446 38.07 -4.17 0.88
CA GLN A 446 37.55 -5.51 0.67
C GLN A 446 36.17 -5.69 1.29
N THR A 447 35.62 -4.63 1.88
CA THR A 447 34.31 -4.65 2.52
C THR A 447 33.71 -3.26 2.39
N PRO A 448 32.39 -3.16 2.22
CA PRO A 448 31.77 -1.82 2.12
C PRO A 448 32.13 -0.94 3.31
N PHE A 449 32.40 0.32 3.03
CA PHE A 449 32.86 1.28 4.03
C PHE A 449 31.84 2.41 4.17
N PHE A 450 32.08 3.27 5.16
CA PHE A 450 31.19 4.38 5.45
C PHE A 450 31.94 5.45 6.23
N PHE A 451 32.06 6.63 5.64
CA PHE A 451 32.65 7.80 6.31
C PHE A 451 31.57 8.85 6.45
N GLY A 452 31.08 9.02 7.67
CA GLY A 452 29.93 9.90 7.89
C GLY A 452 30.25 11.35 7.61
N TRP A 453 29.34 12.03 6.93
CA TRP A 453 29.43 13.45 6.65
C TRP A 453 28.26 14.15 7.32
N SER A 454 28.55 15.09 8.22
CA SER A 454 27.51 15.78 8.97
C SER A 454 27.79 17.26 8.98
N THR A 455 26.77 18.05 8.65
CA THR A 455 26.83 19.50 8.72
C THR A 455 25.88 19.99 9.81
N GLU A 456 26.33 20.96 10.60
CA GLU A 456 25.51 21.46 11.69
C GLU A 456 24.22 22.10 11.17
N ALA A 457 24.33 22.87 10.09
CA ALA A 457 23.16 23.50 9.48
C ALA A 457 22.90 22.94 8.09
N THR A 463 17.90 11.92 4.54
CA THR A 463 19.26 12.33 4.16
C THR A 463 20.02 12.86 5.36
N ASN A 464 19.74 12.29 6.54
CA ASN A 464 20.45 12.71 7.74
C ASN A 464 21.94 12.41 7.65
N LEU A 465 22.30 11.24 7.13
CA LEU A 465 23.68 10.82 7.00
C LEU A 465 23.99 10.50 5.55
N LYS A 466 25.14 10.97 5.08
CA LYS A 466 25.56 10.73 3.70
C LYS A 466 27.06 10.48 3.68
N LEU A 467 27.49 9.69 2.69
CA LEU A 467 28.91 9.40 2.52
C LEU A 467 29.62 10.63 1.95
N LEU A 468 30.73 11.03 2.59
CA LEU A 468 31.45 12.20 2.17
C LEU A 468 32.24 11.92 0.90
N ALA A 469 32.25 12.91 0.00
CA ALA A 469 32.93 12.77 -1.28
C ALA A 469 33.26 14.17 -1.80
N ALA A 470 34.15 14.21 -2.79
CA ALA A 470 34.54 15.47 -3.39
C ALA A 470 33.40 16.05 -4.22
N ARG A 471 33.56 17.32 -4.59
CA ARG A 471 32.53 18.01 -5.35
C ARG A 471 32.36 17.46 -6.76
N ASP A 472 33.39 16.79 -7.30
CA ASP A 472 33.32 16.22 -8.64
C ASP A 472 32.82 14.78 -8.65
N GLY A 473 32.42 14.24 -7.51
CA GLY A 473 31.88 12.90 -7.43
C GLY A 473 32.83 11.84 -6.91
N ARG A 474 34.12 12.14 -6.82
CA ARG A 474 35.09 11.16 -6.34
C ARG A 474 34.90 10.92 -4.85
N LEU A 475 34.89 9.65 -4.46
CA LEU A 475 34.84 9.30 -3.04
C LEU A 475 36.14 9.73 -2.35
N ARG A 476 36.02 10.13 -1.09
CA ARG A 476 37.12 10.74 -0.37
C ARG A 476 37.41 9.97 0.91
N LEU A 477 38.70 9.79 1.19
CA LEU A 477 39.16 9.23 2.46
C LEU A 477 40.01 10.28 3.15
N PRO A 478 39.48 11.00 4.14
CA PRO A 478 40.20 12.14 4.70
C PRO A 478 41.43 11.72 5.48
N LEU A 479 42.37 12.66 5.61
CA LEU A 479 43.59 12.41 6.35
C LEU A 479 43.36 12.33 7.86
N SER A 480 42.32 13.01 8.36
CA SER A 480 42.04 12.97 9.78
C SER A 480 41.70 11.55 10.23
N VAL A 481 40.88 10.85 9.45
CA VAL A 481 40.54 9.47 9.76
C VAL A 481 41.79 8.60 9.77
N LEU A 482 42.65 8.76 8.77
CA LEU A 482 43.86 7.94 8.69
C LEU A 482 44.77 8.20 9.88
N ARG A 483 44.98 9.46 10.24
CA ARG A 483 45.83 9.78 11.40
C ARG A 483 45.23 9.25 12.69
N GLY A 484 43.91 9.38 12.87
CA GLY A 484 43.28 8.84 14.06
C GLY A 484 43.42 7.34 14.16
N ILE A 485 43.22 6.63 13.04
CA ILE A 485 43.38 5.18 13.05
C ILE A 485 44.81 4.79 13.35
N LEU A 486 45.78 5.49 12.75
CA LEU A 486 47.18 5.18 13.01
C LEU A 486 47.53 5.40 14.48
N ARG A 487 47.06 6.49 15.07
CA ARG A 487 47.37 6.75 16.47
C ARG A 487 46.68 5.74 17.38
N ARG A 488 45.46 5.33 17.03
CA ARG A 488 44.79 4.29 17.81
C ARG A 488 45.59 3.00 17.79
N ASP A 489 46.04 2.58 16.61
CA ASP A 489 46.77 1.33 16.50
C ASP A 489 48.11 1.41 17.21
N ILE A 490 48.82 2.53 17.08
CA ILE A 490 50.12 2.65 17.75
C ILE A 490 49.95 2.73 19.26
N LYS A 491 48.84 3.32 19.73
CA LYS A 491 48.56 3.34 21.15
C LYS A 491 48.25 1.94 21.67
N VAL A 492 47.55 1.13 20.88
CA VAL A 492 47.33 -0.26 21.25
C VAL A 492 48.65 -1.02 21.32
N VAL A 493 49.54 -0.79 20.34
CA VAL A 493 50.83 -1.48 20.33
C VAL A 493 51.65 -1.09 21.55
N LEU A 494 51.72 0.20 21.85
CA LEU A 494 52.56 0.69 22.94
C LEU A 494 51.90 0.55 24.31
N ASP A 495 50.62 0.17 24.36
CA ASP A 495 49.88 0.05 25.61
C ASP A 495 49.89 1.37 26.39
N ASN A 496 49.33 2.40 25.75
CA ASN A 496 49.29 3.74 26.30
C ASN A 496 47.84 4.16 26.54
N LYS A 497 47.65 5.17 27.37
CA LYS A 497 46.34 5.67 27.74
C LYS A 497 46.26 7.19 27.53
N CYS A 498 46.70 7.65 26.37
CA CYS A 498 46.69 9.07 26.07
C CYS A 498 45.32 9.53 25.57
N ARG A 499 44.91 10.72 26.00
CA ARG A 499 43.70 11.36 25.50
C ARG A 499 43.95 12.73 24.90
N ALA A 500 45.17 13.26 25.02
CA ALA A 500 45.62 14.52 24.42
C ALA A 500 45.04 15.74 25.14
N GLU A 501 44.04 15.52 26.00
CA GLU A 501 43.53 16.52 26.95
C GLU A 501 43.30 17.90 26.32
N LEU A 502 43.08 17.95 25.01
CA LEU A 502 42.92 19.20 24.26
C LEU A 502 44.12 20.11 24.56
N ALA A 503 43.91 21.34 25.01
CA ALA A 503 44.99 22.30 25.20
C ALA A 503 45.40 22.34 26.67
N MET A 504 46.60 21.85 26.96
CA MET A 504 47.16 21.89 28.30
C MET A 504 48.16 23.03 28.41
N LYS A 505 48.78 23.15 29.60
CA LYS A 505 49.76 24.21 29.82
C LYS A 505 51.11 23.89 29.17
N GLN A 506 51.42 22.62 28.99
CA GLN A 506 52.68 22.18 28.39
C GLN A 506 52.41 21.12 27.34
N PRO A 507 53.31 20.94 26.38
CA PRO A 507 53.16 19.84 25.43
C PRO A 507 53.08 18.50 26.14
N CYS A 508 52.25 17.62 25.60
CA CYS A 508 51.88 16.40 26.31
C CYS A 508 53.05 15.42 26.44
N SER A 509 54.01 15.49 25.53
CA SER A 509 55.15 14.55 25.50
C SER A 509 54.58 13.15 25.24
N CYS A 510 55.22 12.12 25.82
CA CYS A 510 54.96 10.68 25.78
C CYS A 510 55.16 10.16 24.36
N PRO A 511 55.55 8.89 24.19
CA PRO A 511 55.97 8.43 22.86
C PRO A 511 54.91 8.57 21.78
N VAL A 512 53.63 8.43 22.13
CA VAL A 512 52.58 8.53 21.12
C VAL A 512 52.62 9.89 20.44
N CYS A 513 52.46 10.96 21.21
CA CYS A 513 52.53 12.31 20.65
C CYS A 513 53.92 12.66 20.14
N ASN A 514 54.98 12.18 20.80
CA ASN A 514 56.34 12.42 20.33
C ASN A 514 56.59 11.84 18.95
N LEU A 515 55.88 10.78 18.56
CA LEU A 515 56.02 10.23 17.21
C LEU A 515 54.99 10.77 16.24
N MET A 516 53.80 11.14 16.69
CA MET A 516 52.85 11.78 15.79
C MET A 516 53.17 13.26 15.55
N LYS A 517 54.13 13.82 16.28
CA LYS A 517 54.61 15.16 15.98
C LYS A 517 55.52 15.21 14.76
N LYS A 518 55.89 14.05 14.20
CA LYS A 518 56.83 14.00 13.09
C LYS A 518 56.35 13.06 11.99
N ILE A 519 55.04 12.96 11.79
CA ILE A 519 54.46 12.11 10.75
C ILE A 519 53.53 12.96 9.90
N THR A 520 53.72 12.91 8.59
CA THR A 520 52.95 13.71 7.63
C THR A 520 52.21 12.76 6.71
N ILE A 521 50.89 12.95 6.60
CA ILE A 521 50.02 12.09 5.82
C ILE A 521 49.24 12.95 4.83
N ARG A 522 49.20 12.52 3.57
CA ARG A 522 48.53 13.26 2.51
C ARG A 522 47.06 12.90 2.43
N ASP A 523 46.26 13.83 1.91
CA ASP A 523 44.85 13.57 1.62
C ASP A 523 44.74 12.69 0.38
N SER A 524 43.74 11.83 0.36
CA SER A 524 43.60 10.85 -0.71
C SER A 524 42.20 10.89 -1.29
N PHE A 525 42.09 10.47 -2.55
CA PHE A 525 40.82 10.42 -3.27
C PHE A 525 40.74 9.11 -4.04
N SER A 526 39.52 8.65 -4.27
CA SER A 526 39.31 7.42 -5.03
C SER A 526 39.71 7.62 -6.48
N SER A 527 40.35 6.62 -7.07
CA SER A 527 40.87 6.73 -8.43
C SER A 527 40.04 5.98 -9.46
N ASN A 528 39.39 4.87 -9.08
CA ASN A 528 38.67 4.03 -10.02
C ASN A 528 37.16 4.04 -9.84
N TYR A 529 36.63 4.84 -8.92
CA TYR A 529 35.19 4.88 -8.67
C TYR A 529 34.74 6.33 -8.53
N ALA A 530 33.66 6.68 -9.22
CA ALA A 530 33.04 7.98 -9.08
C ALA A 530 31.52 7.93 -9.08
N GLU A 531 30.92 6.74 -9.13
CA GLU A 531 29.48 6.60 -9.18
C GLU A 531 28.86 6.86 -7.81
N PRO A 532 27.57 7.19 -7.76
CA PRO A 532 26.92 7.37 -6.47
C PRO A 532 26.87 6.06 -5.70
N PRO A 533 26.89 6.11 -4.37
CA PRO A 533 26.88 4.90 -3.56
C PRO A 533 25.47 4.35 -3.41
N LYS A 534 25.40 3.18 -2.78
CA LYS A 534 24.14 2.48 -2.57
C LYS A 534 23.49 2.94 -1.26
N ILE A 535 22.34 2.35 -0.94
CA ILE A 535 21.59 2.69 0.27
C ILE A 535 21.25 1.41 1.02
N ARG A 536 21.47 1.42 2.33
CA ARG A 536 21.16 0.29 3.20
C ARG A 536 20.13 0.72 4.24
N HIS A 537 19.30 -0.22 4.66
CA HIS A 537 18.23 0.05 5.62
C HIS A 537 18.34 -0.89 6.81
N LYS A 538 17.91 -0.40 7.96
CA LYS A 538 17.94 -1.16 9.21
C LYS A 538 16.64 -0.89 9.97
N ILE A 539 16.21 -1.87 10.76
CA ILE A 539 15.00 -1.77 11.55
C ILE A 539 15.27 -2.27 12.97
N ARG A 540 14.38 -1.87 13.88
CA ARG A 540 14.41 -2.34 15.26
C ARG A 540 13.09 -3.03 15.57
N LEU A 541 13.17 -4.29 15.96
CA LEU A 541 11.97 -5.08 16.22
C LEU A 541 11.46 -4.85 17.64
N ASP A 542 10.24 -5.32 17.87
CA ASP A 542 9.63 -5.29 19.20
C ASP A 542 9.62 -6.71 19.75
N PRO A 543 10.43 -7.01 20.77
CA PRO A 543 10.60 -8.42 21.19
C PRO A 543 9.31 -9.08 21.65
N LYS A 544 8.38 -8.33 22.24
CA LYS A 544 7.17 -8.95 22.75
C LYS A 544 6.20 -9.35 21.64
N SER A 545 6.25 -8.66 20.49
CA SER A 545 5.33 -8.95 19.40
C SER A 545 5.99 -9.60 18.20
N GLY A 546 7.31 -9.45 18.02
CA GLY A 546 7.98 -10.02 16.87
C GLY A 546 7.93 -9.18 15.62
N THR A 547 7.47 -7.94 15.70
CA THR A 547 7.39 -7.04 14.56
C THR A 547 8.14 -5.75 14.87
N VAL A 548 8.10 -4.82 13.91
CA VAL A 548 8.82 -3.56 14.07
C VAL A 548 8.14 -2.69 15.11
N ALA A 549 8.86 -1.66 15.55
CA ALA A 549 8.32 -0.69 16.48
C ALA A 549 7.45 0.31 15.72
N LYS A 550 7.07 1.40 16.40
CA LYS A 550 6.20 2.39 15.77
C LYS A 550 6.94 3.14 14.66
N GLY A 551 8.16 3.59 14.93
CA GLY A 551 8.90 4.36 13.95
C GLY A 551 10.33 3.93 13.76
N ALA A 552 10.58 2.63 13.86
CA ALA A 552 11.94 2.08 13.75
C ALA A 552 12.27 1.86 12.29
N LEU A 553 12.96 2.82 11.69
CA LEU A 553 13.39 2.71 10.29
C LEU A 553 14.53 3.69 10.06
N PHE A 554 15.69 3.17 9.63
CA PHE A 554 16.88 3.97 9.45
C PHE A 554 17.49 3.67 8.09
N ASP A 555 18.23 4.64 7.56
CA ASP A 555 18.87 4.50 6.26
C ASP A 555 20.23 5.18 6.28
N SER A 556 21.12 4.74 5.39
CA SER A 556 22.45 5.31 5.30
C SER A 556 23.03 4.98 3.93
N GLU A 557 24.00 5.79 3.51
CA GLU A 557 24.71 5.55 2.26
C GLU A 557 25.94 4.70 2.53
N VAL A 558 26.20 3.75 1.63
CA VAL A 558 27.28 2.77 1.81
C VAL A 558 28.07 2.69 0.52
N GLY A 559 29.39 2.78 0.64
CA GLY A 559 30.27 2.67 -0.51
C GLY A 559 30.44 1.22 -0.94
N PRO A 560 30.98 1.05 -2.14
CA PRO A 560 31.14 -0.29 -2.71
C PRO A 560 32.41 -0.96 -2.20
N ARG A 561 32.65 -2.17 -2.70
CA ARG A 561 33.82 -2.95 -2.35
C ARG A 561 34.74 -3.04 -3.57
N GLY A 562 36.00 -2.63 -3.40
CA GLY A 562 36.94 -2.68 -4.49
C GLY A 562 37.41 -1.31 -4.95
N VAL A 563 37.43 -0.35 -4.05
CA VAL A 563 37.86 1.01 -4.35
C VAL A 563 39.33 1.17 -3.96
N VAL A 564 40.12 1.76 -4.85
CA VAL A 564 41.56 1.90 -4.64
C VAL A 564 41.85 3.31 -4.17
N PHE A 565 42.56 3.42 -3.05
CA PHE A 565 42.94 4.69 -2.45
C PHE A 565 44.46 4.77 -2.35
N PRO A 566 45.08 5.83 -2.88
CA PRO A 566 46.54 5.97 -2.74
C PRO A 566 46.94 6.24 -1.30
N PHE A 567 48.15 5.81 -0.95
CA PHE A 567 48.68 5.94 0.40
C PHE A 567 50.04 6.63 0.34
N GLU A 568 50.21 7.66 1.16
CA GLU A 568 51.46 8.41 1.23
C GLU A 568 51.81 8.67 2.69
N LEU A 569 53.05 8.35 3.06
CA LEU A 569 53.55 8.58 4.41
C LEU A 569 54.90 9.27 4.36
N ARG A 570 55.13 10.18 5.31
CA ARG A 570 56.39 10.91 5.39
C ARG A 570 56.82 10.97 6.85
N LEU A 571 57.99 10.41 7.14
CA LEU A 571 58.57 10.40 8.48
C LEU A 571 59.90 11.13 8.44
N ARG A 572 60.03 12.17 9.27
CA ARG A 572 61.26 12.95 9.37
C ARG A 572 61.74 12.89 10.82
N SER A 573 62.73 12.04 11.08
CA SER A 573 63.24 11.84 12.43
C SER A 573 64.72 11.50 12.35
N ALA A 574 65.38 11.57 13.49
CA ALA A 574 66.82 11.34 13.57
C ALA A 574 67.10 9.88 13.94
N ASP A 575 66.74 8.99 13.01
CA ASP A 575 66.98 7.57 13.18
C ASP A 575 67.16 6.92 11.82
N ASP A 576 67.98 5.87 11.79
CA ASP A 576 68.30 5.17 10.55
C ASP A 576 67.31 4.06 10.22
N THR A 577 66.40 3.72 11.12
CA THR A 577 65.43 2.68 10.89
C THR A 577 64.06 3.15 11.37
N LEU A 578 63.01 2.56 10.79
CA LEU A 578 61.66 2.91 11.17
C LEU A 578 61.39 2.46 12.60
N PRO A 579 60.58 3.20 13.36
CA PRO A 579 60.19 2.73 14.70
C PRO A 579 59.45 1.41 14.62
N GLN A 580 59.66 0.57 15.63
CA GLN A 580 59.09 -0.77 15.60
C GLN A 580 57.57 -0.74 15.65
N ALA A 581 56.99 0.25 16.34
CA ALA A 581 55.54 0.34 16.41
C ALA A 581 54.93 0.59 15.04
N LEU A 582 55.56 1.45 14.24
CA LEU A 582 55.05 1.70 12.89
C LEU A 582 55.13 0.45 12.02
N LYS A 583 56.23 -0.30 12.14
CA LYS A 583 56.35 -1.55 11.40
C LYS A 583 55.28 -2.55 11.82
N THR A 584 55.00 -2.62 13.12
CA THR A 584 53.95 -3.51 13.61
C THR A 584 52.59 -3.11 13.06
N VAL A 585 52.29 -1.81 13.05
CA VAL A 585 51.01 -1.34 12.54
C VAL A 585 50.90 -1.64 11.05
N PHE A 586 51.99 -1.47 10.31
CA PHE A 586 51.97 -1.79 8.88
C PHE A 586 51.79 -3.29 8.65
N SER A 587 52.41 -4.12 9.50
CA SER A 587 52.21 -5.56 9.41
C SER A 587 50.75 -5.92 9.65
N TRP A 588 50.12 -5.27 10.63
CA TRP A 588 48.70 -5.50 10.88
C TRP A 588 47.85 -5.07 9.69
N TRP A 589 48.19 -3.92 9.09
CA TRP A 589 47.41 -3.41 7.97
C TRP A 589 47.56 -4.27 6.72
N GLN A 590 48.72 -4.90 6.54
CA GLN A 590 48.93 -5.76 5.38
C GLN A 590 48.02 -6.98 5.40
N GLN A 591 47.63 -7.43 6.60
CA GLN A 591 46.73 -8.57 6.74
C GLN A 591 45.26 -8.17 6.77
N GLY A 592 44.96 -6.89 6.85
CA GLY A 592 43.59 -6.42 6.87
C GLY A 592 42.78 -6.90 8.06
N THR A 593 43.35 -6.79 9.26
CA THR A 593 42.73 -7.29 10.47
C THR A 593 42.13 -6.17 11.32
N VAL A 594 42.02 -4.95 10.79
CA VAL A 594 41.47 -3.82 11.54
C VAL A 594 40.46 -3.10 10.67
N SER A 595 39.59 -2.33 11.33
CA SER A 595 38.53 -1.59 10.67
C SER A 595 38.89 -0.12 10.57
N PHE A 596 38.57 0.50 9.44
CA PHE A 596 38.87 1.90 9.18
C PHE A 596 37.65 2.80 9.25
N SER A 597 36.52 2.36 8.67
CA SER A 597 35.35 3.21 8.53
C SER A 597 34.60 3.29 9.85
N GLY A 598 33.47 4.00 9.85
CA GLY A 598 32.71 4.22 11.05
C GLY A 598 32.02 2.99 11.60
N ASP A 599 31.01 2.49 10.89
CA ASP A 599 30.17 1.42 11.42
C ASP A 599 30.91 0.09 11.44
N ALA A 600 31.83 -0.08 12.39
CA ALA A 600 32.59 -1.32 12.49
C ALA A 600 31.80 -2.42 13.18
N GLY A 601 30.68 -2.10 13.81
CA GLY A 601 29.90 -3.13 14.49
C GLY A 601 29.38 -4.19 13.55
N THR A 602 28.91 -3.76 12.37
CA THR A 602 28.38 -4.68 11.36
C THR A 602 29.39 -4.99 10.27
N GLY A 603 30.68 -5.03 10.63
CA GLY A 603 31.72 -5.45 9.70
C GLY A 603 31.88 -4.57 8.49
N LYS A 604 32.35 -3.34 8.67
CA LYS A 604 32.56 -2.41 7.58
C LYS A 604 33.91 -1.74 7.70
N GLY A 605 34.44 -1.29 6.57
CA GLY A 605 35.67 -0.52 6.55
C GLY A 605 36.94 -1.32 6.70
N ILE A 606 36.97 -2.56 6.24
CA ILE A 606 38.18 -3.37 6.29
C ILE A 606 39.00 -3.10 5.04
N PHE A 607 40.27 -2.72 5.24
CA PHE A 607 41.16 -2.35 4.16
C PHE A 607 42.42 -3.19 4.22
N CYS A 608 43.09 -3.32 3.08
CA CYS A 608 44.36 -4.03 2.99
C CYS A 608 45.40 -3.13 2.32
N LEU A 609 46.65 -3.30 2.73
CA LEU A 609 47.77 -2.53 2.22
C LEU A 609 48.63 -3.42 1.32
N ARG A 610 48.90 -2.94 0.11
CA ARG A 610 49.62 -3.73 -0.87
C ARG A 610 50.62 -2.85 -1.61
N ASN A 611 51.64 -3.50 -2.18
CA ASN A 611 52.67 -2.85 -2.98
C ASN A 611 53.37 -1.75 -2.17
N LEU A 612 54.03 -2.18 -1.09
CA LEU A 612 54.68 -1.26 -0.17
C LEU A 612 56.13 -1.03 -0.63
N LYS A 613 56.51 0.24 -0.70
CA LYS A 613 57.88 0.62 -1.07
C LYS A 613 58.30 1.81 -0.23
N SER A 614 59.61 1.98 -0.08
CA SER A 614 60.14 3.03 0.77
C SER A 614 61.50 3.48 0.24
N ILE A 615 61.94 4.64 0.73
CA ILE A 615 63.25 5.19 0.39
C ILE A 615 63.71 6.07 1.54
N ARG A 616 65.01 6.07 1.78
CA ARG A 616 65.62 6.85 2.86
C ARG A 616 66.50 7.95 2.28
N TRP A 617 66.42 9.13 2.89
CA TRP A 617 67.24 10.27 2.51
C TRP A 617 68.09 10.71 3.70
N ASP A 618 69.33 11.07 3.44
CA ASP A 618 70.23 11.61 4.46
C ASP A 618 70.37 13.10 4.19
N LEU A 619 69.80 13.92 5.07
CA LEU A 619 69.80 15.37 4.88
C LEU A 619 71.15 16.01 5.21
N LYS A 620 72.08 15.27 5.80
CA LYS A 620 73.39 15.82 6.13
C LYS A 620 74.40 15.68 4.99
N THR A 621 74.28 14.62 4.18
CA THR A 621 75.24 14.37 3.11
C THR A 621 74.62 14.23 1.74
N GLU A 622 73.32 13.95 1.62
CA GLU A 622 72.65 13.81 0.35
C GLU A 622 71.60 14.90 0.15
N MET A 623 71.96 16.13 0.52
CA MET A 623 71.01 17.24 0.42
C MET A 623 70.64 17.53 -1.03
N ASP A 624 71.61 17.44 -1.95
CA ASP A 624 71.34 17.75 -3.35
C ASP A 624 70.37 16.76 -3.97
N LYS A 625 70.54 15.46 -3.69
CA LYS A 625 69.64 14.46 -4.25
C LYS A 625 68.21 14.67 -3.76
N TYR A 626 68.06 15.00 -2.48
CA TYR A 626 66.73 15.31 -1.95
C TYR A 626 66.15 16.54 -2.63
N ALA A 627 66.92 17.64 -2.67
CA ALA A 627 66.43 18.88 -3.24
C ALA A 627 66.13 18.78 -4.73
N ALA A 628 66.68 17.78 -5.41
CA ALA A 628 66.36 17.59 -6.82
C ALA A 628 64.87 17.34 -7.03
N THR A 629 64.26 16.54 -6.17
CA THR A 629 62.84 16.20 -6.29
C THR A 629 61.98 16.77 -5.19
N LEU A 630 62.55 17.51 -4.23
CA LEU A 630 61.81 18.07 -3.11
C LEU A 630 61.08 16.99 -2.32
N GLY A 631 61.73 15.85 -2.13
CA GLY A 631 61.14 14.76 -1.38
C GLY A 631 60.12 13.95 -2.14
N GLY A 632 60.01 14.13 -3.45
CA GLY A 632 59.05 13.39 -4.25
C GLY A 632 57.69 14.05 -4.38
N ARG A 633 57.48 15.22 -3.81
CA ARG A 633 56.22 15.93 -3.93
C ARG A 633 56.20 16.91 -5.11
N LYS A 634 57.29 17.00 -5.86
CA LYS A 634 57.33 17.77 -7.10
C LYS A 634 57.59 16.89 -8.31
N THR A 635 58.54 15.96 -8.20
CA THR A 635 58.86 15.01 -9.25
C THR A 635 58.85 13.60 -8.69
N PRO A 636 58.24 12.65 -9.37
CA PRO A 636 58.20 11.27 -8.85
C PRO A 636 59.60 10.71 -8.64
N VAL A 637 59.74 9.94 -7.56
CA VAL A 637 61.04 9.38 -7.22
C VAL A 637 61.44 8.32 -8.24
N GLY A 638 62.71 8.31 -8.62
CA GLY A 638 63.21 7.40 -9.63
C GLY A 638 63.34 5.97 -9.15
N LYS A 639 64.21 5.73 -8.18
CA LYS A 639 64.51 4.38 -7.70
C LYS A 639 63.93 4.19 -6.30
N TRP A 640 63.27 3.05 -6.10
CA TRP A 640 62.68 2.69 -4.82
C TRP A 640 63.34 1.45 -4.28
N ASP A 641 63.26 1.28 -2.96
CA ASP A 641 63.76 0.10 -2.27
C ASP A 641 62.60 -0.65 -1.62
N LYS A 642 62.64 -1.97 -1.75
CA LYS A 642 61.58 -2.81 -1.20
C LYS A 642 61.75 -2.98 0.31
N CYS A 643 60.62 -3.00 1.02
CA CYS A 643 60.60 -3.17 2.46
C CYS A 643 60.12 -4.58 2.81
N HIS A 644 60.65 -5.11 3.91
CA HIS A 644 60.36 -6.49 4.29
C HIS A 644 59.00 -6.61 4.99
N ILE A 645 58.86 -5.98 6.17
CA ILE A 645 57.64 -6.05 6.98
C ILE A 645 57.24 -7.52 7.14
N PRO A 646 57.99 -8.32 7.91
CA PRO A 646 57.83 -9.77 7.83
C PRO A 646 56.44 -10.30 8.20
N ASP A 647 56.01 -10.08 9.45
CA ASP A 647 54.75 -10.61 9.95
C ASP A 647 54.58 -10.18 11.40
N ASP A 648 53.35 -10.32 11.90
CA ASP A 648 53.05 -10.09 13.30
C ASP A 648 51.66 -10.65 13.59
N LYS A 649 51.53 -11.31 14.74
CA LYS A 649 50.28 -11.91 15.19
C LYS A 649 49.85 -11.36 16.54
N THR A 650 50.10 -10.07 16.76
CA THR A 650 49.78 -9.41 18.02
C THR A 650 48.43 -8.68 17.96
N TYR A 651 47.80 -8.62 16.79
CA TYR A 651 46.59 -7.82 16.62
C TYR A 651 45.47 -8.33 17.54
N PRO A 652 44.64 -7.43 18.06
CA PRO A 652 43.68 -7.79 19.11
C PRO A 652 42.36 -8.39 18.63
N TRP A 653 42.25 -8.82 17.37
CA TRP A 653 41.03 -9.41 16.86
C TRP A 653 41.28 -10.85 16.44
N VAL A 654 40.26 -11.69 16.63
CA VAL A 654 40.33 -13.11 16.30
C VAL A 654 39.28 -13.40 15.25
N LYS A 655 39.70 -14.06 14.16
CA LYS A 655 38.84 -14.35 13.02
C LYS A 655 38.45 -15.82 13.02
N GLU A 656 37.16 -16.09 12.89
CA GLU A 656 36.65 -17.44 12.71
C GLU A 656 35.66 -17.46 11.55
N THR A 657 35.67 -18.56 10.80
CA THR A 657 34.80 -18.71 9.65
C THR A 657 33.51 -19.42 10.03
N VAL A 658 32.43 -19.06 9.35
CA VAL A 658 31.10 -19.63 9.59
C VAL A 658 30.52 -20.07 8.27
N GLU A 659 30.01 -21.31 8.22
CA GLU A 659 29.35 -21.85 7.05
C GLU A 659 28.00 -22.40 7.45
N ILE A 660 26.95 -21.99 6.73
CA ILE A 660 25.59 -22.42 7.02
C ILE A 660 24.92 -22.80 5.71
N SER A 661 24.29 -23.98 5.68
CA SER A 661 23.61 -24.46 4.49
C SER A 661 22.10 -24.32 4.69
N VAL A 662 21.44 -23.66 3.74
CA VAL A 662 20.00 -23.42 3.78
C VAL A 662 19.32 -24.39 2.83
N CYS A 663 18.27 -25.05 3.30
CA CYS A 663 17.60 -26.12 2.57
C CYS A 663 16.17 -25.73 2.16
N SER A 664 15.99 -24.48 1.75
CA SER A 664 14.71 -23.99 1.27
C SER A 664 14.95 -22.70 0.48
N PRO A 665 13.99 -22.31 -0.36
CA PRO A 665 14.14 -21.02 -1.06
C PRO A 665 14.30 -19.87 -0.08
N PHE A 666 15.17 -18.94 -0.43
CA PHE A 666 15.56 -17.84 0.45
C PHE A 666 15.11 -16.52 -0.14
N ILE A 667 14.40 -15.73 0.66
CA ILE A 667 13.89 -14.43 0.24
C ILE A 667 14.24 -13.40 1.30
N THR A 668 14.69 -12.23 0.84
CA THR A 668 14.89 -11.07 1.71
C THR A 668 14.41 -9.84 0.95
N LYS A 669 13.50 -9.08 1.55
CA LYS A 669 12.80 -8.04 0.82
C LYS A 669 13.68 -6.81 0.63
N ASP A 670 13.54 -6.20 -0.54
CA ASP A 670 14.17 -4.91 -0.87
C ASP A 670 13.07 -4.02 -1.43
N PRO A 671 12.23 -3.45 -0.57
CA PRO A 671 11.01 -2.77 -1.06
C PRO A 671 11.29 -1.61 -2.00
N VAL A 672 12.36 -0.85 -1.77
CA VAL A 672 12.64 0.31 -2.61
C VAL A 672 13.10 -0.14 -4.00
N ASN A 673 13.92 -1.18 -4.06
CA ASN A 673 14.43 -1.66 -5.35
C ASN A 673 13.33 -2.29 -6.19
N SER A 674 12.31 -2.88 -5.56
CA SER A 674 11.22 -3.52 -6.29
C SER A 674 10.31 -2.52 -6.99
N LEU A 675 10.41 -1.24 -6.67
CA LEU A 675 9.59 -0.21 -7.30
C LEU A 675 10.21 0.33 -8.58
N ILE A 676 11.42 -0.09 -8.94
CA ILE A 676 12.10 0.40 -10.13
C ILE A 676 12.48 -0.70 -11.10
N ASP A 677 12.50 -1.96 -10.67
CA ASP A 677 12.86 -3.05 -11.57
C ASP A 677 11.74 -3.27 -12.58
N SER A 678 12.10 -3.33 -13.85
CA SER A 678 11.11 -3.44 -14.92
C SER A 678 10.41 -4.79 -14.94
N ALA A 679 10.89 -5.78 -14.18
CA ALA A 679 10.24 -7.08 -14.13
C ALA A 679 8.85 -7.01 -13.51
N GLY A 680 8.60 -6.02 -12.66
CA GLY A 680 7.30 -5.87 -12.03
C GLY A 680 7.08 -6.72 -10.80
N TYR A 681 8.10 -7.40 -10.31
CA TYR A 681 7.95 -8.25 -9.13
C TYR A 681 7.63 -7.41 -7.90
N ASP A 682 6.76 -7.95 -7.04
CA ASP A 682 6.38 -7.23 -5.81
C ASP A 682 7.54 -7.22 -4.82
N ALA A 683 8.19 -8.36 -4.62
CA ALA A 683 9.31 -8.47 -3.69
C ALA A 683 10.53 -9.02 -4.43
N ILE A 684 11.67 -8.38 -4.23
CA ILE A 684 12.91 -8.78 -4.87
C ILE A 684 14.01 -8.85 -3.82
N CYS A 685 15.01 -9.69 -4.08
CA CYS A 685 16.10 -9.90 -3.13
C CYS A 685 17.08 -8.73 -3.17
N TYR A 686 17.92 -8.68 -2.13
CA TYR A 686 18.95 -7.65 -2.03
C TYR A 686 20.21 -8.09 -2.75
N THR A 687 20.85 -7.15 -3.45
CA THR A 687 22.08 -7.41 -4.17
C THR A 687 23.08 -6.30 -3.91
N THR A 688 24.36 -6.63 -4.05
CA THR A 688 25.45 -5.67 -3.93
C THR A 688 26.28 -5.70 -5.22
N VAL A 689 27.38 -4.94 -5.22
CA VAL A 689 28.23 -4.83 -6.39
C VAL A 689 29.67 -5.12 -5.99
N ASP A 690 30.46 -5.55 -6.98
CA ASP A 690 31.88 -5.82 -6.79
C ASP A 690 32.65 -5.18 -7.93
N LEU A 691 33.70 -4.43 -7.60
CA LEU A 691 34.46 -3.70 -8.61
C LEU A 691 35.51 -4.56 -9.30
N GLU A 692 35.98 -5.63 -8.67
CA GLU A 692 37.02 -6.45 -9.29
C GLU A 692 36.46 -7.29 -10.43
N LYS A 693 35.15 -7.52 -10.45
CA LYS A 693 34.53 -8.30 -11.51
C LYS A 693 33.73 -7.39 -12.45
N LYS A 725 27.64 -7.76 -12.54
CA LYS A 725 27.07 -9.00 -12.04
C LYS A 725 26.50 -8.78 -10.63
N ASP A 726 25.34 -9.37 -10.37
CA ASP A 726 24.67 -9.23 -9.09
C ASP A 726 25.07 -10.34 -8.15
N ILE A 727 25.24 -10.00 -6.87
CA ILE A 727 25.62 -10.94 -5.83
C ILE A 727 24.52 -10.95 -4.78
N TYR A 728 24.01 -12.13 -4.47
CA TYR A 728 22.96 -12.29 -3.46
C TYR A 728 23.60 -12.60 -2.11
N LEU A 729 23.09 -11.97 -1.07
CA LEU A 729 23.70 -12.07 0.26
C LEU A 729 22.66 -11.79 1.32
N LEU A 730 23.02 -12.12 2.56
CA LEU A 730 22.27 -11.73 3.75
C LEU A 730 23.14 -10.74 4.53
N LYS A 731 22.60 -9.56 4.78
CA LYS A 731 23.39 -8.50 5.40
C LYS A 731 23.85 -8.89 6.80
N GLY A 732 25.06 -8.49 7.15
CA GLY A 732 25.61 -8.80 8.46
C GLY A 732 24.80 -8.23 9.61
N GLU A 733 24.03 -7.16 9.35
CA GLU A 733 23.12 -6.64 10.37
C GLU A 733 22.09 -7.68 10.76
N SER A 734 21.56 -8.42 9.79
CA SER A 734 20.60 -9.46 10.09
C SER A 734 21.21 -10.56 10.95
N PHE A 735 22.44 -10.97 10.64
CA PHE A 735 23.09 -12.00 11.45
C PHE A 735 23.36 -11.50 12.86
N ARG A 736 23.78 -10.23 13.00
CA ARG A 736 23.99 -9.67 14.33
C ARG A 736 22.70 -9.62 15.13
N GLY A 737 21.60 -9.23 14.48
CA GLY A 737 20.32 -9.23 15.16
C GLY A 737 19.88 -10.62 15.57
N MET A 738 20.11 -11.61 14.71
CA MET A 738 19.77 -12.99 15.05
C MET A 738 20.58 -13.47 16.25
N LEU A 739 21.88 -13.18 16.26
CA LEU A 739 22.71 -13.61 17.38
C LEU A 739 22.27 -12.95 18.67
N ARG A 740 21.99 -11.64 18.62
CA ARG A 740 21.55 -10.94 19.82
C ARG A 740 20.22 -11.48 20.33
N THR A 741 19.28 -11.73 19.42
CA THR A 741 17.99 -12.26 19.82
C THR A 741 18.13 -13.66 20.42
N ALA A 742 18.98 -14.51 19.83
CA ALA A 742 19.19 -15.84 20.36
C ALA A 742 19.78 -15.78 21.77
N VAL A 743 20.80 -14.92 21.97
CA VAL A 743 21.42 -14.80 23.27
C VAL A 743 20.42 -14.29 24.30
N GLY A 744 19.64 -13.26 23.94
CA GLY A 744 18.65 -12.72 24.86
C GLY A 744 17.57 -13.72 25.22
N ARG A 745 17.09 -14.48 24.24
CA ARG A 745 16.08 -15.50 24.51
C ARG A 745 16.64 -16.60 25.40
N GLY A 746 17.89 -17.02 25.15
CA GLY A 746 18.47 -18.07 25.97
C GLY A 746 18.72 -17.63 27.40
N GLU A 747 19.12 -16.38 27.60
CA GLU A 747 19.46 -15.88 28.92
C GLU A 747 18.37 -15.00 29.53
N ASN A 748 17.25 -14.81 28.85
CA ASN A 748 16.11 -14.02 29.36
C ASN A 748 16.54 -12.60 29.72
N LEU A 749 17.32 -11.97 28.83
CA LEU A 749 17.78 -10.60 29.03
C LEU A 749 17.23 -9.64 28.00
N LEU A 750 16.21 -10.05 27.23
CA LEU A 750 15.70 -9.23 26.14
C LEU A 750 14.82 -8.08 26.61
N LEU A 751 14.35 -8.10 27.85
CA LEU A 751 13.46 -7.07 28.35
C LEU A 751 14.04 -6.26 29.50
N ARG A 752 15.18 -6.66 30.06
CA ARG A 752 15.79 -5.91 31.15
C ARG A 752 16.26 -4.54 30.69
N GLU A 753 16.10 -3.54 31.55
CA GLU A 753 16.62 -2.21 31.26
C GLU A 753 18.13 -2.25 31.15
N HIS A 754 18.66 -1.63 30.10
CA HIS A 754 20.08 -1.73 29.76
C HIS A 754 20.81 -0.41 29.96
N GLU A 755 20.46 0.33 31.01
CA GLU A 755 21.18 1.54 31.40
C GLU A 755 22.03 1.20 32.62
N ASP A 756 23.35 1.18 32.43
CA ASP A 756 24.30 0.75 33.46
C ASP A 756 23.94 -0.66 33.92
N CYS A 757 24.06 -1.61 32.99
CA CYS A 757 23.65 -2.99 33.22
C CYS A 757 24.83 -3.95 33.32
N SER A 758 25.73 -3.93 32.33
CA SER A 758 26.91 -4.80 32.33
C SER A 758 26.54 -6.27 32.43
N CYS A 759 25.48 -6.66 31.73
CA CYS A 759 25.09 -8.06 31.64
C CYS A 759 25.80 -8.70 30.44
N THR A 760 25.48 -9.96 30.14
CA THR A 760 26.09 -10.62 28.99
C THR A 760 25.71 -9.92 27.68
N LEU A 761 24.44 -9.55 27.54
CA LEU A 761 24.00 -8.88 26.32
C LEU A 761 24.64 -7.51 26.18
N CYS A 762 24.74 -6.75 27.27
CA CYS A 762 25.39 -5.45 27.25
C CYS A 762 26.91 -5.53 27.15
N ARG A 763 27.48 -6.72 27.30
CA ARG A 763 28.92 -6.92 27.16
C ARG A 763 29.32 -7.40 25.77
N ILE A 764 28.58 -8.35 25.20
CA ILE A 764 28.89 -8.83 23.86
C ILE A 764 28.60 -7.76 22.82
N PHE A 765 27.43 -7.13 22.91
CA PHE A 765 26.97 -6.20 21.89
C PHE A 765 26.95 -4.75 22.34
N GLY A 766 27.15 -4.47 23.62
CA GLY A 766 27.22 -3.12 24.09
C GLY A 766 25.84 -2.47 24.23
N ASN A 767 25.82 -1.34 24.91
CA ASN A 767 24.61 -0.55 25.13
C ASN A 767 24.79 0.83 24.51
N GLU A 768 23.86 1.74 24.81
CA GLU A 768 23.91 3.08 24.26
C GLU A 768 25.18 3.82 24.66
N HIS A 769 25.61 3.67 25.92
CA HIS A 769 26.74 4.40 26.45
C HIS A 769 28.07 3.67 26.31
N ASN A 770 28.07 2.50 25.66
CA ASN A 770 29.30 1.74 25.47
C ASN A 770 29.36 1.27 24.02
N ALA A 771 30.33 0.42 23.72
CA ALA A 771 30.55 -0.09 22.38
C ALA A 771 30.49 -1.61 22.40
N GLY A 772 30.51 -2.21 21.21
CA GLY A 772 30.45 -3.65 21.08
C GLY A 772 31.81 -4.28 20.90
N LYS A 773 31.90 -5.55 21.26
CA LYS A 773 33.14 -6.31 21.20
C LYS A 773 33.18 -7.29 20.04
N ILE A 774 32.19 -7.26 19.15
CA ILE A 774 32.06 -8.24 18.08
C ILE A 774 31.79 -7.51 16.76
N ARG A 775 32.40 -8.01 15.69
CA ARG A 775 32.21 -7.49 14.34
C ARG A 775 31.72 -8.62 13.44
N VAL A 776 30.60 -8.39 12.77
CA VAL A 776 29.95 -9.41 11.94
C VAL A 776 30.05 -8.98 10.48
N GLU A 777 30.67 -9.82 9.67
CA GLU A 777 30.79 -9.55 8.24
C GLU A 777 29.62 -10.15 7.47
N ASP A 778 29.44 -9.67 6.24
CA ASP A 778 28.33 -10.12 5.41
C ASP A 778 28.51 -11.57 5.00
N PHE A 779 27.39 -12.25 4.75
CA PHE A 779 27.37 -13.65 4.34
C PHE A 779 27.02 -13.71 2.87
N ILE A 780 27.99 -14.14 2.06
CA ILE A 780 27.88 -14.14 0.60
C ILE A 780 27.60 -15.55 0.11
N ILE A 781 26.57 -15.70 -0.73
CA ILE A 781 26.25 -16.99 -1.30
C ILE A 781 27.33 -17.39 -2.29
N GLN A 782 27.76 -18.64 -2.22
CA GLN A 782 28.80 -19.18 -3.09
C GLN A 782 28.16 -20.09 -4.13
N GLY A 783 28.52 -19.87 -5.40
CA GLY A 783 28.00 -20.67 -6.50
C GLY A 783 27.32 -19.80 -7.54
N GLU A 784 26.34 -20.38 -8.23
CA GLU A 784 25.57 -19.70 -9.27
C GLU A 784 24.09 -19.84 -8.95
N PRO A 785 23.58 -19.03 -8.02
CA PRO A 785 22.16 -19.13 -7.66
C PRO A 785 21.25 -18.66 -8.78
N ARG A 786 20.02 -19.17 -8.74
CA ARG A 786 18.98 -18.81 -9.69
C ARG A 786 17.68 -18.53 -8.96
N THR A 787 16.86 -17.67 -9.52
CA THR A 787 15.61 -17.24 -8.91
C THR A 787 14.41 -17.92 -9.57
N LYS A 788 13.23 -17.69 -8.99
CA LYS A 788 12.00 -18.26 -9.48
C LYS A 788 10.85 -17.33 -9.10
N LEU A 789 9.76 -17.40 -9.87
CA LEU A 789 8.57 -16.61 -9.62
C LEU A 789 7.58 -17.44 -8.80
N VAL A 790 7.21 -16.94 -7.63
CA VAL A 790 6.27 -17.61 -6.73
C VAL A 790 5.05 -16.70 -6.56
N ASP A 791 3.88 -17.26 -6.78
CA ASP A 791 2.62 -16.51 -6.73
C ASP A 791 1.84 -16.85 -5.47
N ARG A 792 1.06 -15.87 -5.01
CA ARG A 792 0.24 -16.03 -3.82
C ARG A 792 -1.05 -15.23 -3.99
N VAL A 793 -2.05 -15.57 -3.18
CA VAL A 793 -3.33 -14.89 -3.21
C VAL A 793 -4.05 -15.16 -1.90
N ALA A 794 -4.98 -14.29 -1.54
CA ALA A 794 -5.80 -14.45 -0.35
C ALA A 794 -7.19 -14.92 -0.77
N ILE A 795 -7.69 -15.96 -0.10
CA ILE A 795 -8.96 -16.58 -0.45
C ILE A 795 -9.98 -16.23 0.63
N ASP A 796 -11.11 -15.66 0.20
CA ASP A 796 -12.19 -15.36 1.13
C ASP A 796 -12.78 -16.64 1.69
N ARG A 797 -13.27 -16.55 2.93
CA ARG A 797 -13.85 -17.72 3.59
C ARG A 797 -15.35 -17.83 3.39
N PHE A 798 -16.04 -16.76 3.01
CA PHE A 798 -17.46 -16.85 2.70
C PHE A 798 -17.67 -17.41 1.30
N THR A 799 -17.13 -16.74 0.29
CA THR A 799 -17.17 -17.20 -1.09
C THR A 799 -15.75 -17.66 -1.43
N ALA A 800 -15.54 -18.97 -1.50
CA ALA A 800 -14.22 -19.52 -1.78
C ALA A 800 -13.76 -19.05 -3.15
N GLY A 801 -12.64 -18.34 -3.18
CA GLY A 801 -12.13 -17.72 -4.38
C GLY A 801 -11.45 -16.43 -3.99
N ALA A 802 -10.57 -15.94 -4.87
CA ALA A 802 -9.79 -14.75 -4.57
C ALA A 802 -10.70 -13.56 -4.30
N LYS A 803 -10.40 -12.84 -3.21
CA LYS A 803 -11.18 -11.66 -2.85
C LYS A 803 -11.09 -10.58 -3.91
N ASP A 804 -9.88 -10.27 -4.36
CA ASP A 804 -9.66 -9.32 -5.45
C ASP A 804 -8.25 -9.53 -5.99
N LYS A 805 -7.76 -8.58 -6.79
CA LYS A 805 -6.43 -8.71 -7.40
C LYS A 805 -5.35 -8.49 -6.33
N PHE A 806 -5.13 -9.53 -5.54
CA PHE A 806 -4.06 -9.57 -4.55
C PHE A 806 -2.93 -10.51 -4.94
N LYS A 807 -2.65 -10.65 -6.24
CA LYS A 807 -1.52 -11.47 -6.67
C LYS A 807 -0.22 -10.89 -6.14
N PHE A 808 0.56 -11.73 -5.45
CA PHE A 808 1.80 -11.32 -4.82
C PHE A 808 2.95 -12.11 -5.42
N ASP A 809 3.98 -11.41 -5.89
CA ASP A 809 5.10 -12.03 -6.57
C ASP A 809 6.38 -11.86 -5.76
N ALA A 810 7.26 -12.85 -5.90
CA ALA A 810 8.56 -12.81 -5.24
C ALA A 810 9.56 -13.58 -6.10
N ALA A 811 10.84 -13.32 -5.87
CA ALA A 811 11.92 -13.95 -6.61
C ALA A 811 12.94 -14.53 -5.64
N PRO A 812 12.60 -15.61 -4.96
CA PRO A 812 13.56 -16.24 -4.06
C PRO A 812 14.58 -17.07 -4.82
N ILE A 813 15.74 -17.26 -4.19
CA ILE A 813 16.76 -18.15 -4.72
C ILE A 813 16.34 -19.58 -4.41
N VAL A 814 16.27 -20.42 -5.44
CA VAL A 814 15.76 -21.77 -5.26
C VAL A 814 16.73 -22.60 -4.45
N GLY A 815 16.24 -23.20 -3.38
CA GLY A 815 17.04 -24.09 -2.55
C GLY A 815 16.31 -25.36 -2.21
N THR A 816 17.01 -26.49 -2.30
CA THR A 816 16.42 -27.81 -2.11
C THR A 816 17.30 -28.61 -1.15
N PRO A 817 16.72 -29.51 -0.36
CA PRO A 817 17.55 -30.37 0.49
C PRO A 817 18.65 -31.10 -0.26
N THR A 818 18.40 -31.50 -1.51
CA THR A 818 19.45 -32.14 -2.30
C THR A 818 20.45 -31.12 -2.84
N ASN A 819 20.00 -29.91 -3.18
CA ASN A 819 20.86 -28.86 -3.72
C ASN A 819 20.78 -27.66 -2.78
N LYS A 820 21.62 -27.66 -1.75
CA LYS A 820 21.56 -26.64 -0.72
C LYS A 820 22.28 -25.36 -1.16
N LEU A 821 22.04 -24.29 -0.41
CA LEU A 821 22.70 -23.01 -0.62
C LEU A 821 23.72 -22.80 0.49
N LYS A 822 24.95 -22.45 0.12
CA LYS A 822 26.04 -22.32 1.06
C LYS A 822 26.33 -20.84 1.32
N PHE A 823 26.38 -20.46 2.60
CA PHE A 823 26.68 -19.11 3.02
C PHE A 823 28.03 -19.10 3.72
N ARG A 824 28.88 -18.13 3.37
CA ARG A 824 30.19 -17.98 3.98
C ARG A 824 30.35 -16.56 4.51
N GLY A 825 30.93 -16.45 5.69
CA GLY A 825 31.12 -15.15 6.31
C GLY A 825 32.14 -15.25 7.42
N ASN A 826 32.48 -14.09 7.99
CA ASN A 826 33.49 -13.99 9.03
C ASN A 826 32.91 -13.25 10.23
N ILE A 827 33.38 -13.61 11.42
CA ILE A 827 33.02 -12.94 12.67
C ILE A 827 34.30 -12.63 13.43
N TRP A 828 34.46 -11.39 13.86
CA TRP A 828 35.64 -10.93 14.58
C TRP A 828 35.26 -10.62 16.02
N ILE A 829 36.03 -11.16 16.96
CA ILE A 829 35.79 -10.97 18.39
C ILE A 829 37.07 -10.47 19.04
N HIS A 830 36.92 -9.54 19.98
CA HIS A 830 38.08 -9.00 20.69
C HIS A 830 38.70 -10.04 21.59
N ARG A 831 40.00 -9.90 21.83
CA ARG A 831 40.72 -10.84 22.69
C ARG A 831 40.44 -10.60 24.16
N ASP A 832 39.79 -9.50 24.52
CA ASP A 832 39.52 -9.17 25.92
C ASP A 832 38.15 -9.66 26.39
N LEU A 833 37.39 -10.33 25.52
CA LEU A 833 36.09 -10.85 25.93
C LEU A 833 36.26 -11.97 26.94
N ASP A 834 35.44 -11.94 27.99
CA ASP A 834 35.54 -12.92 29.06
C ASP A 834 34.96 -14.26 28.61
N GLY A 835 35.10 -15.27 29.48
CA GLY A 835 34.71 -16.62 29.10
C GLY A 835 33.21 -16.79 28.89
N LEU A 836 32.41 -16.21 29.79
CA LEU A 836 30.96 -16.42 29.73
C LEU A 836 30.37 -15.90 28.43
N ALA A 837 30.84 -14.74 27.98
CA ALA A 837 30.36 -14.20 26.70
C ALA A 837 30.70 -15.12 25.54
N CYS A 838 31.92 -15.69 25.55
CA CYS A 838 32.31 -16.61 24.49
C CYS A 838 31.46 -17.87 24.52
N GLU A 839 31.16 -18.40 25.71
CA GLU A 839 30.31 -19.58 25.79
C GLU A 839 28.90 -19.28 25.29
N SER A 840 28.37 -18.10 25.63
CA SER A 840 27.06 -17.72 25.13
C SER A 840 27.06 -17.59 23.61
N LEU A 841 28.13 -17.01 23.05
CA LEU A 841 28.24 -16.91 21.59
C LEU A 841 28.29 -18.28 20.95
N LYS A 842 29.05 -19.22 21.53
CA LYS A 842 29.11 -20.57 20.98
C LYS A 842 27.76 -21.26 21.04
N LEU A 843 27.04 -21.10 22.15
CA LEU A 843 25.71 -21.69 22.26
C LEU A 843 24.75 -21.10 21.24
N ALA A 844 24.81 -19.78 21.03
CA ALA A 844 23.96 -19.15 20.03
C ALA A 844 24.29 -19.64 18.62
N LEU A 845 25.58 -19.79 18.32
CA LEU A 845 25.97 -20.31 17.01
C LEU A 845 25.46 -21.73 16.81
N GLU A 846 25.56 -22.57 17.84
CA GLU A 846 25.05 -23.94 17.74
C GLU A 846 23.54 -23.94 17.55
N ASP A 847 22.83 -23.07 18.26
CA ASP A 847 21.37 -22.99 18.10
C ASP A 847 21.00 -22.55 16.69
N ILE A 848 21.74 -21.59 16.13
CA ILE A 848 21.46 -21.13 14.77
C ILE A 848 21.75 -22.24 13.76
N GLU A 849 22.87 -22.95 13.92
CA GLU A 849 23.22 -24.01 12.98
C GLU A 849 22.25 -25.19 13.08
N ASN A 850 21.66 -25.41 14.26
CA ASN A 850 20.73 -26.53 14.40
C ASN A 850 19.44 -26.30 13.62
N GLY A 851 19.03 -25.03 13.45
CA GLY A 851 17.86 -24.74 12.66
C GLY A 851 16.75 -24.04 13.43
N LEU A 852 17.11 -23.34 14.50
CA LEU A 852 16.12 -22.64 15.31
C LEU A 852 15.76 -21.27 14.75
N TYR A 853 16.52 -20.75 13.79
CA TYR A 853 16.23 -19.42 13.27
C TYR A 853 16.35 -19.40 11.75
N PRO A 854 15.25 -19.16 11.04
CA PRO A 854 15.31 -19.08 9.58
C PRO A 854 15.98 -17.80 9.11
N PHE A 855 16.51 -17.86 7.89
CA PHE A 855 17.16 -16.70 7.27
C PHE A 855 16.14 -15.93 6.45
N GLY A 856 16.10 -14.61 6.66
CA GLY A 856 15.24 -13.77 5.87
C GLY A 856 13.78 -13.89 6.26
N GLY A 857 12.93 -13.31 5.42
CA GLY A 857 11.50 -13.28 5.65
C GLY A 857 10.79 -14.53 5.15
N LEU A 858 9.47 -14.51 5.35
CA LEU A 858 8.59 -15.61 4.94
C LEU A 858 9.02 -16.94 5.56
N GLY A 859 9.50 -16.88 6.80
CA GLY A 859 9.94 -18.09 7.49
C GLY A 859 8.82 -19.00 7.92
N ASN A 860 7.61 -18.46 8.09
CA ASN A 860 6.47 -19.27 8.50
C ASN A 860 5.84 -20.02 7.33
N ALA A 861 6.28 -19.76 6.10
CA ALA A 861 5.78 -20.48 4.93
C ALA A 861 6.79 -21.48 4.38
N GLY A 862 7.85 -21.78 5.14
CA GLY A 862 8.83 -22.75 4.73
C GLY A 862 10.04 -22.20 4.02
N PHE A 863 10.19 -20.90 3.92
CA PHE A 863 11.33 -20.30 3.24
C PHE A 863 12.52 -20.18 4.17
N GLY A 864 13.71 -20.52 3.64
CA GLY A 864 14.95 -20.35 4.36
C GLY A 864 15.10 -21.20 5.61
N TRP A 865 14.74 -22.48 5.51
CA TRP A 865 14.84 -23.40 6.64
C TRP A 865 16.23 -24.04 6.68
N VAL A 866 16.79 -24.14 7.88
CA VAL A 866 18.12 -24.70 8.08
C VAL A 866 17.96 -26.11 8.64
N ASN A 867 18.73 -27.05 8.09
CA ASN A 867 18.71 -28.46 8.51
C ASN A 867 17.32 -29.06 8.36
N TYR A 868 16.86 -29.12 7.11
CA TYR A 868 15.53 -29.62 6.77
C TYR A 868 15.69 -30.77 5.78
N ASN A 869 15.67 -32.00 6.31
CA ASN A 869 15.76 -33.22 5.49
C ASN A 869 14.61 -34.13 5.88
N PRO A 870 13.40 -33.87 5.38
CA PRO A 870 12.24 -34.67 5.79
C PRO A 870 12.29 -36.11 5.30
N LEU A 871 13.14 -36.43 4.33
CA LEU A 871 13.20 -37.75 3.74
C LEU A 871 14.11 -38.71 4.51
N SER A 872 14.75 -38.25 5.58
CA SER A 872 15.59 -39.13 6.37
C SER A 872 14.77 -40.15 7.15
N HIS A 873 13.59 -39.76 7.61
CA HIS A 873 12.73 -40.68 8.35
C HIS A 873 12.18 -41.77 7.41
N PRO A 874 11.95 -42.98 7.93
CA PRO A 874 11.43 -44.08 7.11
C PRO A 874 9.91 -44.06 6.97
N ALA A 875 9.37 -42.92 6.52
CA ALA A 875 7.95 -42.72 6.30
C ALA A 875 7.14 -42.88 7.59
N GLN A 876 5.85 -42.54 7.53
CA GLN A 876 4.96 -42.60 8.70
C GLN A 876 3.90 -43.64 8.42
N GLU A 877 4.18 -44.89 8.80
CA GLU A 877 3.20 -45.96 8.69
C GLU A 877 2.08 -45.74 9.70
N GLU A 878 0.85 -46.10 9.29
CA GLU A 878 -0.37 -46.01 10.10
C GLU A 878 -0.45 -44.69 10.87
N ASN A 879 -1.05 -44.72 12.06
CA ASN A 879 -1.22 -43.53 12.87
C ASN A 879 -0.95 -43.86 14.33
N LYS A 880 -0.34 -42.92 15.04
CA LYS A 880 -0.12 -43.03 16.47
C LYS A 880 -0.74 -41.82 17.17
N ALA A 881 -1.05 -42.01 18.46
CA ALA A 881 -1.72 -40.99 19.26
C ALA A 881 -3.06 -40.60 18.62
N ASP A 882 -3.89 -41.62 18.41
CA ASP A 882 -5.17 -41.44 17.73
C ASP A 882 -6.31 -41.45 18.74
N PHE A 883 -7.20 -40.47 18.63
CA PHE A 883 -8.37 -40.39 19.50
C PHE A 883 -9.53 -39.85 18.68
N SER A 884 -10.74 -40.16 19.14
CA SER A 884 -11.97 -39.80 18.44
C SER A 884 -12.66 -38.65 19.16
N LEU A 885 -12.73 -37.50 18.49
CA LEU A 885 -13.44 -36.36 19.06
C LEU A 885 -14.94 -36.51 18.94
N THR A 886 -15.42 -37.16 17.88
CA THR A 886 -16.86 -37.33 17.69
C THR A 886 -17.46 -38.26 18.75
N LYS A 887 -16.75 -39.34 19.08
CA LYS A 887 -17.28 -40.31 20.03
C LYS A 887 -17.31 -39.75 21.45
N LYS A 888 -16.21 -39.14 21.88
CA LYS A 888 -16.14 -38.62 23.24
C LYS A 888 -17.04 -37.41 23.45
N MET A 889 -17.43 -36.73 22.38
CA MET A 889 -18.34 -35.59 22.48
C MET A 889 -19.77 -35.97 22.07
N GLU A 890 -20.04 -37.28 21.98
CA GLU A 890 -21.35 -37.83 21.59
C GLU A 890 -21.99 -37.04 20.44
N LEU A 891 -21.26 -36.97 19.33
CA LEU A 891 -21.81 -36.40 18.10
C LEU A 891 -22.58 -37.46 17.34
N ASN A 892 -23.84 -37.16 17.01
CA ASN A 892 -24.63 -38.08 16.21
C ASN A 892 -24.04 -38.26 14.83
N TRP A 893 -23.60 -37.16 14.21
CA TRP A 893 -22.88 -37.16 12.94
C TRP A 893 -23.79 -37.52 11.78
N SER A 894 -25.01 -37.96 12.08
CA SER A 894 -26.03 -38.30 11.08
C SER A 894 -25.42 -39.15 9.95
N MET A 895 -25.00 -40.37 10.34
CA MET A 895 -24.32 -41.26 9.40
C MET A 895 -25.13 -41.43 8.11
N LYS A 896 -26.45 -41.58 8.24
CA LYS A 896 -27.42 -41.56 7.13
C LYS A 896 -27.07 -42.53 6.02
N GLU A 897 -27.74 -42.40 4.88
CA GLU A 897 -27.47 -43.22 3.70
C GLU A 897 -27.78 -42.39 2.46
N LEU A 898 -26.98 -42.59 1.42
CA LEU A 898 -27.06 -41.79 0.20
C LEU A 898 -27.88 -42.52 -0.86
N SER A 899 -28.53 -41.74 -1.72
CA SER A 899 -29.39 -42.26 -2.77
C SER A 899 -28.79 -41.96 -4.14
N THR A 900 -28.87 -42.94 -5.03
CA THR A 900 -28.29 -42.81 -6.37
C THR A 900 -29.15 -41.97 -7.30
N ASP A 901 -30.45 -41.86 -7.06
CA ASP A 901 -31.38 -41.23 -7.98
C ASP A 901 -31.53 -39.72 -7.77
N LYS A 902 -30.52 -39.08 -7.18
CA LYS A 902 -30.54 -37.63 -6.99
C LYS A 902 -29.20 -37.04 -7.39
N ILE A 903 -29.22 -35.78 -7.79
CA ILE A 903 -28.02 -35.04 -8.15
C ILE A 903 -27.81 -33.96 -7.10
N TYR A 904 -26.64 -33.94 -6.49
CA TYR A 904 -26.35 -33.10 -5.33
C TYR A 904 -25.56 -31.87 -5.72
N TRP A 905 -25.60 -30.87 -4.83
CA TRP A 905 -24.84 -29.66 -5.04
C TRP A 905 -23.34 -29.90 -4.84
N PRO A 906 -22.48 -29.18 -5.56
CA PRO A 906 -21.04 -29.33 -5.36
C PRO A 906 -20.50 -28.62 -4.11
N HIS A 907 -21.27 -27.70 -3.52
CA HIS A 907 -20.82 -27.00 -2.33
C HIS A 907 -22.03 -26.59 -1.50
N TYR A 908 -21.81 -26.45 -0.20
CA TYR A 908 -22.83 -26.01 0.75
C TYR A 908 -22.25 -24.91 1.63
N PHE A 909 -23.05 -24.44 2.58
CA PHE A 909 -22.64 -23.38 3.49
C PHE A 909 -22.78 -23.86 4.93
N LEU A 910 -21.77 -23.55 5.75
CA LEU A 910 -21.74 -23.99 7.14
C LEU A 910 -22.13 -22.82 8.05
N PRO A 911 -23.21 -22.92 8.81
CA PRO A 911 -23.64 -21.79 9.63
C PRO A 911 -22.67 -21.46 10.74
N PHE A 912 -22.65 -20.19 11.14
CA PHE A 912 -21.74 -19.73 12.18
C PHE A 912 -22.18 -20.23 13.54
N GLY A 913 -21.30 -20.09 14.51
CA GLY A 913 -21.55 -20.51 15.88
C GLY A 913 -22.18 -19.41 16.72
N LYS A 914 -21.93 -19.48 18.02
CA LYS A 914 -22.53 -18.54 18.96
C LYS A 914 -21.50 -17.85 19.85
N LYS A 915 -20.45 -18.55 20.25
CA LYS A 915 -19.45 -18.03 21.18
C LYS A 915 -18.10 -17.97 20.50
N VAL A 916 -17.45 -16.81 20.58
CA VAL A 916 -16.08 -16.61 20.11
C VAL A 916 -15.23 -16.26 21.32
N LEU A 917 -14.21 -17.07 21.59
CA LEU A 917 -13.40 -16.96 22.81
C LEU A 917 -12.12 -16.21 22.47
N ARG A 918 -12.05 -14.94 22.88
CA ARG A 918 -10.90 -14.10 22.60
C ARG A 918 -10.08 -13.88 23.87
N GLU A 919 -8.82 -13.47 23.68
CA GLU A 919 -7.89 -13.28 24.78
C GLU A 919 -7.10 -11.99 24.54
N LYS A 920 -6.96 -11.19 25.59
CA LYS A 920 -6.27 -9.90 25.45
C LYS A 920 -4.77 -10.07 25.32
N THR A 921 -4.17 -10.98 26.10
CA THR A 921 -2.72 -11.13 26.16
C THR A 921 -2.29 -12.49 25.66
N PRO A 922 -1.84 -12.61 24.42
CA PRO A 922 -1.29 -13.88 23.94
C PRO A 922 0.10 -14.11 24.49
N PRO A 923 0.64 -15.33 24.39
CA PRO A 923 2.02 -15.56 24.81
C PRO A 923 3.00 -14.72 24.01
N SER A 924 4.05 -14.26 24.69
CA SER A 924 5.02 -13.36 24.09
C SER A 924 6.10 -14.15 23.35
N HIS A 925 7.00 -13.42 22.67
CA HIS A 925 8.09 -14.02 21.93
C HIS A 925 9.46 -13.79 22.56
N ALA A 926 9.59 -12.82 23.47
CA ALA A 926 10.88 -12.45 24.02
C ALA A 926 11.41 -13.43 25.05
N CYS A 927 10.60 -14.39 25.49
CA CYS A 927 11.01 -15.37 26.49
C CYS A 927 10.84 -16.77 25.93
N ILE A 928 11.86 -17.60 26.12
CA ILE A 928 11.80 -18.97 25.61
C ILE A 928 10.77 -19.79 26.36
N ASP A 929 10.64 -19.58 27.67
CA ASP A 929 9.71 -20.35 28.49
C ASP A 929 9.46 -19.59 29.79
N GLU A 930 8.22 -19.17 29.99
CA GLU A 930 7.81 -18.53 31.24
C GLU A 930 6.43 -19.08 31.63
N ASN A 931 6.40 -19.92 32.66
CA ASN A 931 5.16 -20.56 33.10
C ASN A 931 4.36 -19.62 34.00
N GLU A 932 3.99 -18.47 33.44
CA GLU A 932 3.20 -17.49 34.18
C GLU A 932 1.80 -18.03 34.47
N ASP A 933 1.18 -18.70 33.49
CA ASP A 933 -0.17 -19.21 33.66
C ASP A 933 -0.26 -20.69 33.32
N SER A 934 0.58 -21.14 32.40
CA SER A 934 0.54 -22.53 31.94
C SER A 934 1.90 -22.92 31.43
N GLU A 935 2.05 -24.20 31.07
CA GLU A 935 3.30 -24.72 30.56
C GLU A 935 3.35 -24.55 29.04
N LEU A 936 4.51 -24.12 28.55
CA LEU A 936 4.70 -23.82 27.14
C LEU A 936 5.71 -24.79 26.54
N TYR A 937 5.39 -25.35 25.38
CA TYR A 937 6.23 -26.31 24.69
C TYR A 937 6.74 -25.72 23.38
N SER A 938 7.69 -26.43 22.76
CA SER A 938 8.24 -26.01 21.48
C SER A 938 8.94 -27.20 20.85
N GLY A 939 8.68 -27.44 19.56
CA GLY A 939 9.29 -28.56 18.87
C GLY A 939 8.90 -28.68 17.41
N LYS A 940 8.80 -29.92 16.92
CA LYS A 940 8.45 -30.17 15.53
C LYS A 940 7.59 -31.42 15.45
N ILE A 941 6.78 -31.50 14.40
CA ILE A 941 5.88 -32.63 14.17
C ILE A 941 6.16 -33.18 12.77
N VAL A 942 6.28 -34.50 12.66
CA VAL A 942 6.54 -35.16 11.39
C VAL A 942 5.22 -35.61 10.79
N CYS A 943 5.02 -35.29 9.51
CA CYS A 943 3.77 -35.59 8.82
C CYS A 943 4.07 -36.22 7.47
N THR A 944 3.03 -36.81 6.87
CA THR A 944 3.12 -37.46 5.57
C THR A 944 1.82 -37.23 4.83
N LEU A 945 1.90 -36.97 3.52
CA LEU A 945 0.74 -36.65 2.72
C LEU A 945 0.63 -37.61 1.54
N GLU A 946 -0.59 -38.07 1.27
CA GLU A 946 -0.87 -38.86 0.08
C GLU A 946 -2.24 -38.42 -0.47
N THR A 947 -2.42 -38.67 -1.77
CA THR A 947 -3.59 -38.19 -2.50
C THR A 947 -4.55 -39.35 -2.79
N ARG A 948 -5.82 -39.15 -2.48
CA ARG A 948 -6.85 -40.12 -2.83
C ARG A 948 -7.40 -39.89 -4.23
N THR A 949 -7.33 -38.64 -4.72
CA THR A 949 -7.77 -38.23 -6.04
C THR A 949 -6.66 -37.41 -6.67
N PRO A 950 -6.66 -37.28 -8.01
CA PRO A 950 -5.60 -36.50 -8.66
C PRO A 950 -5.53 -35.07 -8.13
N LEU A 951 -4.31 -34.57 -8.00
CA LEU A 951 -4.04 -33.26 -7.44
C LEU A 951 -3.51 -32.33 -8.53
N ILE A 952 -3.91 -31.06 -8.47
CA ILE A 952 -3.51 -30.06 -9.45
C ILE A 952 -2.90 -28.88 -8.69
N ILE A 953 -1.61 -28.66 -8.87
CA ILE A 953 -0.91 -27.50 -8.32
C ILE A 953 -0.21 -26.78 -9.46
N PRO A 954 -0.85 -25.79 -10.08
CA PRO A 954 -0.25 -25.16 -11.26
C PRO A 954 1.01 -24.37 -10.93
N ASP A 955 1.88 -24.27 -11.93
CA ASP A 955 3.12 -23.53 -11.81
C ASP A 955 2.91 -22.09 -12.27
N SER A 956 3.99 -21.30 -12.27
CA SER A 956 3.96 -19.91 -12.69
C SER A 956 4.38 -19.72 -14.14
N GLU A 957 4.81 -20.77 -14.82
CA GLU A 957 5.26 -20.69 -16.20
C GLU A 957 4.31 -21.50 -17.09
N PHE A 958 4.02 -20.95 -18.27
CA PHE A 958 3.11 -21.58 -19.22
C PHE A 958 3.71 -21.54 -20.61
N GLN A 959 3.28 -22.49 -21.45
CA GLN A 959 3.75 -22.61 -22.83
C GLN A 959 2.53 -22.43 -23.75
N GLY A 960 2.38 -21.23 -24.28
CA GLY A 960 1.29 -20.96 -25.20
C GLY A 960 1.00 -19.48 -25.29
N GLU A 961 0.12 -19.14 -26.22
CA GLU A 961 -0.30 -17.76 -26.43
C GLU A 961 -1.82 -17.59 -26.39
N GLU A 962 -2.57 -18.56 -26.88
CA GLU A 962 -4.03 -18.55 -26.81
C GLU A 962 -4.57 -19.50 -25.75
N HIS A 963 -4.11 -20.74 -25.75
CA HIS A 963 -4.46 -21.73 -24.74
C HIS A 963 -3.21 -22.04 -23.94
N LYS A 964 -3.14 -21.53 -22.72
CA LYS A 964 -1.94 -21.65 -21.89
C LYS A 964 -1.95 -22.99 -21.18
N SER A 965 -1.01 -23.86 -21.54
CA SER A 965 -0.81 -25.11 -20.84
C SER A 965 0.11 -24.89 -19.64
N TYR A 966 -0.13 -25.65 -18.58
CA TYR A 966 0.60 -25.48 -17.34
C TYR A 966 1.23 -26.79 -16.91
N ASP A 967 2.33 -26.68 -16.17
CA ASP A 967 3.03 -27.81 -15.60
C ASP A 967 2.84 -27.83 -14.08
N PHE A 968 3.30 -28.90 -13.45
CA PHE A 968 3.19 -29.02 -12.01
C PHE A 968 4.24 -28.15 -11.32
N PHE A 969 3.94 -27.77 -10.08
CA PHE A 969 4.88 -26.98 -9.29
C PHE A 969 6.15 -27.78 -9.04
N ASN A 970 7.30 -27.13 -9.26
CA ASN A 970 8.57 -27.79 -9.07
C ASN A 970 9.64 -26.75 -8.77
N LEU A 971 10.72 -27.19 -8.14
CA LEU A 971 11.86 -26.35 -7.82
C LEU A 971 13.04 -26.85 -8.64
N ASN A 972 13.17 -26.33 -9.86
CA ASN A 972 14.24 -26.69 -10.80
C ASN A 972 14.25 -28.20 -11.07
N GLY A 973 13.11 -28.69 -11.56
CA GLY A 973 13.00 -30.08 -11.94
C GLY A 973 12.76 -31.05 -10.81
N GLU A 974 12.16 -30.60 -9.71
CA GLU A 974 11.84 -31.46 -8.57
C GLU A 974 10.45 -31.09 -8.07
N LEU A 975 9.50 -32.00 -8.23
CA LEU A 975 8.13 -31.72 -7.83
C LEU A 975 8.03 -31.60 -6.31
N CYS A 976 7.26 -30.60 -5.86
CA CYS A 976 7.09 -30.34 -4.44
C CYS A 976 5.80 -29.54 -4.25
N ILE A 977 5.34 -29.49 -3.00
CA ILE A 977 4.11 -28.80 -2.63
C ILE A 977 4.48 -27.63 -1.74
N PRO A 978 4.04 -26.41 -2.05
CA PRO A 978 4.33 -25.28 -1.17
C PRO A 978 3.59 -25.39 0.15
N GLY A 979 4.16 -24.78 1.19
CA GLY A 979 3.54 -24.77 2.49
C GLY A 979 2.38 -23.84 2.65
N SER A 980 2.21 -22.90 1.71
CA SER A 980 1.10 -21.94 1.80
C SER A 980 -0.25 -22.63 1.67
N GLU A 981 -0.36 -23.60 0.75
CA GLU A 981 -1.61 -24.32 0.57
C GLU A 981 -2.01 -25.08 1.83
N ILE A 982 -1.05 -25.79 2.42
CA ILE A 982 -1.31 -26.56 3.64
C ILE A 982 -1.68 -25.61 4.77
N ARG A 983 -0.94 -24.50 4.90
CA ARG A 983 -1.26 -23.50 5.91
C ARG A 983 -2.69 -23.02 5.76
N GLY A 984 -3.10 -22.69 4.53
CA GLY A 984 -4.44 -22.18 4.31
C GLY A 984 -5.53 -23.18 4.64
N MET A 985 -5.38 -24.43 4.18
CA MET A 985 -6.44 -25.40 4.42
C MET A 985 -6.53 -25.77 5.91
N ILE A 986 -5.37 -25.92 6.57
CA ILE A 986 -5.38 -26.23 7.99
C ILE A 986 -6.00 -25.08 8.78
N SER A 987 -5.65 -23.84 8.43
CA SER A 987 -6.24 -22.70 9.13
C SER A 987 -7.75 -22.66 8.94
N SER A 988 -8.23 -22.89 7.72
CA SER A 988 -9.67 -22.86 7.46
C SER A 988 -10.40 -23.91 8.27
N VAL A 989 -9.87 -25.14 8.30
CA VAL A 989 -10.44 -26.16 9.16
C VAL A 989 -10.37 -25.74 10.63
N PHE A 990 -9.35 -24.95 10.98
CA PHE A 990 -9.20 -24.51 12.37
C PHE A 990 -10.34 -23.57 12.78
N GLU A 991 -10.67 -22.56 11.96
CA GLU A 991 -11.81 -21.76 12.40
C GLU A 991 -13.13 -22.51 12.19
N ALA A 992 -13.13 -23.53 11.34
CA ALA A 992 -14.31 -24.38 11.24
C ALA A 992 -14.58 -25.09 12.57
N LEU A 993 -13.53 -25.63 13.19
CA LEU A 993 -13.69 -26.33 14.46
C LEU A 993 -13.87 -25.35 15.62
N THR A 994 -12.86 -24.51 15.88
CA THR A 994 -12.83 -23.72 17.10
C THR A 994 -13.78 -22.54 17.10
N ASN A 995 -14.56 -22.34 16.03
CA ASN A 995 -15.49 -21.22 15.93
C ASN A 995 -14.77 -19.88 16.09
N SER A 996 -13.64 -19.74 15.40
CA SER A 996 -12.89 -18.49 15.42
C SER A 996 -13.52 -17.48 14.47
N CYS A 997 -12.84 -16.36 14.29
CA CYS A 997 -13.33 -15.32 13.38
C CYS A 997 -13.06 -15.73 11.93
N MET A 998 -13.41 -14.83 11.02
CA MET A 998 -13.14 -15.00 9.60
C MET A 998 -11.88 -14.21 9.28
N ARG A 999 -10.75 -14.92 9.16
CA ARG A 999 -9.46 -14.23 9.04
C ARG A 999 -9.38 -13.42 7.75
N ILE A 1000 -9.91 -13.96 6.65
CA ILE A 1000 -10.02 -13.25 5.39
C ILE A 1000 -11.49 -13.07 5.08
N PHE A 1001 -11.91 -11.81 4.95
CA PHE A 1001 -13.33 -11.51 4.74
C PHE A 1001 -13.44 -10.15 4.06
N ASP A 1002 -14.24 -10.09 3.00
CA ASP A 1002 -14.47 -8.84 2.27
C ASP A 1002 -15.60 -8.07 2.94
N GLU A 1003 -15.27 -7.50 4.11
CA GLU A 1003 -16.24 -6.73 4.86
C GLU A 1003 -16.61 -5.42 4.17
N LYS A 1004 -15.82 -4.99 3.19
CA LYS A 1004 -16.04 -3.74 2.47
C LYS A 1004 -16.59 -4.05 1.09
N LYS A 1005 -17.90 -4.25 1.01
CA LYS A 1005 -18.56 -4.58 -0.25
C LYS A 1005 -20.06 -4.41 -0.08
N ARG A 1006 -20.69 -3.79 -1.07
CA ARG A 1006 -22.13 -3.54 -1.05
C ARG A 1006 -22.77 -4.22 -2.25
N LEU A 1007 -23.88 -4.93 -2.01
CA LEU A 1007 -24.57 -5.66 -3.06
C LEU A 1007 -25.48 -4.72 -3.85
N SER A 1008 -25.85 -5.18 -5.05
CA SER A 1008 -26.59 -4.35 -5.99
C SER A 1008 -27.99 -4.89 -6.29
N TRP A 1009 -28.09 -6.14 -6.73
CA TRP A 1009 -29.36 -6.75 -7.15
C TRP A 1009 -29.96 -6.00 -8.35
N ARG A 1010 -31.15 -6.41 -8.78
CA ARG A 1010 -31.81 -5.80 -9.93
C ARG A 1010 -33.28 -5.55 -9.63
N MET A 1011 -33.79 -4.41 -10.10
CA MET A 1011 -35.18 -4.06 -9.90
C MET A 1011 -36.09 -4.88 -10.80
N ASN A 1012 -37.14 -5.46 -10.23
CA ASN A 1012 -38.12 -6.17 -11.02
C ASN A 1012 -39.02 -5.19 -11.76
N PRO A 1013 -39.42 -5.50 -13.00
CA PRO A 1013 -40.31 -4.58 -13.73
C PRO A 1013 -41.61 -4.29 -13.00
N ASN A 1014 -42.19 -5.30 -12.34
CA ASN A 1014 -43.45 -5.12 -11.63
C ASN A 1014 -43.41 -5.95 -10.35
N LYS A 1015 -44.27 -5.57 -9.40
CA LYS A 1015 -44.35 -6.25 -8.12
C LYS A 1015 -45.65 -7.02 -8.00
N ASN A 1022 -48.75 -0.63 -1.45
CA ASN A 1022 -48.18 -1.66 -2.32
C ASN A 1022 -47.96 -1.10 -3.74
N ARG A 1023 -46.96 -0.23 -3.86
CA ARG A 1023 -46.63 0.39 -5.14
C ARG A 1023 -45.32 -0.21 -5.66
N ARG A 1024 -45.35 -0.68 -6.90
CA ARG A 1024 -44.16 -1.30 -7.49
C ARG A 1024 -43.05 -0.28 -7.71
N GLU A 1025 -43.39 0.86 -8.32
CA GLU A 1025 -42.42 1.91 -8.59
C GLU A 1025 -43.06 3.26 -8.32
N LEU A 1026 -42.30 4.15 -7.67
CA LEU A 1026 -42.77 5.49 -7.36
C LEU A 1026 -41.72 6.55 -7.67
N ASP A 1027 -40.91 6.31 -8.70
CA ASP A 1027 -39.87 7.25 -9.10
C ASP A 1027 -40.46 8.32 -10.04
N ASP A 1028 -40.01 9.54 -9.87
CA ASP A 1028 -40.44 10.64 -10.72
C ASP A 1028 -39.37 10.98 -11.74
N PHE A 1029 -39.80 11.58 -12.86
CA PHE A 1029 -38.91 12.03 -13.90
C PHE A 1029 -38.45 13.46 -13.58
N ILE A 1030 -37.13 13.66 -13.57
CA ILE A 1030 -36.57 14.94 -13.16
C ILE A 1030 -35.28 15.20 -13.92
N PRO A 1031 -34.80 16.43 -13.82
CA PRO A 1031 -33.57 16.85 -14.49
C PRO A 1031 -32.72 17.67 -13.52
N GLY A 1032 -31.41 17.58 -13.69
CA GLY A 1032 -30.49 18.37 -12.88
C GLY A 1032 -30.64 19.85 -13.20
N ARG A 1033 -30.34 20.69 -12.21
CA ARG A 1033 -30.47 22.14 -12.37
C ARG A 1033 -29.27 22.69 -13.11
N VAL A 1034 -29.13 24.02 -13.12
CA VAL A 1034 -28.03 24.69 -13.80
C VAL A 1034 -26.78 24.61 -12.94
N THR A 1035 -25.77 25.41 -13.27
CA THR A 1035 -24.51 25.33 -12.54
C THR A 1035 -24.60 26.05 -11.20
N ASN A 1036 -25.61 25.67 -10.40
CA ASN A 1036 -25.74 26.11 -9.03
C ASN A 1036 -25.15 25.05 -8.12
N ASP A 1037 -25.46 25.13 -6.82
CA ASP A 1037 -25.07 24.08 -5.89
C ASP A 1037 -25.66 22.74 -6.36
N ARG A 1038 -24.83 21.70 -6.30
CA ARG A 1038 -25.25 20.39 -6.81
C ARG A 1038 -26.37 19.77 -6.00
N LYS A 1039 -26.67 20.31 -4.82
CA LYS A 1039 -27.74 19.74 -4.00
C LYS A 1039 -29.10 19.89 -4.67
N MET A 1040 -29.34 21.03 -5.32
CA MET A 1040 -30.63 21.31 -5.91
C MET A 1040 -30.94 20.36 -7.06
N GLU A 1041 -32.21 19.99 -7.18
CA GLU A 1041 -32.70 19.14 -8.27
C GLU A 1041 -34.17 19.44 -8.51
N GLU A 1042 -34.54 19.57 -9.78
CA GLU A 1042 -35.88 19.99 -10.17
C GLU A 1042 -36.61 18.85 -10.87
N MET A 1043 -37.88 18.68 -10.52
CA MET A 1043 -38.72 17.67 -11.13
C MET A 1043 -39.14 18.08 -12.54
N LYS A 1044 -39.79 17.16 -13.25
CA LYS A 1044 -40.19 17.39 -14.63
C LYS A 1044 -41.28 16.39 -14.99
N GLU A 1045 -41.71 16.44 -16.26
CA GLU A 1045 -42.68 15.51 -16.82
C GLU A 1045 -42.14 14.93 -18.11
N TYR A 1046 -42.54 13.71 -18.42
CA TYR A 1046 -41.96 12.95 -19.52
C TYR A 1046 -42.96 12.79 -20.66
N ARG A 1047 -42.44 12.76 -21.88
CA ARG A 1047 -43.23 12.51 -23.08
C ARG A 1047 -42.39 11.69 -24.05
N TYR A 1048 -43.00 11.30 -25.17
CA TYR A 1048 -42.34 10.48 -26.17
C TYR A 1048 -41.32 11.30 -26.96
N PRO A 1049 -40.45 10.59 -27.68
CA PRO A 1049 -39.40 11.24 -28.44
C PRO A 1049 -39.04 10.38 -29.65
N PHE A 1050 -38.39 11.04 -30.61
CA PHE A 1050 -37.98 10.43 -31.87
C PHE A 1050 -36.55 9.88 -31.75
N TYR A 1051 -35.89 9.64 -32.88
CA TYR A 1051 -34.48 9.26 -33.01
C TYR A 1051 -34.26 7.77 -32.74
N ASP A 1052 -35.33 7.00 -32.71
CA ASP A 1052 -35.22 5.53 -32.68
C ASP A 1052 -36.44 4.97 -33.41
N GLN A 1053 -36.28 4.65 -34.68
CA GLN A 1053 -37.37 4.15 -35.50
C GLN A 1053 -36.83 3.10 -36.47
N ALA A 1054 -37.65 2.74 -37.45
CA ALA A 1054 -37.28 1.75 -38.46
C ALA A 1054 -37.14 2.37 -39.85
N ILE A 1055 -38.19 3.04 -40.33
CA ILE A 1055 -38.15 3.67 -41.65
C ILE A 1055 -39.27 4.70 -41.73
N THR A 1056 -39.05 5.74 -42.52
CA THR A 1056 -40.03 6.79 -42.73
C THR A 1056 -40.36 6.86 -44.21
N ALA A 1057 -41.63 6.64 -44.53
CA ALA A 1057 -42.10 6.64 -45.91
C ALA A 1057 -43.62 6.81 -45.90
N ASN A 1058 -44.24 6.60 -47.06
CA ASN A 1058 -45.68 6.73 -47.20
C ASN A 1058 -46.38 5.51 -46.60
N ASP A 1059 -47.71 5.53 -46.66
CA ASP A 1059 -48.51 4.45 -46.09
C ASP A 1059 -48.34 3.13 -46.83
N LYS A 1060 -47.87 3.17 -48.08
CA LYS A 1060 -47.71 1.94 -48.84
C LYS A 1060 -46.66 1.02 -48.21
N GLN A 1061 -45.53 1.58 -47.80
CA GLN A 1061 -44.50 0.78 -47.14
C GLN A 1061 -45.01 0.21 -45.82
N ASN A 1062 -45.75 1.03 -45.06
CA ASN A 1062 -46.30 0.55 -43.80
C ASN A 1062 -47.26 -0.60 -44.01
N LYS A 1063 -48.11 -0.50 -45.03
CA LYS A 1063 -49.05 -1.58 -45.32
C LYS A 1063 -48.38 -2.78 -45.96
N TYR A 1064 -47.18 -2.61 -46.53
CA TYR A 1064 -46.44 -3.71 -47.12
C TYR A 1064 -45.46 -4.37 -46.14
N PHE A 1065 -45.24 -3.78 -44.96
CA PHE A 1065 -44.33 -4.38 -44.00
C PHE A 1065 -44.83 -5.76 -43.56
N ASP A 1066 -46.14 -5.99 -43.56
CA ASP A 1066 -46.70 -7.29 -43.20
C ASP A 1066 -46.62 -8.25 -44.39
N GLN A 1067 -47.36 -9.35 -44.30
CA GLN A 1067 -47.47 -10.34 -45.38
C GLN A 1067 -46.16 -11.09 -45.59
N TRP A 1068 -45.44 -11.35 -44.50
CA TRP A 1068 -44.24 -12.18 -44.58
C TRP A 1068 -44.62 -13.66 -44.64
N GLU A 1069 -45.46 -14.10 -43.72
CA GLU A 1069 -45.93 -15.48 -43.62
C GLU A 1069 -47.06 -15.49 -42.59
N ALA A 1070 -47.53 -16.70 -42.24
CA ALA A 1070 -48.48 -16.90 -41.15
C ALA A 1070 -49.81 -16.21 -41.43
N THR A 1071 -50.39 -16.53 -42.59
CA THR A 1071 -51.71 -16.02 -42.95
C THR A 1071 -52.78 -17.04 -42.57
N ILE A 1072 -53.79 -16.59 -41.84
CA ILE A 1072 -54.86 -17.48 -41.39
C ILE A 1072 -55.87 -17.65 -42.51
N GLU A 1073 -56.50 -18.83 -42.55
CA GLU A 1073 -57.48 -19.16 -43.57
C GLU A 1073 -58.68 -19.86 -42.95
N LEU A 1074 -59.55 -20.42 -43.78
CA LEU A 1074 -60.65 -21.26 -43.32
C LEU A 1074 -60.83 -22.40 -44.31
N THR A 1075 -61.00 -23.61 -43.78
CA THR A 1075 -61.09 -24.81 -44.61
C THR A 1075 -62.24 -25.67 -44.10
N ASP A 1076 -62.76 -26.53 -44.99
CA ASP A 1076 -64.02 -27.22 -44.71
C ASP A 1076 -63.90 -28.18 -43.53
N GLU A 1077 -62.77 -28.88 -43.38
CA GLU A 1077 -62.66 -29.86 -42.31
C GLU A 1077 -62.70 -29.24 -40.93
N SER A 1078 -62.55 -27.91 -40.82
CA SER A 1078 -62.76 -27.25 -39.53
C SER A 1078 -64.18 -27.48 -39.03
N LEU A 1079 -65.16 -27.44 -39.94
CA LEU A 1079 -66.54 -27.73 -39.56
C LEU A 1079 -66.70 -29.16 -39.05
N GLU A 1080 -66.06 -30.12 -39.73
CA GLU A 1080 -66.12 -31.51 -39.28
C GLU A 1080 -65.49 -31.67 -37.90
N LYS A 1081 -64.35 -31.01 -37.68
CA LYS A 1081 -63.70 -31.08 -36.36
C LYS A 1081 -64.57 -30.44 -35.29
N LEU A 1082 -65.22 -29.32 -35.61
CA LEU A 1082 -66.11 -28.69 -34.64
C LEU A 1082 -67.31 -29.57 -34.33
N LYS A 1083 -67.82 -30.28 -35.33
CA LYS A 1083 -68.97 -31.16 -35.11
C LYS A 1083 -68.69 -32.23 -34.07
N ALA A 1084 -67.42 -32.59 -33.88
CA ALA A 1084 -67.06 -33.54 -32.82
C ALA A 1084 -66.95 -32.88 -31.45
N GLU A 1085 -67.09 -31.56 -31.36
CA GLU A 1085 -67.04 -30.83 -30.10
C GLU A 1085 -68.43 -30.51 -29.56
N LYS A 1086 -69.48 -31.08 -30.15
CA LYS A 1086 -70.86 -30.88 -29.69
C LYS A 1086 -71.25 -29.40 -29.74
N ILE A 1087 -70.80 -28.71 -30.78
CA ILE A 1087 -71.14 -27.30 -30.96
C ILE A 1087 -72.57 -27.19 -31.44
N LEU A 1088 -73.20 -26.04 -31.18
CA LEU A 1088 -74.58 -25.82 -31.58
C LEU A 1088 -74.73 -25.87 -33.10
N GLN A 1089 -75.86 -26.39 -33.55
CA GLN A 1089 -76.13 -26.45 -34.98
C GLN A 1089 -76.30 -25.06 -35.58
N SER A 1090 -76.89 -24.13 -34.83
CA SER A 1090 -77.01 -22.76 -35.32
C SER A 1090 -75.64 -22.12 -35.49
N VAL A 1091 -74.66 -22.50 -34.66
CA VAL A 1091 -73.31 -21.99 -34.82
C VAL A 1091 -72.73 -22.44 -36.16
N LEU A 1092 -72.93 -23.72 -36.52
CA LEU A 1092 -72.47 -24.20 -37.81
C LEU A 1092 -73.22 -23.53 -38.95
N ASP A 1093 -74.52 -23.30 -38.78
CA ASP A 1093 -75.31 -22.64 -39.82
C ASP A 1093 -74.81 -21.22 -40.05
N ALA A 1094 -74.44 -20.51 -38.99
CA ALA A 1094 -73.90 -19.16 -39.14
C ALA A 1094 -72.47 -19.18 -39.65
N LEU A 1095 -71.71 -20.24 -39.36
CA LEU A 1095 -70.34 -20.36 -39.84
C LEU A 1095 -70.27 -20.77 -41.30
N ARG A 1096 -71.34 -21.36 -41.85
CA ARG A 1096 -71.35 -21.68 -43.27
C ARG A 1096 -71.16 -20.45 -44.16
N PRO A 1097 -71.79 -19.30 -43.91
CA PRO A 1097 -71.37 -18.08 -44.63
C PRO A 1097 -69.90 -17.78 -44.49
N LEU A 1098 -69.34 -18.00 -43.30
CA LEU A 1098 -67.90 -17.82 -43.11
C LEU A 1098 -67.11 -18.84 -43.91
N THR A 1099 -67.64 -20.07 -44.02
CA THR A 1099 -66.97 -21.09 -44.82
C THR A 1099 -66.95 -20.72 -46.30
N LYS A 1100 -68.04 -20.17 -46.80
CA LYS A 1100 -68.16 -19.83 -48.22
C LYS A 1100 -67.77 -18.39 -48.52
N LYS A 1101 -67.26 -17.65 -47.53
CA LYS A 1101 -66.84 -16.28 -47.78
C LYS A 1101 -65.60 -16.21 -48.66
N LYS A 1102 -64.74 -17.24 -48.59
CA LYS A 1102 -63.50 -17.28 -49.36
C LYS A 1102 -62.65 -16.02 -49.13
N GLU A 1103 -62.48 -15.67 -47.85
CA GLU A 1103 -61.72 -14.50 -47.45
C GLU A 1103 -60.57 -14.93 -46.54
N LYS A 1104 -59.41 -14.32 -46.75
CA LYS A 1104 -58.21 -14.61 -45.95
C LYS A 1104 -57.97 -13.44 -45.00
N TYR A 1105 -57.90 -13.74 -43.70
CA TYR A 1105 -57.65 -12.72 -42.69
C TYR A 1105 -56.17 -12.69 -42.31
N LYS A 1106 -55.80 -11.63 -41.59
CA LYS A 1106 -54.45 -11.48 -41.07
C LYS A 1106 -54.39 -11.04 -39.62
N ASN A 1107 -55.47 -10.51 -39.06
CA ASN A 1107 -55.50 -10.07 -37.68
C ASN A 1107 -56.62 -10.80 -36.94
N THR A 1108 -56.39 -11.03 -35.64
CA THR A 1108 -57.39 -11.72 -34.84
C THR A 1108 -58.60 -10.82 -34.57
N GLU A 1109 -58.37 -9.52 -34.35
CA GLU A 1109 -59.46 -8.63 -33.99
C GLU A 1109 -60.49 -8.52 -35.10
N THR A 1110 -60.04 -8.36 -36.35
CA THR A 1110 -60.96 -8.25 -37.47
C THR A 1110 -61.72 -9.54 -37.71
N PHE A 1111 -61.07 -10.70 -37.57
CA PHE A 1111 -61.76 -11.97 -37.72
C PHE A 1111 -62.83 -12.15 -36.64
N VAL A 1112 -62.50 -11.81 -35.39
CA VAL A 1112 -63.46 -11.92 -34.30
C VAL A 1112 -64.64 -10.98 -34.53
N PHE A 1113 -64.35 -9.75 -34.96
CA PHE A 1113 -65.42 -8.79 -35.22
C PHE A 1113 -66.33 -9.26 -36.35
N ASP A 1114 -65.75 -9.80 -37.42
CA ASP A 1114 -66.56 -10.31 -38.52
C ASP A 1114 -67.40 -11.51 -38.08
N LEU A 1115 -66.81 -12.40 -37.26
CA LEU A 1115 -67.57 -13.53 -36.74
C LEU A 1115 -68.75 -13.05 -35.90
N LYS A 1116 -68.52 -12.08 -35.02
CA LYS A 1116 -69.59 -11.55 -34.18
C LYS A 1116 -70.69 -10.91 -35.02
N LYS A 1117 -70.30 -10.13 -36.04
CA LYS A 1117 -71.30 -9.46 -36.87
C LYS A 1117 -72.11 -10.47 -37.67
N PHE A 1118 -71.46 -11.47 -38.27
CA PHE A 1118 -72.16 -12.41 -39.12
C PHE A 1118 -73.03 -13.36 -38.31
N ILE A 1119 -72.49 -13.91 -37.22
CA ILE A 1119 -73.28 -14.80 -36.38
C ILE A 1119 -74.35 -14.04 -35.62
N GLY A 1120 -74.00 -12.90 -35.05
CA GLY A 1120 -74.94 -12.12 -34.28
C GLY A 1120 -74.34 -11.58 -33.00
N LYS A 1121 -74.46 -10.27 -32.77
CA LYS A 1121 -73.88 -9.62 -31.61
C LYS A 1121 -74.96 -9.39 -30.55
N ILE A 1122 -74.70 -9.89 -29.34
CA ILE A 1122 -75.63 -9.66 -28.24
C ILE A 1122 -75.66 -8.18 -27.85
N ASP A 1123 -74.52 -7.49 -27.93
CA ASP A 1123 -74.48 -6.07 -27.60
C ASP A 1123 -75.27 -5.23 -28.59
N ASP A 1124 -75.35 -5.67 -29.85
CA ASP A 1124 -76.13 -4.93 -30.84
C ASP A 1124 -77.62 -4.98 -30.53
N ASN A 1125 -78.08 -6.07 -29.91
CA ASN A 1125 -79.49 -6.26 -29.58
C ASN A 1125 -79.68 -6.33 -28.06
N GLN A 1126 -78.99 -5.45 -27.33
CA GLN A 1126 -79.05 -5.51 -25.87
C GLN A 1126 -80.36 -4.93 -25.34
N GLN A 1127 -80.89 -3.89 -26.00
CA GLN A 1127 -82.02 -3.16 -25.44
C GLN A 1127 -83.26 -4.04 -25.33
N MET A 1128 -83.65 -4.70 -26.43
CA MET A 1128 -84.84 -5.54 -26.39
C MET A 1128 -84.60 -6.83 -25.60
N ILE A 1129 -83.36 -7.31 -25.54
CA ILE A 1129 -83.05 -8.45 -24.69
C ILE A 1129 -83.31 -8.10 -23.22
N SER A 1130 -82.84 -6.93 -22.80
CA SER A 1130 -83.09 -6.48 -21.44
C SER A 1130 -84.57 -6.23 -21.20
N GLU A 1131 -85.25 -5.62 -22.16
CA GLU A 1131 -86.67 -5.31 -22.00
C GLU A 1131 -87.51 -6.57 -21.87
N ALA A 1132 -87.21 -7.59 -22.68
CA ALA A 1132 -87.98 -8.82 -22.67
C ALA A 1132 -87.64 -9.74 -21.49
N LEU A 1133 -86.51 -9.50 -20.82
CA LEU A 1133 -86.15 -10.34 -19.68
C LEU A 1133 -87.10 -10.10 -18.51
N GLU A 1134 -87.41 -11.18 -17.79
CA GLU A 1134 -88.33 -11.08 -16.67
C GLU A 1134 -87.73 -10.25 -15.54
N ARG A 1135 -88.57 -9.42 -14.93
CA ARG A 1135 -88.16 -8.56 -13.83
C ARG A 1135 -88.72 -9.11 -12.53
N GLY A 1136 -87.86 -9.25 -11.52
CA GLY A 1136 -88.27 -9.84 -10.26
C GLY A 1136 -88.10 -8.94 -9.06
N LYS A 1137 -87.66 -9.51 -7.94
CA LYS A 1137 -87.55 -8.78 -6.69
C LYS A 1137 -86.41 -7.76 -6.77
N VAL A 1138 -86.51 -6.73 -5.92
CA VAL A 1138 -85.52 -5.68 -5.82
C VAL A 1138 -85.06 -5.58 -4.38
N ARG A 1139 -83.74 -5.56 -4.16
CA ARG A 1139 -83.17 -5.50 -2.83
C ARG A 1139 -82.11 -4.40 -2.78
N LEU A 1140 -81.95 -3.81 -1.61
CA LEU A 1140 -80.94 -2.77 -1.41
C LEU A 1140 -79.54 -3.38 -1.39
N THR A 1141 -78.56 -2.57 -1.79
CA THR A 1141 -77.16 -3.02 -1.84
C THR A 1141 -76.26 -1.89 -1.37
N GLY A 1142 -75.32 -2.22 -0.49
CA GLY A 1142 -74.34 -1.23 -0.06
C GLY A 1142 -73.42 -0.80 -1.19
N ASN A 1143 -73.09 -1.72 -2.10
CA ASN A 1143 -72.24 -1.38 -3.23
C ASN A 1143 -72.89 -0.34 -4.13
N SER A 1144 -74.23 -0.30 -4.17
CA SER A 1144 -74.92 0.71 -4.96
C SER A 1144 -74.52 2.11 -4.51
N LEU A 1145 -74.66 2.38 -3.21
CA LEU A 1145 -74.25 3.68 -2.68
C LEU A 1145 -72.75 3.85 -2.63
N LYS A 1146 -71.99 2.75 -2.59
CA LYS A 1146 -70.53 2.86 -2.58
C LYS A 1146 -70.02 3.37 -3.93
N GLN A 1147 -70.56 2.85 -5.03
CA GLN A 1147 -70.13 3.23 -6.36
C GLN A 1147 -71.07 4.21 -7.04
N ILE A 1148 -72.06 4.76 -6.32
CA ILE A 1148 -72.91 5.82 -6.87
C ILE A 1148 -72.63 7.17 -6.22
N SER A 1149 -71.87 7.21 -5.14
CA SER A 1149 -71.61 8.45 -4.41
C SER A 1149 -70.69 9.41 -5.15
N LYS A 1150 -70.26 9.07 -6.36
CA LYS A 1150 -69.40 9.98 -7.13
C LYS A 1150 -70.13 11.28 -7.46
N THR A 1151 -71.41 11.17 -7.85
CA THR A 1151 -72.18 12.36 -8.17
C THR A 1151 -72.56 13.09 -6.89
N LYS A 1152 -72.54 14.43 -6.95
CA LYS A 1152 -72.93 15.28 -5.84
C LYS A 1152 -74.42 15.59 -5.83
N LYS A 1153 -75.18 15.09 -6.81
CA LYS A 1153 -76.60 15.37 -6.87
C LYS A 1153 -77.34 14.81 -5.66
N ILE A 1154 -77.00 13.59 -5.25
CA ILE A 1154 -77.64 12.94 -4.10
C ILE A 1154 -77.04 13.46 -2.81
N PRO A 1155 -77.84 14.05 -1.92
CA PRO A 1155 -77.30 14.48 -0.63
C PRO A 1155 -77.05 13.31 0.30
N ARG A 1156 -76.20 13.55 1.31
CA ARG A 1156 -75.89 12.51 2.28
C ARG A 1156 -77.06 12.22 3.20
N GLN A 1157 -77.94 13.21 3.42
CA GLN A 1157 -79.13 12.98 4.23
C GLN A 1157 -80.08 12.02 3.53
N ILE A 1158 -80.22 12.14 2.21
CA ILE A 1158 -81.03 11.19 1.45
C ILE A 1158 -80.41 9.80 1.53
N LEU A 1159 -79.07 9.73 1.47
CA LEU A 1159 -78.40 8.44 1.60
C LEU A 1159 -78.67 7.81 2.96
N ASN A 1160 -78.62 8.62 4.02
CA ASN A 1160 -78.91 8.09 5.36
C ASN A 1160 -80.37 7.64 5.47
N GLN A 1161 -81.30 8.39 4.89
CA GLN A 1161 -82.70 8.01 4.91
C GLN A 1161 -82.91 6.68 4.19
N LEU A 1162 -82.24 6.49 3.05
CA LEU A 1162 -82.35 5.22 2.33
C LEU A 1162 -81.71 4.09 3.11
N LYS A 1163 -80.56 4.35 3.76
CA LYS A 1163 -79.89 3.34 4.55
C LYS A 1163 -80.66 2.98 5.81
N GLY A 1164 -81.57 3.85 6.26
CA GLY A 1164 -82.39 3.53 7.42
C GLY A 1164 -83.18 2.25 7.23
N LEU A 1165 -83.73 2.05 6.04
CA LEU A 1165 -84.40 0.80 5.69
C LEU A 1165 -83.43 -0.17 5.04
N LYS A 1166 -82.39 -0.52 5.80
CA LYS A 1166 -81.31 -1.36 5.29
C LYS A 1166 -81.79 -2.80 5.14
N ASP A 1167 -81.27 -3.47 4.10
CA ASP A 1167 -81.56 -4.89 3.84
C ASP A 1167 -83.06 -5.15 3.72
N ASN A 1168 -83.74 -4.30 2.96
CA ASN A 1168 -85.17 -4.42 2.71
C ASN A 1168 -85.37 -5.08 1.35
N THR A 1169 -85.83 -6.33 1.37
CA THR A 1169 -86.10 -7.08 0.14
C THR A 1169 -87.57 -6.90 -0.23
N TYR A 1170 -87.82 -6.30 -1.38
CA TYR A 1170 -89.17 -6.04 -1.85
C TYR A 1170 -89.64 -7.13 -2.80
N GLU A 1171 -90.95 -7.23 -2.96
CA GLU A 1171 -91.53 -8.31 -3.76
C GLU A 1171 -91.13 -8.17 -5.23
N ASN A 1172 -91.18 -6.97 -5.77
CA ASN A 1172 -90.89 -6.75 -7.18
C ASN A 1172 -90.45 -5.30 -7.37
N ARG A 1173 -90.34 -4.88 -8.65
CA ARG A 1173 -89.95 -3.51 -8.95
C ARG A 1173 -91.01 -2.51 -8.50
N GLU A 1174 -92.29 -2.90 -8.54
CA GLU A 1174 -93.35 -1.98 -8.18
C GLU A 1174 -93.25 -1.58 -6.71
N GLN A 1175 -92.97 -2.53 -5.83
CA GLN A 1175 -92.85 -2.21 -4.40
C GLN A 1175 -91.68 -1.28 -4.15
N PHE A 1176 -90.55 -1.53 -4.79
CA PHE A 1176 -89.38 -0.66 -4.61
C PHE A 1176 -89.66 0.74 -5.13
N ILE A 1177 -90.34 0.85 -6.28
CA ILE A 1177 -90.68 2.16 -6.83
C ILE A 1177 -91.62 2.90 -5.89
N SER A 1178 -92.63 2.19 -5.36
CA SER A 1178 -93.56 2.83 -4.43
C SER A 1178 -92.85 3.30 -3.16
N VAL A 1179 -91.94 2.48 -2.63
CA VAL A 1179 -91.19 2.86 -1.44
C VAL A 1179 -90.32 4.08 -1.73
N LEU A 1180 -89.66 4.10 -2.89
CA LEU A 1180 -88.83 5.24 -3.25
C LEU A 1180 -89.66 6.52 -3.39
N LYS A 1181 -90.86 6.40 -3.97
CA LYS A 1181 -91.70 7.58 -4.16
C LYS A 1181 -92.33 8.06 -2.84
N THR A 1182 -92.57 7.14 -1.91
CA THR A 1182 -93.25 7.49 -0.67
C THR A 1182 -92.29 7.97 0.42
N THR A 1183 -91.25 7.17 0.71
CA THR A 1183 -90.32 7.54 1.77
C THR A 1183 -89.59 8.83 1.46
N VAL A 1184 -89.17 9.02 0.22
CA VAL A 1184 -88.48 10.23 -0.20
C VAL A 1184 -89.54 11.25 -0.61
N ARG A 1185 -89.55 12.40 0.06
CA ARG A 1185 -90.55 13.43 -0.18
C ARG A 1185 -89.92 14.81 -0.02
N GLY A 1186 -90.55 15.79 -0.65
CA GLY A 1186 -90.10 17.16 -0.54
C GLY A 1186 -88.72 17.40 -1.14
N ILE A 1187 -88.43 16.79 -2.28
CA ILE A 1187 -87.13 16.92 -2.93
C ILE A 1187 -87.30 16.61 -4.40
N ASN A 1188 -86.33 17.03 -5.21
CA ASN A 1188 -86.39 16.77 -6.65
C ASN A 1188 -86.31 15.28 -6.92
N ASP A 1189 -87.03 14.83 -7.95
CA ASP A 1189 -87.15 13.41 -8.26
C ASP A 1189 -86.12 12.92 -9.28
N GLU A 1190 -85.26 13.80 -9.80
CA GLU A 1190 -84.26 13.35 -10.76
C GLU A 1190 -83.24 12.43 -10.10
N GLN A 1191 -82.85 12.73 -8.85
CA GLN A 1191 -81.92 11.85 -8.14
C GLN A 1191 -82.56 10.51 -7.83
N ILE A 1192 -83.87 10.46 -7.62
CA ILE A 1192 -84.57 9.19 -7.42
C ILE A 1192 -84.43 8.33 -8.67
N SER A 1193 -84.63 8.93 -9.85
CA SER A 1193 -84.47 8.19 -11.10
C SER A 1193 -83.02 7.77 -11.31
N LEU A 1194 -82.07 8.64 -10.95
CA LEU A 1194 -80.66 8.33 -11.14
C LEU A 1194 -80.20 7.20 -10.22
N ILE A 1195 -80.80 7.09 -9.03
CA ILE A 1195 -80.46 6.00 -8.11
C ILE A 1195 -80.83 4.66 -8.73
N LEU A 1196 -81.89 4.61 -9.54
CA LEU A 1196 -82.33 3.38 -10.17
C LEU A 1196 -81.32 2.81 -11.17
N ASP A 1197 -80.31 3.59 -11.55
CA ASP A 1197 -79.33 3.11 -12.52
C ASP A 1197 -78.48 1.97 -11.95
N ASN A 1198 -78.25 1.96 -10.65
CA ASN A 1198 -77.36 0.96 -10.05
C ASN A 1198 -78.07 0.12 -8.98
N ILE A 1199 -79.28 -0.34 -9.27
CA ILE A 1199 -80.03 -1.17 -8.34
C ILE A 1199 -79.84 -2.63 -8.72
N ASP A 1200 -79.86 -3.50 -7.71
CA ASP A 1200 -79.73 -4.94 -7.92
C ASP A 1200 -81.11 -5.52 -8.19
N GLU A 1201 -81.34 -5.99 -9.41
CA GLU A 1201 -82.62 -6.54 -9.82
C GLU A 1201 -82.42 -7.94 -10.36
N ASP A 1202 -83.22 -8.89 -9.89
CA ASP A 1202 -83.08 -10.27 -10.29
C ASP A 1202 -83.54 -10.47 -11.74
N VAL A 1203 -82.88 -11.41 -12.42
CA VAL A 1203 -83.16 -11.74 -13.81
C VAL A 1203 -83.60 -13.20 -13.87
N ARG A 1204 -84.74 -13.44 -14.51
CA ARG A 1204 -85.30 -14.79 -14.65
C ARG A 1204 -85.59 -15.07 -16.12
N LEU A 1205 -85.34 -16.31 -16.53
CA LEU A 1205 -85.55 -16.73 -17.91
C LEU A 1205 -86.81 -17.59 -17.98
N THR A 1206 -87.72 -17.22 -18.88
CA THR A 1206 -88.98 -17.93 -19.06
C THR A 1206 -89.19 -18.22 -20.55
N ASP A 1207 -90.12 -19.14 -20.82
CA ASP A 1207 -90.43 -19.50 -22.20
C ASP A 1207 -91.06 -18.34 -22.95
N LEU A 1208 -91.95 -17.58 -22.29
CA LEU A 1208 -92.60 -16.46 -22.95
C LEU A 1208 -91.59 -15.37 -23.34
N SER A 1209 -90.61 -15.11 -22.47
CA SER A 1209 -89.57 -14.14 -22.82
C SER A 1209 -88.78 -14.59 -24.03
N LEU A 1210 -88.44 -15.89 -24.09
CA LEU A 1210 -87.72 -16.42 -25.26
C LEU A 1210 -88.55 -16.29 -26.52
N THR A 1211 -89.86 -16.58 -26.42
CA THR A 1211 -90.74 -16.44 -27.57
C THR A 1211 -90.82 -14.98 -28.05
N LYS A 1212 -90.91 -14.05 -27.11
CA LYS A 1212 -90.96 -12.63 -27.47
C LYS A 1212 -89.64 -12.19 -28.12
N ILE A 1213 -88.52 -12.70 -27.61
CA ILE A 1213 -87.23 -12.40 -28.22
C ILE A 1213 -87.17 -12.96 -29.64
N ARG A 1214 -87.66 -14.18 -29.84
CA ARG A 1214 -87.66 -14.78 -31.17
C ARG A 1214 -88.54 -13.99 -32.13
N LYS A 1215 -89.67 -13.47 -31.64
CA LYS A 1215 -90.55 -12.68 -32.49
C LYS A 1215 -89.94 -11.33 -32.87
N ALA A 1216 -88.86 -10.92 -32.22
CA ALA A 1216 -88.21 -9.66 -32.52
C ALA A 1216 -87.28 -9.72 -33.73
N LYS A 1217 -87.38 -10.78 -34.55
CA LYS A 1217 -86.58 -10.98 -35.75
C LYS A 1217 -85.09 -11.06 -35.45
N VAL A 1218 -84.73 -11.39 -34.21
CA VAL A 1218 -83.33 -11.57 -33.84
C VAL A 1218 -82.85 -12.90 -34.41
N PRO A 1219 -81.55 -13.10 -34.60
CA PRO A 1219 -81.06 -14.40 -35.08
C PRO A 1219 -81.43 -15.52 -34.11
N GLN A 1220 -81.77 -16.68 -34.67
CA GLN A 1220 -82.19 -17.81 -33.85
C GLN A 1220 -81.08 -18.32 -32.96
N THR A 1221 -79.82 -18.09 -33.35
CA THR A 1221 -78.70 -18.61 -32.57
C THR A 1221 -78.59 -17.91 -31.21
N LEU A 1222 -78.95 -16.63 -31.14
CA LEU A 1222 -78.98 -15.94 -29.85
C LEU A 1222 -79.99 -16.59 -28.92
N VAL A 1223 -81.17 -16.92 -29.44
CA VAL A 1223 -82.18 -17.61 -28.66
C VAL A 1223 -81.68 -19.00 -28.26
N ASP A 1224 -80.91 -19.65 -29.12
CA ASP A 1224 -80.37 -20.96 -28.81
C ASP A 1224 -79.41 -20.89 -27.63
N MET A 1225 -78.50 -19.91 -27.64
CA MET A 1225 -77.62 -19.73 -26.48
C MET A 1225 -78.40 -19.35 -25.23
N LEU A 1226 -79.44 -18.51 -25.39
CA LEU A 1226 -80.26 -18.16 -24.23
C LEU A 1226 -80.91 -19.40 -23.61
N ALA A 1227 -81.45 -20.27 -24.46
CA ALA A 1227 -82.05 -21.50 -23.95
C ALA A 1227 -81.00 -22.40 -23.31
N ASP A 1228 -79.82 -22.50 -23.93
CA ASP A 1228 -78.75 -23.29 -23.33
C ASP A 1228 -78.22 -22.69 -22.03
N LEU A 1229 -78.46 -21.40 -21.80
CA LEU A 1229 -78.08 -20.74 -20.57
C LEU A 1229 -79.22 -20.69 -19.56
N LYS A 1230 -80.11 -21.68 -19.60
CA LYS A 1230 -81.21 -21.73 -18.65
C LYS A 1230 -80.69 -21.97 -17.25
N LYS A 1231 -81.16 -21.17 -16.30
CA LYS A 1231 -80.74 -21.27 -14.90
C LYS A 1231 -81.94 -20.99 -14.02
N ASP A 1232 -82.27 -21.94 -13.15
CA ASP A 1232 -83.43 -21.77 -12.26
C ASP A 1232 -83.20 -20.65 -11.26
N GLU A 1233 -81.99 -20.56 -10.71
CA GLU A 1233 -81.71 -19.55 -9.71
C GLU A 1233 -81.73 -18.16 -10.33
N PRO A 1234 -82.31 -17.16 -9.65
CA PRO A 1234 -82.32 -15.81 -10.19
C PRO A 1234 -80.99 -15.11 -10.01
N TYR A 1235 -80.61 -14.34 -11.03
CA TYR A 1235 -79.33 -13.64 -11.00
C TYR A 1235 -79.36 -12.51 -9.98
N LYS A 1236 -78.18 -12.20 -9.42
CA LYS A 1236 -78.09 -11.14 -8.43
C LYS A 1236 -78.46 -9.78 -9.03
N ASN A 1237 -78.00 -9.52 -10.25
CA ASN A 1237 -78.30 -8.27 -10.94
C ASN A 1237 -78.14 -8.49 -12.43
N GLU A 1238 -78.67 -7.55 -13.22
CA GLU A 1238 -78.57 -7.65 -14.67
C GLU A 1238 -77.12 -7.67 -15.13
N LYS A 1239 -76.23 -6.96 -14.42
CA LYS A 1239 -74.82 -6.95 -14.81
C LYS A 1239 -74.19 -8.33 -14.66
N GLU A 1240 -74.61 -9.10 -13.64
CA GLU A 1240 -74.12 -10.46 -13.51
C GLU A 1240 -74.54 -11.33 -14.70
N PHE A 1241 -75.79 -11.20 -15.13
CA PHE A 1241 -76.26 -11.95 -16.29
C PHE A 1241 -75.50 -11.55 -17.54
N LEU A 1242 -75.27 -10.25 -17.72
CA LEU A 1242 -74.51 -9.79 -18.89
C LEU A 1242 -73.08 -10.31 -18.86
N SER A 1243 -72.45 -10.31 -17.67
CA SER A 1243 -71.09 -10.84 -17.56
C SER A 1243 -71.05 -12.32 -17.86
N GLU A 1244 -72.03 -13.09 -17.37
CA GLU A 1244 -72.08 -14.51 -17.67
C GLU A 1244 -72.27 -14.76 -19.16
N PHE A 1245 -73.14 -13.98 -19.80
CA PHE A 1245 -73.33 -14.12 -21.24
C PHE A 1245 -72.06 -13.79 -22.00
N LYS A 1246 -71.35 -12.74 -21.58
CA LYS A 1246 -70.08 -12.39 -22.23
C LYS A 1246 -69.05 -13.49 -22.05
N LYS A 1247 -68.99 -14.08 -20.86
CA LYS A 1247 -68.06 -15.19 -20.62
C LYS A 1247 -68.39 -16.38 -21.51
N LYS A 1248 -69.67 -16.71 -21.64
CA LYS A 1248 -70.06 -17.83 -22.52
C LYS A 1248 -69.72 -17.52 -23.98
N MET A 1249 -69.96 -16.29 -24.42
CA MET A 1249 -69.61 -15.92 -25.79
C MET A 1249 -68.11 -16.02 -26.02
N GLY A 1250 -67.32 -15.56 -25.06
CA GLY A 1250 -65.87 -15.68 -25.18
C GLY A 1250 -65.41 -17.12 -25.22
N GLU A 1251 -66.02 -17.98 -24.39
CA GLU A 1251 -65.66 -19.39 -24.41
C GLU A 1251 -66.00 -20.02 -25.76
N ILE A 1252 -67.17 -19.70 -26.31
CA ILE A 1252 -67.56 -20.24 -27.61
C ILE A 1252 -66.60 -19.75 -28.70
N ILE A 1253 -66.25 -18.46 -28.66
CA ILE A 1253 -65.34 -17.90 -29.65
C ILE A 1253 -63.97 -18.57 -29.56
N GLY A 1254 -63.47 -18.76 -28.34
CA GLY A 1254 -62.18 -19.42 -28.19
C GLY A 1254 -62.21 -20.86 -28.65
N LEU A 1255 -63.30 -21.57 -28.36
CA LEU A 1255 -63.43 -22.95 -28.84
C LEU A 1255 -63.45 -23.01 -30.36
N ILE A 1256 -64.14 -22.05 -30.99
CA ILE A 1256 -64.17 -22.01 -32.45
C ILE A 1256 -62.77 -21.71 -33.00
N LEU A 1257 -62.08 -20.74 -32.41
CA LEU A 1257 -60.74 -20.38 -32.89
C LEU A 1257 -59.72 -21.48 -32.66
N LYS A 1258 -59.96 -22.36 -31.68
CA LYS A 1258 -59.04 -23.48 -31.48
C LYS A 1258 -59.01 -24.42 -32.68
N HIS A 1259 -60.09 -24.46 -33.47
CA HIS A 1259 -60.17 -25.28 -34.67
C HIS A 1259 -60.04 -24.44 -35.94
N ALA A 1260 -59.17 -23.43 -35.92
CA ALA A 1260 -58.99 -22.55 -37.06
C ALA A 1260 -58.09 -23.24 -38.09
N ALA A 1261 -57.61 -22.48 -39.07
CA ALA A 1261 -56.73 -23.02 -40.09
C ALA A 1261 -55.42 -23.51 -39.47
N LYS A 1262 -54.73 -24.36 -40.21
CA LYS A 1262 -53.52 -25.02 -39.74
C LYS A 1262 -52.29 -24.53 -40.49
N THR A 1263 -52.23 -23.22 -40.75
CA THR A 1263 -51.02 -22.62 -41.29
C THR A 1263 -49.86 -22.72 -40.31
N GLY A 1264 -50.15 -22.85 -39.01
CA GLY A 1264 -49.10 -22.97 -38.01
C GLY A 1264 -48.27 -21.72 -37.84
N GLY A 1265 -48.92 -20.55 -37.85
CA GLY A 1265 -48.22 -19.29 -37.72
C GLY A 1265 -48.62 -18.42 -36.56
N ASP A 1266 -49.62 -18.81 -35.76
CA ASP A 1266 -50.07 -18.04 -34.61
C ASP A 1266 -50.48 -16.64 -35.04
N VAL A 1267 -51.55 -16.54 -35.82
CA VAL A 1267 -52.00 -15.29 -36.45
C VAL A 1267 -51.94 -14.11 -35.48
N PRO A 1268 -51.21 -13.06 -35.84
CA PRO A 1268 -51.05 -11.93 -34.92
C PRO A 1268 -52.36 -11.16 -34.72
N ARG A 1269 -52.47 -10.51 -33.57
CA ARG A 1269 -53.60 -9.63 -33.29
C ARG A 1269 -53.35 -8.27 -33.93
N TYR A 1270 -54.42 -7.51 -34.15
CA TYR A 1270 -54.35 -6.25 -34.87
C TYR A 1270 -53.46 -5.25 -34.14
N ASN A 1271 -52.26 -5.02 -34.67
CA ASN A 1271 -51.31 -4.07 -34.10
C ASN A 1271 -50.82 -3.04 -35.10
N HIS A 1272 -50.41 -3.48 -36.29
CA HIS A 1272 -49.68 -2.59 -37.20
C HIS A 1272 -50.51 -1.42 -37.70
N PRO A 1273 -51.74 -1.60 -38.20
CA PRO A 1273 -52.47 -0.44 -38.75
C PRO A 1273 -53.01 0.53 -37.70
N THR A 1274 -52.63 0.38 -36.44
CA THR A 1274 -53.08 1.32 -35.43
C THR A 1274 -52.47 2.69 -35.68
N PRO A 1275 -53.20 3.78 -35.37
CA PRO A 1275 -52.64 5.12 -35.61
C PRO A 1275 -51.37 5.38 -34.82
N THR A 1276 -51.23 4.79 -33.64
CA THR A 1276 -50.02 5.00 -32.84
C THR A 1276 -48.78 4.52 -33.59
N ASP A 1277 -48.86 3.33 -34.17
CA ASP A 1277 -47.73 2.80 -34.93
C ASP A 1277 -47.42 3.68 -36.14
N LYS A 1278 -48.45 4.16 -36.82
CA LYS A 1278 -48.22 5.00 -38.00
C LYS A 1278 -47.56 6.31 -37.62
N MET A 1279 -48.03 6.96 -36.55
CA MET A 1279 -47.43 8.23 -36.18
C MET A 1279 -46.04 8.06 -35.58
N LEU A 1280 -45.77 6.90 -34.96
CA LEU A 1280 -44.42 6.65 -34.45
C LEU A 1280 -43.45 6.32 -35.57
N LEU A 1281 -43.90 5.64 -36.62
CA LEU A 1281 -43.00 5.21 -37.67
C LEU A 1281 -42.80 6.29 -38.72
N SER A 1282 -43.85 7.08 -39.00
CA SER A 1282 -43.72 8.15 -39.99
C SER A 1282 -42.73 9.21 -39.53
N LEU A 1283 -42.81 9.61 -38.26
CA LEU A 1283 -41.93 10.64 -37.71
C LEU A 1283 -40.60 10.01 -37.35
N ALA A 1284 -39.62 10.12 -38.25
CA ALA A 1284 -38.28 9.61 -37.97
C ALA A 1284 -37.48 10.63 -37.15
N ALA A 1285 -37.27 11.82 -37.71
CA ALA A 1285 -36.56 12.91 -37.03
C ALA A 1285 -35.20 12.46 -36.51
N TYR A 1286 -34.47 11.71 -37.35
CA TYR A 1286 -33.11 11.31 -37.00
C TYR A 1286 -32.22 12.53 -36.85
N ASN A 1287 -32.32 13.47 -37.77
CA ASN A 1287 -31.57 14.71 -37.73
C ASN A 1287 -32.42 15.78 -37.03
N ARG A 1288 -31.98 17.04 -37.12
CA ARG A 1288 -32.66 18.17 -36.49
C ARG A 1288 -32.80 17.95 -34.98
N ASN A 1289 -31.76 17.42 -34.37
CA ASN A 1289 -31.75 17.14 -32.94
C ASN A 1289 -30.70 18.01 -32.26
N HIS A 1290 -31.09 18.66 -31.16
CA HIS A 1290 -30.21 19.52 -30.39
C HIS A 1290 -30.23 19.09 -28.93
N LYS A 1291 -29.05 19.06 -28.30
CA LYS A 1291 -28.89 18.58 -26.94
C LYS A 1291 -28.68 19.71 -25.93
N HIS A 1292 -29.02 20.94 -26.28
CA HIS A 1292 -28.84 22.07 -25.38
C HIS A 1292 -30.10 22.92 -25.35
N GLU A 1293 -30.30 23.60 -24.21
CA GLU A 1293 -31.40 24.54 -24.01
C GLU A 1293 -32.77 23.87 -24.14
N ASN A 1294 -33.83 24.67 -23.99
CA ASN A 1294 -35.18 24.15 -24.11
C ASN A 1294 -35.48 23.77 -25.56
N GLY A 1295 -36.23 22.68 -25.73
CA GLY A 1295 -36.59 22.22 -27.06
C GLY A 1295 -37.79 22.98 -27.60
N LYS A 1296 -38.13 22.71 -28.86
CA LYS A 1296 -39.28 23.30 -29.53
C LYS A 1296 -40.07 22.16 -30.17
N ALA A 1297 -40.99 21.57 -29.40
CA ALA A 1297 -41.74 20.41 -29.84
C ALA A 1297 -43.21 20.59 -29.48
N GLU A 1298 -44.06 19.79 -30.12
CA GLU A 1298 -45.50 19.82 -29.90
C GLU A 1298 -46.02 18.41 -29.72
N TYR A 1299 -47.13 18.30 -28.99
CA TYR A 1299 -47.75 17.00 -28.70
C TYR A 1299 -48.67 16.65 -29.86
N ARG A 1300 -48.24 15.68 -30.69
CA ARG A 1300 -49.00 15.28 -31.87
C ARG A 1300 -49.85 14.05 -31.52
N ILE A 1301 -51.06 14.33 -31.05
CA ILE A 1301 -52.01 13.26 -30.76
C ILE A 1301 -52.57 12.68 -32.05
N VAL A 1302 -52.99 11.41 -31.98
CA VAL A 1302 -53.53 10.70 -33.15
C VAL A 1302 -55.04 10.91 -33.24
N LYS A 1303 -55.42 12.19 -33.30
CA LYS A 1303 -56.84 12.59 -33.39
C LYS A 1303 -57.65 11.98 -32.26
N PRO A 1304 -57.05 11.91 -31.08
CA PRO A 1304 -57.71 11.35 -29.90
C PRO A 1304 -57.07 11.95 -28.66
N LYS A 1305 -57.89 12.57 -27.81
CA LYS A 1305 -57.44 13.21 -26.58
C LYS A 1305 -58.20 12.56 -25.42
N HIS A 1306 -57.53 11.63 -24.73
CA HIS A 1306 -58.13 10.90 -23.62
C HIS A 1306 -57.48 11.21 -22.29
N ASN A 1307 -56.15 11.05 -22.18
CA ASN A 1307 -55.44 11.30 -20.94
C ASN A 1307 -53.98 11.54 -21.27
N LEU A 1308 -53.14 11.56 -20.23
CA LEU A 1308 -51.71 11.79 -20.41
C LEU A 1308 -51.02 10.50 -20.85
N LYS A 1309 -49.70 10.56 -20.97
CA LYS A 1309 -48.81 9.48 -21.39
C LYS A 1309 -49.07 9.03 -22.83
N VAL A 1310 -49.93 9.72 -23.57
CA VAL A 1310 -50.22 9.41 -24.97
C VAL A 1310 -49.99 10.68 -25.78
N ASP A 1311 -48.75 10.91 -26.18
CA ASP A 1311 -48.36 12.08 -26.95
C ASP A 1311 -47.02 11.80 -27.61
N PHE A 1312 -46.41 12.85 -28.16
CA PHE A 1312 -45.11 12.72 -28.80
C PHE A 1312 -44.45 14.09 -28.86
N MET A 1313 -43.18 14.09 -29.23
CA MET A 1313 -42.41 15.33 -29.43
C MET A 1313 -42.04 15.40 -30.91
N PHE A 1314 -42.63 16.36 -31.62
CA PHE A 1314 -42.41 16.50 -33.05
C PHE A 1314 -41.19 17.35 -33.39
N ALA A 1315 -40.60 18.02 -32.41
CA ALA A 1315 -39.41 18.86 -32.61
C ALA A 1315 -39.66 19.91 -33.70
N VAL A 1316 -40.66 20.76 -33.46
CA VAL A 1316 -41.04 21.82 -34.38
C VAL A 1316 -41.35 21.26 -35.77
N THR A 1317 -40.54 21.64 -36.76
CA THR A 1317 -40.70 21.19 -38.13
C THR A 1317 -42.10 21.49 -38.68
N TYR A 1339 -51.11 23.03 -30.27
CA TYR A 1339 -51.38 23.27 -28.86
C TYR A 1339 -50.63 24.50 -28.35
N LEU A 1340 -50.22 24.45 -27.09
CA LEU A 1340 -49.49 25.56 -26.48
C LEU A 1340 -48.02 25.58 -26.85
N LYS A 1341 -47.51 24.52 -27.46
CA LYS A 1341 -46.11 24.43 -27.90
C LYS A 1341 -45.15 24.64 -26.73
N VAL A 1342 -45.23 23.73 -25.76
CA VAL A 1342 -44.39 23.75 -24.57
C VAL A 1342 -43.41 22.60 -24.64
N SER A 1343 -42.12 22.90 -24.51
CA SER A 1343 -41.08 21.88 -24.58
C SER A 1343 -39.85 22.36 -23.83
N GLY A 1344 -38.99 21.41 -23.48
CA GLY A 1344 -37.73 21.67 -22.81
C GLY A 1344 -36.90 20.40 -22.78
N PRO A 1345 -35.58 20.57 -22.68
CA PRO A 1345 -34.63 19.48 -22.46
C PRO A 1345 -34.64 18.43 -23.56
N ASN A 1346 -33.75 17.44 -23.45
CA ASN A 1346 -33.63 16.35 -24.42
C ASN A 1346 -32.71 15.29 -23.86
N LYS A 1347 -33.00 14.03 -24.20
CA LYS A 1347 -32.21 12.90 -23.73
C LYS A 1347 -31.75 12.07 -24.93
N ILE A 1348 -30.69 11.29 -24.71
CA ILE A 1348 -30.13 10.45 -25.77
C ILE A 1348 -29.47 9.23 -25.14
N GLU A 1349 -30.04 8.05 -25.39
CA GLU A 1349 -29.48 6.80 -24.88
C GLU A 1349 -30.07 5.65 -25.70
N LYS A 1350 -29.46 4.47 -25.55
CA LYS A 1350 -29.94 3.26 -26.19
C LYS A 1350 -30.88 2.53 -25.24
N VAL A 1351 -31.22 1.28 -25.58
CA VAL A 1351 -32.14 0.50 -24.77
C VAL A 1351 -31.63 -0.94 -24.70
N LYS A 1352 -32.49 -1.83 -24.21
CA LYS A 1352 -32.10 -3.21 -23.96
C LYS A 1352 -31.96 -3.98 -25.26
N LYS A 1353 -31.17 -5.04 -25.20
CA LYS A 1353 -30.96 -5.96 -26.32
C LYS A 1353 -31.55 -7.31 -25.95
N VAL A 1354 -32.49 -7.79 -26.75
CA VAL A 1354 -33.13 -9.08 -26.50
C VAL A 1354 -32.23 -10.22 -26.92
N ASN A 1355 -32.62 -11.43 -26.53
CA ASN A 1355 -31.85 -12.64 -26.83
C ASN A 1355 -32.81 -13.68 -27.42
N PRO A 1356 -32.79 -13.81 -28.75
CA PRO A 1356 -33.62 -14.78 -29.43
C PRO A 1356 -32.91 -15.22 -30.70
N ASN A 1357 -33.01 -16.51 -31.00
CA ASN A 1357 -32.31 -17.13 -32.11
C ASN A 1357 -33.27 -17.34 -33.27
N SER A 1358 -33.10 -16.55 -34.33
CA SER A 1358 -33.92 -16.67 -35.53
C SER A 1358 -33.26 -15.88 -36.65
N VAL A 1359 -33.72 -16.12 -37.87
CA VAL A 1359 -33.22 -15.44 -39.07
C VAL A 1359 -34.38 -14.70 -39.72
N SER A 1360 -34.35 -13.37 -39.67
CA SER A 1360 -35.40 -12.54 -40.23
C SER A 1360 -34.96 -11.86 -41.53
N VAL A 1361 -33.86 -11.11 -41.48
CA VAL A 1361 -33.40 -10.40 -42.67
C VAL A 1361 -31.88 -10.41 -42.81
N ARG A 1362 -31.19 -11.34 -42.14
CA ARG A 1362 -29.74 -11.45 -42.21
C ARG A 1362 -29.07 -10.15 -41.79
N ASP A 1363 -28.52 -9.41 -42.77
CA ASP A 1363 -27.94 -8.09 -42.57
C ASP A 1363 -26.76 -8.11 -41.60
N ASP A 1364 -26.30 -6.93 -41.22
CA ASP A 1364 -25.14 -6.79 -40.33
C ASP A 1364 -25.29 -5.51 -39.53
N LYS A 1365 -24.45 -5.37 -38.50
CA LYS A 1365 -24.49 -4.20 -37.65
C LYS A 1365 -24.02 -2.96 -38.41
N ASN A 1366 -24.65 -1.83 -38.12
CA ASN A 1366 -24.32 -0.58 -38.78
C ASN A 1366 -24.75 0.58 -37.89
N GLN A 1367 -24.27 1.78 -38.24
CA GLN A 1367 -24.61 2.98 -37.50
C GLN A 1367 -25.98 3.53 -37.85
N GLU A 1368 -26.65 2.98 -38.86
CA GLU A 1368 -27.96 3.45 -39.26
C GLU A 1368 -29.03 3.18 -38.20
N ILE A 1369 -28.78 2.23 -37.30
CA ILE A 1369 -29.66 1.82 -36.20
C ILE A 1369 -31.13 1.83 -36.61
N ILE A 1370 -31.44 1.27 -37.77
CA ILE A 1370 -32.81 1.11 -38.22
C ILE A 1370 -33.21 -0.34 -38.05
N HIS A 1371 -34.51 -0.56 -37.85
CA HIS A 1371 -35.04 -1.90 -37.60
C HIS A 1371 -35.30 -2.63 -38.91
N ASN A 1372 -34.96 -3.92 -38.93
CA ASN A 1372 -35.22 -4.79 -40.07
C ASN A 1372 -35.69 -6.16 -39.57
N GLY A 1373 -37.00 -6.27 -39.35
CA GLY A 1373 -37.56 -7.52 -38.85
C GLY A 1373 -38.97 -7.32 -38.37
N VAL A 1374 -39.70 -8.45 -38.33
CA VAL A 1374 -41.10 -8.48 -37.92
C VAL A 1374 -41.29 -9.77 -37.14
N TYR A 1375 -42.25 -9.76 -36.20
CA TYR A 1375 -42.65 -10.97 -35.48
C TYR A 1375 -41.56 -11.37 -34.49
N LEU A 1376 -41.80 -12.46 -33.74
CA LEU A 1376 -40.90 -13.16 -32.82
C LEU A 1376 -41.25 -12.85 -31.37
N ARG A 1377 -41.59 -13.91 -30.62
CA ARG A 1377 -41.85 -13.87 -29.19
C ARG A 1377 -43.17 -13.17 -28.86
N LYS A 1378 -43.69 -13.40 -27.67
CA LYS A 1378 -44.97 -12.87 -27.22
C LYS A 1378 -44.72 -11.84 -26.12
N ILE A 1379 -45.21 -10.63 -26.34
CA ILE A 1379 -44.97 -9.54 -25.40
C ILE A 1379 -45.92 -9.64 -24.23
N THR A 1380 -45.37 -9.59 -23.01
CA THR A 1380 -46.18 -9.57 -21.81
C THR A 1380 -46.88 -8.21 -21.71
N VAL A 1381 -48.21 -8.23 -21.54
CA VAL A 1381 -48.97 -6.99 -21.53
C VAL A 1381 -48.84 -6.30 -20.18
N ALA A 1382 -48.74 -4.98 -20.22
CA ALA A 1382 -48.73 -4.15 -19.01
C ALA A 1382 -50.17 -3.74 -18.70
N ASN A 1383 -50.68 -4.21 -17.56
CA ASN A 1383 -52.08 -3.99 -17.17
C ASN A 1383 -53.01 -4.63 -18.19
N ALA A 1384 -54.30 -4.29 -18.14
CA ALA A 1384 -55.26 -4.95 -19.00
C ALA A 1384 -56.50 -4.08 -19.19
N LYS A 1385 -56.95 -3.97 -20.43
CA LYS A 1385 -58.28 -3.41 -20.68
C LYS A 1385 -59.37 -4.39 -20.23
N SER A 1386 -59.25 -5.66 -20.62
CA SER A 1386 -60.20 -6.68 -20.21
C SER A 1386 -59.53 -7.80 -19.43
N LYS A 1387 -58.47 -8.38 -19.99
CA LYS A 1387 -57.79 -9.52 -19.40
C LYS A 1387 -56.27 -9.38 -19.60
N ASN A 1388 -55.52 -9.66 -18.54
CA ASN A 1388 -54.06 -9.57 -18.58
C ASN A 1388 -53.47 -10.96 -18.82
N LYS A 1389 -52.86 -11.14 -19.99
CA LYS A 1389 -52.24 -12.41 -20.35
C LYS A 1389 -51.21 -12.16 -21.44
N LEU A 1390 -50.16 -12.97 -21.42
CA LEU A 1390 -49.15 -12.92 -22.47
C LEU A 1390 -49.78 -13.19 -23.83
N ARG A 1391 -49.34 -12.45 -24.85
CA ARG A 1391 -49.92 -12.54 -26.17
C ARG A 1391 -48.85 -12.26 -27.22
N GLU A 1392 -48.87 -13.03 -28.31
CA GLU A 1392 -47.96 -12.80 -29.42
C GLU A 1392 -48.27 -11.48 -30.11
N ARG A 1393 -47.22 -10.80 -30.57
CA ARG A 1393 -47.35 -9.52 -31.24
C ARG A 1393 -46.19 -9.35 -32.20
N LEU A 1394 -46.38 -8.48 -33.19
CA LEU A 1394 -45.33 -8.14 -34.14
C LEU A 1394 -44.50 -6.99 -33.61
N VAL A 1395 -43.19 -7.20 -33.53
CA VAL A 1395 -42.27 -6.20 -32.99
C VAL A 1395 -41.09 -6.03 -33.94
N PRO A 1396 -40.63 -4.81 -34.16
CA PRO A 1396 -39.39 -4.62 -34.93
C PRO A 1396 -38.18 -5.12 -34.15
N GLU A 1397 -37.13 -5.44 -34.90
CA GLU A 1397 -35.91 -5.96 -34.29
C GLU A 1397 -34.72 -5.58 -35.15
N PHE A 1398 -33.54 -5.66 -34.55
CA PHE A 1398 -32.28 -5.37 -35.23
C PHE A 1398 -31.54 -6.67 -35.47
N ALA A 1399 -30.72 -6.69 -36.51
CA ALA A 1399 -30.02 -7.91 -36.92
C ALA A 1399 -29.06 -8.38 -35.84
N TRP A 1400 -28.89 -9.69 -35.75
CA TRP A 1400 -27.97 -10.26 -34.78
C TRP A 1400 -26.54 -9.83 -35.09
N TYR A 1401 -25.74 -9.67 -34.04
CA TYR A 1401 -24.38 -9.15 -34.19
C TYR A 1401 -23.44 -10.15 -34.85
N ASP A 1402 -23.84 -11.43 -34.99
CA ASP A 1402 -23.02 -12.39 -35.69
C ASP A 1402 -23.01 -12.17 -37.20
N LYS A 1403 -23.88 -11.30 -37.71
CA LYS A 1403 -23.94 -10.97 -39.13
C LYS A 1403 -24.18 -12.21 -39.99
N SER A 1405 -22.78 -16.55 -27.44
CA SER A 1405 -22.12 -17.37 -28.46
C SER A 1405 -22.47 -16.89 -29.86
N GLU A 1406 -22.87 -15.62 -29.95
CA GLU A 1406 -23.26 -15.00 -31.23
C GLU A 1406 -24.34 -15.81 -31.92
N ALA A 1407 -25.33 -16.25 -31.15
CA ALA A 1407 -26.39 -17.10 -31.67
C ALA A 1407 -27.80 -16.60 -31.41
N ALA A 1408 -28.02 -15.73 -30.42
CA ALA A 1408 -29.36 -15.24 -30.13
C ALA A 1408 -29.25 -13.80 -29.64
N TYR A 1409 -29.34 -12.86 -30.58
CA TYR A 1409 -29.24 -11.43 -30.32
C TYR A 1409 -30.40 -10.72 -31.00
N ALA A 1410 -30.89 -9.65 -30.36
CA ALA A 1410 -31.99 -8.86 -30.90
C ALA A 1410 -32.05 -7.54 -30.15
N MET A 1411 -32.99 -6.69 -30.54
CA MET A 1411 -33.24 -5.41 -29.88
C MET A 1411 -34.66 -4.99 -30.18
N THR A 1412 -35.27 -4.27 -29.23
CA THR A 1412 -36.71 -4.00 -29.27
C THR A 1412 -37.04 -2.51 -29.26
N LYS A 1413 -36.08 -1.63 -28.94
CA LYS A 1413 -36.34 -0.20 -28.75
C LYS A 1413 -37.11 0.40 -29.92
N ARG A 1414 -38.19 1.11 -29.60
CA ARG A 1414 -39.04 1.75 -30.58
C ARG A 1414 -39.29 3.23 -30.31
N CYS A 1415 -39.23 3.68 -29.06
CA CYS A 1415 -39.55 5.05 -28.72
C CYS A 1415 -38.61 5.53 -27.63
N GLU A 1416 -38.27 6.81 -27.66
CA GLU A 1416 -37.34 7.42 -26.73
C GLU A 1416 -38.07 8.47 -25.88
N ARG A 1417 -37.43 8.89 -24.79
CA ARG A 1417 -38.07 9.73 -23.79
C ARG A 1417 -37.41 11.10 -23.71
N VAL A 1418 -38.22 12.11 -23.39
CA VAL A 1418 -37.76 13.47 -23.18
C VAL A 1418 -38.55 14.07 -22.03
N PHE A 1419 -37.88 14.90 -21.22
CA PHE A 1419 -38.49 15.50 -20.03
C PHE A 1419 -38.77 16.98 -20.32
N VAL A 1420 -40.01 17.39 -20.07
CA VAL A 1420 -40.42 18.78 -20.23
C VAL A 1420 -40.33 19.48 -18.88
N GLU A 1421 -40.06 20.78 -18.91
CA GLU A 1421 -39.87 21.54 -17.66
C GLU A 1421 -41.21 21.75 -16.96
N ILE A 1422 -41.15 21.72 -15.62
CA ILE A 1422 -42.30 21.98 -14.77
C ILE A 1422 -41.87 22.89 -13.64
N GLY A 1423 -42.84 23.59 -13.05
CA GLY A 1423 -42.56 24.50 -11.96
C GLY A 1423 -42.47 23.82 -10.61
N ALA A 1424 -41.35 23.13 -10.35
CA ALA A 1424 -41.15 22.41 -9.11
C ALA A 1424 -39.97 23.01 -8.35
N LYS A 1425 -40.15 23.17 -7.05
CA LYS A 1425 -39.10 23.72 -6.21
C LYS A 1425 -37.91 22.77 -6.14
N PRO A 1426 -36.68 23.27 -6.22
CA PRO A 1426 -35.50 22.41 -6.11
C PRO A 1426 -35.44 21.71 -4.75
N ILE A 1427 -34.91 20.50 -4.75
CA ILE A 1427 -34.84 19.67 -3.56
C ILE A 1427 -33.39 19.26 -3.30
N PRO A 1428 -32.89 19.41 -2.08
CA PRO A 1428 -31.51 18.98 -1.79
C PRO A 1428 -31.32 17.49 -1.98
N ILE A 1429 -30.10 17.11 -2.37
CA ILE A 1429 -29.74 15.72 -2.65
C ILE A 1429 -28.81 15.25 -1.54
N GLN A 1430 -29.09 14.07 -0.99
CA GLN A 1430 -28.24 13.50 0.05
C GLN A 1430 -26.86 13.17 -0.50
N PRO A 1431 -25.82 13.33 0.32
CA PRO A 1431 -24.46 13.00 -0.17
C PRO A 1431 -24.29 11.57 -0.64
N SER A 1432 -24.99 10.62 -0.01
CA SER A 1432 -24.81 9.21 -0.35
C SER A 1432 -25.29 8.88 -1.77
N ALA A 1433 -26.13 9.73 -2.36
CA ALA A 1433 -26.68 9.44 -3.67
C ALA A 1433 -25.58 9.39 -4.73
N ARG A 1434 -24.63 10.33 -4.69
CA ARG A 1434 -23.55 10.31 -5.67
C ARG A 1434 -22.63 9.11 -5.49
N GLU A 1435 -22.38 8.71 -4.24
CA GLU A 1435 -21.57 7.51 -4.00
C GLU A 1435 -22.27 6.27 -4.55
N LYS A 1436 -23.59 6.16 -4.32
CA LYS A 1436 -24.35 5.07 -4.91
C LYS A 1436 -24.25 5.11 -6.42
N PHE A 1437 -24.30 6.30 -7.01
CA PHE A 1437 -24.22 6.42 -8.47
C PHE A 1437 -22.86 5.97 -9.00
N LYS A 1438 -21.77 6.34 -8.32
CA LYS A 1438 -20.45 5.89 -8.77
C LYS A 1438 -20.32 4.37 -8.67
N ILE A 1439 -20.79 3.78 -7.56
CA ILE A 1439 -20.73 2.33 -7.44
C ILE A 1439 -21.59 1.67 -8.52
N LEU A 1440 -22.76 2.25 -8.81
CA LEU A 1440 -23.63 1.72 -9.85
C LEU A 1440 -22.97 1.79 -11.22
N THR A 1441 -22.32 2.91 -11.54
CA THR A 1441 -21.65 3.04 -12.83
C THR A 1441 -20.50 2.05 -12.94
N GLN A 1442 -19.72 1.89 -11.88
CA GLN A 1442 -18.67 0.88 -11.89
C GLN A 1442 -19.26 -0.51 -12.07
N GLU A 1443 -20.43 -0.77 -11.49
CA GLU A 1443 -21.07 -2.06 -11.66
C GLU A 1443 -21.44 -2.31 -13.12
N TYR A 1444 -22.00 -1.30 -13.80
CA TYR A 1444 -22.27 -1.45 -15.23
C TYR A 1444 -21.00 -1.69 -16.03
N GLN A 1445 -19.94 -0.92 -15.78
CA GLN A 1445 -18.72 -1.14 -16.56
C GLN A 1445 -18.17 -2.55 -16.34
N LYS A 1446 -18.10 -2.99 -15.09
CA LYS A 1446 -17.58 -4.32 -14.81
C LYS A 1446 -18.46 -5.40 -15.42
N ASN A 1447 -19.78 -5.27 -15.30
CA ASN A 1447 -20.69 -6.28 -15.83
C ASN A 1447 -20.63 -6.33 -17.35
N ALA A 1448 -20.53 -5.16 -18.00
CA ALA A 1448 -20.40 -5.13 -19.45
C ALA A 1448 -19.10 -5.76 -19.91
N LYS A 1449 -18.00 -5.49 -19.21
CA LYS A 1449 -16.73 -6.12 -19.57
C LYS A 1449 -16.78 -7.62 -19.32
N GLN A 1450 -17.55 -8.06 -18.33
CA GLN A 1450 -17.64 -9.49 -18.03
C GLN A 1450 -18.52 -10.23 -19.04
N GLN A 1451 -19.59 -9.60 -19.51
CA GLN A 1451 -20.56 -10.25 -20.38
C GLN A 1451 -20.19 -10.20 -21.85
N LYS A 1452 -19.12 -9.47 -22.20
CA LYS A 1452 -18.65 -9.35 -23.59
C LYS A 1452 -19.75 -8.82 -24.50
N THR A 1453 -20.27 -7.64 -24.15
CA THR A 1453 -21.27 -7.00 -24.98
C THR A 1453 -20.59 -6.00 -25.91
N PRO A 1454 -21.18 -5.75 -27.09
CA PRO A 1454 -20.57 -4.78 -28.02
C PRO A 1454 -20.50 -3.39 -27.41
N GLU A 1455 -19.37 -2.72 -27.66
CA GLU A 1455 -19.16 -1.39 -27.09
C GLU A 1455 -20.07 -0.36 -27.74
N ALA A 1456 -20.36 -0.52 -29.03
CA ALA A 1456 -21.14 0.48 -29.75
C ALA A 1456 -22.55 0.61 -29.19
N PHE A 1457 -23.19 -0.50 -28.85
CA PHE A 1457 -24.59 -0.51 -28.43
C PHE A 1457 -24.72 -0.81 -26.94
N GLN A 1458 -23.83 -0.24 -26.13
CA GLN A 1458 -23.97 -0.35 -24.68
C GLN A 1458 -25.13 0.51 -24.21
N THR A 1459 -26.11 -0.10 -23.59
CA THR A 1459 -27.28 0.63 -23.10
C THR A 1459 -26.87 1.61 -22.01
N ILE A 1460 -27.50 2.79 -22.03
CA ILE A 1460 -27.35 3.84 -21.02
C ILE A 1460 -26.01 4.52 -21.18
N LEU A 1461 -26.04 5.84 -21.41
CA LEU A 1461 -24.83 6.65 -21.41
C LEU A 1461 -24.64 7.22 -20.00
N PRO A 1462 -23.54 6.91 -19.32
CA PRO A 1462 -23.42 7.32 -17.92
C PRO A 1462 -22.64 8.61 -17.73
N LYS A 1463 -21.46 8.51 -17.11
CA LYS A 1463 -20.67 9.69 -16.77
C LYS A 1463 -19.26 9.25 -16.42
N ASP A 1464 -18.30 10.15 -16.65
CA ASP A 1464 -16.92 9.87 -16.29
C ASP A 1464 -16.70 9.97 -14.80
N GLY A 1465 -17.28 10.99 -14.16
CA GLY A 1465 -17.14 11.19 -12.73
C GLY A 1465 -18.06 12.26 -12.18
N GLU A 1466 -18.51 12.08 -10.94
CA GLU A 1466 -19.39 13.01 -10.25
C GLU A 1466 -20.70 13.23 -11.03
N LEU A 1467 -21.43 14.28 -10.69
CA LEU A 1467 -22.66 14.62 -11.38
C LEU A 1467 -22.54 16.01 -11.99
N ARG A 1468 -22.98 16.14 -13.25
CA ARG A 1468 -22.81 17.42 -13.89
C ARG A 1468 -24.09 18.24 -13.83
N PRO A 1469 -23.98 19.57 -13.78
CA PRO A 1469 -25.17 20.41 -13.77
C PRO A 1469 -25.90 20.37 -15.10
N GLY A 1470 -26.74 19.35 -15.30
CA GLY A 1470 -27.45 19.21 -16.55
C GLY A 1470 -27.65 17.78 -16.99
N ASP A 1471 -27.13 16.82 -16.22
CA ASP A 1471 -27.40 15.42 -16.49
C ASP A 1471 -28.87 15.11 -16.19
N LEU A 1472 -29.48 14.29 -17.04
CA LEU A 1472 -30.88 13.94 -16.92
C LEU A 1472 -31.00 12.54 -16.34
N VAL A 1473 -31.41 12.46 -15.07
CA VAL A 1473 -31.54 11.19 -14.36
C VAL A 1473 -32.89 11.16 -13.64
N TYR A 1474 -33.37 9.96 -13.38
CA TYR A 1474 -34.63 9.76 -12.68
C TYR A 1474 -34.40 9.85 -11.19
N PHE A 1475 -35.13 10.74 -10.52
CA PHE A 1475 -35.02 10.93 -9.09
C PHE A 1475 -36.16 10.24 -8.36
N ARG A 1476 -35.84 9.71 -7.18
CA ARG A 1476 -36.81 9.04 -6.33
C ARG A 1476 -37.01 9.88 -5.08
N GLU A 1477 -38.27 10.21 -4.78
CA GLU A 1477 -38.60 11.10 -3.67
C GLU A 1477 -39.58 10.41 -2.73
N ASP A 1478 -39.34 10.59 -1.43
CA ASP A 1478 -40.27 10.18 -0.38
C ASP A 1478 -40.52 11.38 0.52
N LYS A 1479 -41.36 11.19 1.54
CA LYS A 1479 -41.64 12.28 2.48
C LYS A 1479 -40.36 12.68 3.20
N LYS A 1480 -39.83 11.77 4.02
CA LYS A 1480 -38.54 11.93 4.69
C LYS A 1480 -38.35 13.33 5.27
N THR A 1481 -37.25 13.98 4.89
CA THR A 1481 -36.96 15.36 5.28
C THR A 1481 -36.92 16.27 4.06
N ASN A 1482 -37.73 15.96 3.04
CA ASN A 1482 -37.78 16.71 1.80
C ASN A 1482 -36.42 16.72 1.10
N THR A 1483 -35.83 15.54 0.96
CA THR A 1483 -34.56 15.36 0.28
C THR A 1483 -34.66 14.16 -0.64
N VAL A 1484 -33.62 13.97 -1.46
CA VAL A 1484 -33.52 12.85 -2.39
C VAL A 1484 -32.41 11.93 -1.91
N THR A 1485 -32.72 10.65 -1.78
CA THR A 1485 -31.79 9.68 -1.22
C THR A 1485 -31.09 8.81 -2.26
N ASP A 1486 -31.71 8.59 -3.43
CA ASP A 1486 -31.13 7.70 -4.42
C ASP A 1486 -31.37 8.25 -5.81
N ILE A 1487 -30.41 7.98 -6.70
CA ILE A 1487 -30.40 8.50 -8.06
C ILE A 1487 -30.21 7.33 -9.02
N ILE A 1488 -31.03 7.30 -10.08
CA ILE A 1488 -31.02 6.18 -11.02
C ILE A 1488 -31.01 6.74 -12.44
N PRO A 1489 -30.35 6.09 -13.40
CA PRO A 1489 -30.33 6.61 -14.77
C PRO A 1489 -31.59 6.34 -15.58
N VAL A 1490 -32.23 5.17 -15.42
CA VAL A 1490 -33.47 4.88 -16.13
C VAL A 1490 -34.47 4.28 -15.16
N ARG A 1491 -35.64 3.89 -15.66
CA ARG A 1491 -36.72 3.39 -14.82
C ARG A 1491 -36.48 1.99 -14.29
N ILE A 1492 -35.74 1.15 -15.02
CA ILE A 1492 -35.46 -0.22 -14.60
C ILE A 1492 -33.94 -0.38 -14.55
N SER A 1493 -33.39 -0.52 -13.35
CA SER A 1493 -31.96 -0.62 -13.16
C SER A 1493 -31.61 -1.45 -11.94
N ARG A 1494 -30.37 -1.35 -11.47
CA ARG A 1494 -29.92 -2.07 -10.29
C ARG A 1494 -30.22 -1.24 -9.04
N THR A 1495 -30.67 -1.92 -7.99
CA THR A 1495 -31.13 -1.22 -6.79
C THR A 1495 -29.97 -0.58 -6.04
N VAL A 1496 -28.90 -1.34 -5.81
CA VAL A 1496 -27.75 -0.94 -4.99
C VAL A 1496 -28.16 -0.77 -3.53
N ASP A 1497 -27.50 -1.50 -2.63
CA ASP A 1497 -27.90 -1.55 -1.23
C ASP A 1497 -27.49 -0.27 -0.51
N ASP A 1498 -27.86 -0.19 0.77
CA ASP A 1498 -27.52 0.95 1.62
C ASP A 1498 -26.60 0.60 2.77
N GLU A 1499 -26.45 -0.69 3.10
CA GLU A 1499 -25.59 -1.13 4.19
C GLU A 1499 -24.51 -2.06 3.67
N VAL A 1500 -23.39 -2.08 4.38
CA VAL A 1500 -22.22 -2.84 3.93
C VAL A 1500 -22.37 -4.31 4.35
N LEU A 1501 -21.54 -5.16 3.73
CA LEU A 1501 -21.58 -6.58 4.04
C LEU A 1501 -21.03 -6.85 5.43
N ALA A 1502 -20.28 -5.90 6.00
CA ALA A 1502 -19.66 -6.12 7.30
C ALA A 1502 -20.69 -6.30 8.41
N ARG A 1503 -21.88 -5.72 8.26
CA ARG A 1503 -22.92 -5.80 9.27
C ARG A 1503 -24.14 -6.58 8.79
N LYS A 1504 -23.94 -7.58 7.93
CA LYS A 1504 -25.01 -8.44 7.48
C LYS A 1504 -25.01 -9.80 8.17
N ILE A 1505 -24.11 -10.01 9.13
CA ILE A 1505 -24.13 -11.24 9.93
C ILE A 1505 -25.37 -11.25 10.80
N PRO A 1506 -26.04 -12.39 10.97
CA PRO A 1506 -27.25 -12.42 11.80
C PRO A 1506 -26.98 -11.98 13.22
N ASP A 1507 -27.98 -11.33 13.82
CA ASP A 1507 -27.83 -10.78 15.17
C ASP A 1507 -27.78 -11.87 16.24
N ASP A 1508 -28.29 -13.07 15.95
CA ASP A 1508 -28.30 -14.18 16.91
C ASP A 1508 -27.02 -14.99 16.86
N VAL A 1509 -25.93 -14.41 16.37
CA VAL A 1509 -24.65 -15.08 16.22
C VAL A 1509 -23.56 -14.18 16.76
N GLY A 1510 -22.61 -14.76 17.49
CA GLY A 1510 -21.52 -13.97 18.03
C GLY A 1510 -20.71 -13.29 16.94
N ASP A 1511 -20.00 -12.24 17.35
CA ASP A 1511 -19.24 -11.41 16.41
C ASP A 1511 -18.21 -12.22 15.66
N VAL A 1512 -18.40 -12.39 14.35
CA VAL A 1512 -17.50 -13.15 13.51
C VAL A 1512 -16.67 -12.26 12.61
N ARG A 1513 -16.71 -10.95 12.82
CA ARG A 1513 -15.88 -10.04 12.05
C ARG A 1513 -14.41 -10.25 12.40
N PRO A 1514 -13.50 -9.91 11.49
CA PRO A 1514 -12.07 -10.11 11.77
C PRO A 1514 -11.62 -9.33 12.99
N CYS A 1515 -10.65 -9.90 13.70
CA CYS A 1515 -10.14 -9.25 14.91
C CYS A 1515 -9.53 -7.89 14.57
N VAL A 1516 -8.76 -7.80 13.50
CA VAL A 1516 -8.23 -6.53 13.03
C VAL A 1516 -9.32 -5.86 12.18
N ARG A 1517 -9.96 -4.85 12.75
CA ARG A 1517 -11.13 -4.23 12.15
C ARG A 1517 -10.75 -3.01 11.31
N GLU A 1518 -11.68 -2.61 10.44
CA GLU A 1518 -11.53 -1.43 9.61
C GLU A 1518 -12.66 -0.46 9.94
N ILE A 1519 -12.29 0.80 10.23
CA ILE A 1519 -13.27 1.79 10.67
C ILE A 1519 -14.15 2.25 9.51
N LEU A 1520 -13.72 2.05 8.27
CA LEU A 1520 -14.37 2.66 7.10
C LEU A 1520 -15.81 2.15 6.89
N ASP A 1521 -16.35 1.31 7.78
CA ASP A 1521 -17.75 0.92 7.69
C ASP A 1521 -18.66 2.13 7.69
N LYS A 1522 -18.25 3.21 8.35
CA LYS A 1522 -18.89 4.51 8.25
C LYS A 1522 -17.97 5.47 7.50
N GLU A 1523 -18.41 6.70 7.33
CA GLU A 1523 -17.63 7.75 6.67
C GLU A 1523 -16.85 8.60 7.66
N LYS A 1524 -16.48 8.05 8.82
CA LYS A 1524 -15.78 8.79 9.86
C LYS A 1524 -14.30 8.47 9.91
N GLN A 1525 -13.77 7.72 8.94
CA GLN A 1525 -12.34 7.42 8.94
C GLN A 1525 -11.51 8.68 8.74
N LYS A 1526 -12.05 9.67 8.02
N LYS A 1526 -12.05 9.67 8.02
CA LYS A 1526 -11.32 10.91 7.81
CA LYS A 1526 -11.32 10.91 7.81
C LYS A 1526 -11.11 11.66 9.11
C LYS A 1526 -11.12 11.67 9.12
N GLU A 1527 -12.13 11.65 10.00
CA GLU A 1527 -11.98 12.32 11.29
C GLU A 1527 -10.88 11.68 12.12
N ILE A 1528 -10.82 10.35 12.14
CA ILE A 1528 -9.76 9.64 12.86
C ILE A 1528 -8.40 9.94 12.23
N ALA A 1529 -8.33 9.95 10.90
CA ALA A 1529 -7.06 10.23 10.24
C ALA A 1529 -6.57 11.64 10.57
N ASP A 1530 -7.46 12.62 10.56
CA ASP A 1530 -7.09 13.98 10.91
C ASP A 1530 -6.68 14.07 12.38
N ALA A 1531 -7.41 13.42 13.27
CA ALA A 1531 -7.03 13.42 14.68
C ALA A 1531 -5.81 12.53 14.93
N GLY A 1532 -5.60 11.52 14.09
CA GLY A 1532 -4.46 10.64 14.22
C GLY A 1532 -4.60 9.52 15.23
N VAL A 1533 -5.79 9.33 15.80
CA VAL A 1533 -5.98 8.28 16.83
C VAL A 1533 -6.40 7.02 16.07
N LYS A 1534 -5.41 6.33 15.51
CA LYS A 1534 -5.65 5.17 14.67
C LYS A 1534 -5.20 3.86 15.28
N GLU A 1535 -4.26 3.88 16.23
CA GLU A 1535 -3.80 2.66 16.88
C GLU A 1535 -4.66 2.25 18.06
N VAL A 1536 -5.69 3.03 18.40
CA VAL A 1536 -6.54 2.77 19.56
C VAL A 1536 -7.91 2.22 19.13
N PHE A 1537 -8.49 2.78 18.06
CA PHE A 1537 -9.82 2.34 17.64
C PHE A 1537 -9.78 0.99 16.93
N GLN A 1538 -8.60 0.51 16.55
CA GLN A 1538 -8.50 -0.79 15.90
C GLN A 1538 -8.56 -1.91 16.94
N HIS A 1539 -8.68 -3.15 16.43
CA HIS A 1539 -8.72 -4.37 17.22
C HIS A 1539 -10.05 -4.52 17.95
N HIS A 1540 -10.51 -5.76 18.10
CA HIS A 1540 -11.69 -6.03 18.91
C HIS A 1540 -11.39 -5.71 20.37
N PRO A 1541 -12.34 -5.08 21.08
CA PRO A 1541 -12.08 -4.69 22.47
C PRO A 1541 -11.85 -5.85 23.43
N ASP A 1542 -12.02 -7.10 22.97
CA ASP A 1542 -11.81 -8.26 23.83
C ASP A 1542 -10.47 -8.96 23.60
N GLY A 1543 -9.87 -8.82 22.43
CA GLY A 1543 -8.58 -9.44 22.19
C GLY A 1543 -8.43 -10.12 20.84
N LEU A 1544 -7.88 -11.33 20.85
CA LEU A 1544 -7.61 -12.08 19.63
C LEU A 1544 -8.26 -13.45 19.71
N CYS A 1545 -8.84 -13.88 18.59
CA CYS A 1545 -9.48 -15.19 18.50
C CYS A 1545 -8.43 -16.30 18.49
N PRO A 1546 -8.81 -17.54 18.79
CA PRO A 1546 -7.81 -18.62 18.84
C PRO A 1546 -7.06 -18.82 17.53
N ALA A 1547 -7.75 -18.71 16.39
CA ALA A 1547 -7.06 -18.88 15.11
C ALA A 1547 -6.05 -17.77 14.88
N CYS A 1548 -6.43 -16.52 15.18
CA CYS A 1548 -5.49 -15.41 15.02
C CYS A 1548 -4.35 -15.48 16.01
N SER A 1549 -4.58 -16.10 17.18
CA SER A 1549 -3.51 -16.25 18.15
C SER A 1549 -2.51 -17.32 17.70
N LEU A 1550 -3.01 -18.45 17.24
CA LEU A 1550 -2.12 -19.55 16.87
C LEU A 1550 -1.42 -19.29 15.54
N PHE A 1551 -2.14 -18.79 14.53
CA PHE A 1551 -1.57 -18.56 13.22
C PHE A 1551 -0.96 -17.19 13.06
N GLY A 1552 -1.34 -16.23 13.88
CA GLY A 1552 -0.77 -14.90 13.82
C GLY A 1552 -1.66 -13.94 13.05
N THR A 1553 -1.53 -12.66 13.40
CA THR A 1553 -2.20 -11.57 12.71
C THR A 1553 -1.15 -10.63 12.13
N THR A 1554 -1.59 -9.48 11.63
CA THR A 1554 -0.66 -8.52 11.04
C THR A 1554 0.35 -8.03 12.06
N PHE A 1555 -0.09 -7.80 13.30
CA PHE A 1555 0.78 -7.26 14.34
C PHE A 1555 1.47 -8.36 15.16
N TYR A 1556 0.76 -9.44 15.46
CA TYR A 1556 1.36 -10.58 16.14
C TYR A 1556 2.11 -11.44 15.13
N LYS A 1557 2.79 -12.48 15.61
CA LYS A 1557 3.53 -13.39 14.76
C LYS A 1557 3.04 -14.81 15.00
N GLY A 1558 2.92 -15.58 13.92
CA GLY A 1558 2.47 -16.94 14.04
C GLY A 1558 3.44 -17.81 14.80
N ARG A 1559 2.89 -18.81 15.50
CA ARG A 1559 3.69 -19.72 16.31
C ARG A 1559 3.79 -21.11 15.69
N ILE A 1560 3.28 -21.30 14.47
CA ILE A 1560 3.39 -22.57 13.76
C ILE A 1560 3.87 -22.28 12.34
N ALA A 1561 4.81 -23.10 11.88
CA ALA A 1561 5.41 -22.95 10.55
C ALA A 1561 5.20 -24.22 9.75
N PHE A 1562 4.83 -24.06 8.48
CA PHE A 1562 4.59 -25.16 7.57
C PHE A 1562 5.69 -25.18 6.51
N GLY A 1563 6.28 -26.36 6.29
CA GLY A 1563 7.40 -26.49 5.39
C GLY A 1563 7.00 -27.05 4.02
N PHE A 1564 8.01 -27.19 3.17
CA PHE A 1564 7.81 -27.72 1.83
C PHE A 1564 7.69 -29.24 1.87
N ALA A 1565 6.72 -29.77 1.14
CA ALA A 1565 6.47 -31.21 1.08
C ALA A 1565 7.16 -31.78 -0.16
N PHE A 1566 8.09 -32.70 0.06
CA PHE A 1566 8.88 -33.28 -1.01
C PHE A 1566 8.50 -34.75 -1.22
N HIS A 1567 9.03 -35.31 -2.31
CA HIS A 1567 8.75 -36.68 -2.70
C HIS A 1567 10.03 -37.50 -2.63
N LYS A 1568 9.88 -38.79 -2.28
CA LYS A 1568 11.03 -39.67 -2.19
C LYS A 1568 11.72 -39.81 -3.54
N ASP A 1569 10.94 -39.95 -4.61
CA ASP A 1569 11.48 -39.97 -5.96
C ASP A 1569 11.33 -38.59 -6.60
N LYS A 1570 12.26 -38.26 -7.51
CA LYS A 1570 12.24 -36.95 -8.13
C LYS A 1570 10.98 -36.75 -8.97
N ASP A 1571 10.57 -37.77 -9.71
CA ASP A 1571 9.41 -37.68 -10.60
C ASP A 1571 8.36 -38.71 -10.21
N PRO A 1572 7.35 -38.33 -9.42
CA PRO A 1572 6.25 -39.25 -9.14
C PRO A 1572 5.37 -39.46 -10.37
N GLU A 1573 4.61 -40.55 -10.34
CA GLU A 1573 3.74 -40.88 -11.45
C GLU A 1573 2.67 -39.80 -11.64
N LEU A 1574 2.39 -39.48 -12.90
CA LEU A 1574 1.39 -38.48 -13.25
C LEU A 1574 0.14 -39.15 -13.81
N ALA A 1575 -1.00 -38.52 -13.58
CA ALA A 1575 -2.25 -39.04 -14.11
C ALA A 1575 -2.31 -38.85 -15.62
N ASN A 1576 -3.19 -39.62 -16.25
CA ASN A 1576 -3.41 -39.55 -17.70
C ASN A 1576 -2.14 -39.85 -18.49
N ASN A 1577 -1.30 -40.74 -17.97
CA ASN A 1577 -0.05 -41.14 -18.61
C ASN A 1577 0.87 -39.94 -18.86
N GLY A 1578 0.80 -38.94 -17.98
CA GLY A 1578 1.62 -37.75 -18.11
C GLY A 1578 1.09 -36.71 -19.08
N LYS A 1579 -0.05 -36.96 -19.74
CA LYS A 1579 -0.60 -36.01 -20.68
C LYS A 1579 -1.36 -34.91 -19.94
N HIS A 1580 -1.51 -33.77 -20.61
CA HIS A 1580 -2.17 -32.61 -20.02
C HIS A 1580 -3.69 -32.80 -20.06
N ILE A 1581 -4.35 -32.33 -19.00
CA ILE A 1581 -5.79 -32.45 -18.86
C ILE A 1581 -6.42 -31.10 -19.21
N THR A 1582 -7.40 -31.11 -20.10
CA THR A 1582 -8.10 -29.89 -20.52
C THR A 1582 -9.28 -29.66 -19.59
N LEU A 1583 -9.09 -28.80 -18.59
CA LEU A 1583 -10.15 -28.51 -17.65
C LEU A 1583 -11.27 -27.73 -18.33
N PRO A 1584 -12.50 -27.86 -17.84
CA PRO A 1584 -13.59 -27.04 -18.37
C PRO A 1584 -13.50 -25.59 -17.90
N LEU A 1585 -14.49 -24.78 -18.24
CA LEU A 1585 -14.51 -23.38 -17.84
C LEU A 1585 -14.86 -23.25 -16.36
N LEU A 1586 -14.09 -22.41 -15.66
CA LEU A 1586 -14.33 -22.12 -14.26
C LEU A 1586 -14.72 -20.65 -14.13
N GLU A 1587 -15.83 -20.39 -13.45
CA GLU A 1587 -16.37 -19.05 -13.31
C GLU A 1587 -16.32 -18.60 -11.86
N ARG A 1588 -16.43 -17.28 -11.66
CA ARG A 1588 -16.33 -16.69 -10.33
C ARG A 1588 -17.59 -16.94 -9.52
N PRO A 1589 -17.45 -17.14 -8.20
CA PRO A 1589 -18.63 -17.30 -7.35
C PRO A 1589 -19.50 -16.05 -7.38
N ARG A 1590 -20.82 -16.26 -7.35
CA ARG A 1590 -21.77 -15.17 -7.41
C ARG A 1590 -22.39 -14.95 -6.04
N PRO A 1591 -22.06 -13.85 -5.34
CA PRO A 1591 -22.63 -13.63 -4.01
C PRO A 1591 -24.15 -13.55 -3.99
N THR A 1592 -24.77 -13.09 -5.06
CA THR A 1592 -26.22 -12.88 -5.07
C THR A 1592 -26.98 -14.14 -5.47
N TRP A 1593 -26.67 -15.25 -4.81
CA TRP A 1593 -27.43 -16.49 -4.94
C TRP A 1593 -27.95 -17.01 -3.61
N SER A 1594 -27.19 -16.85 -2.53
CA SER A 1594 -27.68 -17.09 -1.18
C SER A 1594 -28.23 -15.84 -0.53
N MET A 1595 -28.16 -14.70 -1.21
CA MET A 1595 -28.67 -13.42 -0.69
C MET A 1595 -29.58 -12.80 -1.73
N PRO A 1596 -30.79 -13.33 -1.90
CA PRO A 1596 -31.69 -12.79 -2.93
C PRO A 1596 -32.20 -11.40 -2.62
N LYS A 1597 -32.71 -11.18 -1.42
CA LYS A 1597 -33.37 -9.94 -1.07
C LYS A 1597 -32.45 -9.04 -0.25
N LYS A 1598 -32.95 -7.86 0.10
CA LYS A 1598 -32.18 -6.90 0.89
C LYS A 1598 -31.99 -7.36 2.32
N GLU A 1599 -32.95 -8.12 2.86
CA GLU A 1599 -32.93 -8.54 4.25
C GLU A 1599 -32.18 -9.85 4.47
N SER A 1600 -31.56 -10.40 3.42
CA SER A 1600 -30.85 -11.66 3.54
C SER A 1600 -29.62 -11.51 4.42
N ARG A 1601 -29.32 -12.56 5.17
CA ARG A 1601 -28.19 -12.60 6.08
C ARG A 1601 -27.13 -13.55 5.53
N VAL A 1602 -25.91 -13.42 6.05
CA VAL A 1602 -24.80 -14.25 5.56
C VAL A 1602 -25.05 -15.70 5.96
N PRO A 1603 -25.02 -16.65 5.03
CA PRO A 1603 -25.26 -18.05 5.39
C PRO A 1603 -24.15 -18.66 6.23
N GLY A 1604 -22.90 -18.45 5.84
CA GLY A 1604 -21.78 -18.97 6.59
C GLY A 1604 -20.63 -19.31 5.66
N ARG A 1605 -19.73 -20.14 6.17
CA ARG A 1605 -18.55 -20.55 5.41
C ARG A 1605 -18.93 -21.55 4.33
N LYS A 1606 -18.15 -21.55 3.24
CA LYS A 1606 -18.39 -22.42 2.11
C LYS A 1606 -17.43 -23.61 2.13
N PHE A 1607 -17.97 -24.80 1.88
CA PHE A 1607 -17.20 -26.03 1.91
C PHE A 1607 -17.53 -26.87 0.69
N TYR A 1608 -16.58 -27.72 0.30
CA TYR A 1608 -16.69 -28.57 -0.88
C TYR A 1608 -16.77 -30.03 -0.47
N VAL A 1609 -17.64 -30.78 -1.14
CA VAL A 1609 -17.83 -32.19 -0.83
C VAL A 1609 -16.89 -33.04 -1.69
N HIS A 1610 -16.71 -34.29 -1.29
CA HIS A 1610 -15.89 -35.24 -2.01
C HIS A 1610 -16.75 -36.12 -2.91
N HIS A 1611 -16.26 -36.38 -4.12
CA HIS A 1611 -16.96 -37.25 -5.05
C HIS A 1611 -15.93 -37.78 -6.05
N GLN A 1612 -16.43 -38.41 -7.13
CA GLN A 1612 -15.58 -39.03 -8.14
C GLN A 1612 -15.90 -38.49 -9.53
N GLY A 1613 -16.07 -37.18 -9.65
CA GLY A 1613 -16.33 -36.56 -10.92
C GLY A 1613 -15.10 -36.30 -11.78
N TRP A 1614 -13.91 -36.64 -11.29
CA TRP A 1614 -12.70 -36.41 -12.07
C TRP A 1614 -12.57 -37.39 -13.23
N GLU A 1615 -13.14 -38.59 -13.09
CA GLU A 1615 -13.07 -39.56 -14.17
C GLU A 1615 -13.82 -39.07 -15.40
N ARG A 1616 -14.99 -38.44 -15.21
CA ARG A 1616 -15.71 -37.88 -16.34
C ARG A 1616 -14.92 -36.78 -17.01
N VAL A 1617 -14.26 -35.94 -16.23
CA VAL A 1617 -13.46 -34.85 -16.80
C VAL A 1617 -12.29 -35.42 -17.60
N ILE A 1618 -11.64 -36.46 -17.08
CA ILE A 1618 -10.53 -37.07 -17.81
C ILE A 1618 -11.01 -37.74 -19.09
N LYS A 1619 -12.13 -38.46 -19.03
CA LYS A 1619 -12.64 -39.14 -20.22
C LYS A 1619 -13.10 -38.14 -21.29
N HIS A 1620 -13.68 -37.02 -20.86
CA HIS A 1620 -14.08 -36.00 -21.83
C HIS A 1620 -12.86 -35.41 -22.54
N SER A 1621 -11.75 -35.24 -21.82
CA SER A 1621 -10.49 -34.91 -22.47
C SER A 1621 -9.93 -36.18 -23.12
N ASN A 1622 -8.83 -36.01 -23.87
CA ASN A 1622 -8.22 -37.11 -24.62
C ASN A 1622 -9.23 -37.77 -25.54
N LEU A 1623 -10.05 -36.94 -26.20
CA LEU A 1623 -11.11 -37.41 -27.07
C LEU A 1623 -10.98 -36.72 -28.42
N ASP A 1624 -11.45 -37.39 -29.47
CA ASP A 1624 -11.36 -36.85 -30.82
C ASP A 1624 -12.24 -35.60 -30.96
N GLU A 1625 -11.77 -34.66 -31.79
CA GLU A 1625 -12.42 -33.36 -31.88
C GLU A 1625 -13.82 -33.45 -32.48
N SER A 1626 -14.04 -34.40 -33.39
CA SER A 1626 -15.32 -34.49 -34.08
C SER A 1626 -16.48 -34.79 -33.13
N ASP A 1627 -16.20 -35.40 -31.98
CA ASP A 1627 -17.24 -35.71 -31.02
C ASP A 1627 -17.73 -34.43 -30.35
N PRO A 1628 -19.04 -34.11 -30.41
CA PRO A 1628 -19.52 -32.88 -29.77
C PRO A 1628 -19.38 -32.88 -28.26
N ASN A 1629 -19.11 -34.02 -27.63
CA ASN A 1629 -18.94 -34.09 -26.18
C ASN A 1629 -17.54 -33.71 -25.75
N ALA A 1630 -16.64 -33.41 -26.67
CA ALA A 1630 -15.28 -33.02 -26.33
C ALA A 1630 -15.26 -31.58 -25.79
N THR A 1631 -14.13 -31.21 -25.22
CA THR A 1631 -13.91 -29.87 -24.68
C THR A 1631 -13.01 -29.08 -25.61
N LYS A 1632 -13.47 -27.88 -25.98
CA LYS A 1632 -12.73 -27.04 -26.92
C LYS A 1632 -11.62 -26.28 -26.20
N GLN A 1633 -10.57 -25.95 -26.97
CA GLN A 1633 -9.42 -25.24 -26.43
C GLN A 1633 -9.56 -23.74 -26.70
N THR A 1634 -10.49 -23.13 -25.97
CA THR A 1634 -10.71 -21.70 -26.07
C THR A 1634 -9.65 -20.94 -25.27
N VAL A 1635 -9.74 -19.61 -25.31
CA VAL A 1635 -8.81 -18.79 -24.54
C VAL A 1635 -9.17 -18.79 -23.06
N ASN A 1636 -10.44 -19.00 -22.71
CA ASN A 1636 -10.86 -18.99 -21.32
C ASN A 1636 -10.62 -20.31 -20.61
N ASN A 1637 -10.27 -21.36 -21.34
CA ASN A 1637 -9.99 -22.66 -20.74
C ASN A 1637 -8.54 -22.70 -20.26
N ARG A 1638 -8.10 -23.85 -19.74
CA ARG A 1638 -6.76 -24.00 -19.23
C ARG A 1638 -6.39 -25.47 -19.21
N SER A 1639 -5.12 -25.77 -19.48
CA SER A 1639 -4.62 -27.13 -19.52
C SER A 1639 -3.55 -27.30 -18.44
N VAL A 1640 -3.69 -28.33 -17.61
CA VAL A 1640 -2.82 -28.56 -16.47
C VAL A 1640 -2.38 -30.02 -16.45
N GLN A 1641 -1.50 -30.32 -15.50
CA GLN A 1641 -1.03 -31.69 -15.25
C GLN A 1641 -1.44 -32.12 -13.86
N ALA A 1642 -1.69 -33.42 -13.70
CA ALA A 1642 -2.17 -33.96 -12.44
C ALA A 1642 -1.35 -35.19 -12.07
N ILE A 1643 -1.31 -35.47 -10.76
CA ILE A 1643 -0.59 -36.61 -10.21
C ILE A 1643 -1.59 -37.72 -9.89
N LYS A 1644 -1.19 -38.96 -10.14
CA LYS A 1644 -2.03 -40.11 -9.87
C LYS A 1644 -2.31 -40.26 -8.38
N GLU A 1645 -3.11 -41.26 -8.01
CA GLU A 1645 -3.44 -41.50 -6.63
C GLU A 1645 -2.37 -42.35 -5.94
N GLU A 1646 -2.45 -42.41 -4.61
CA GLU A 1646 -1.52 -43.18 -3.78
C GLU A 1646 -0.07 -42.74 -4.00
N GLN A 1647 0.15 -41.42 -4.02
CA GLN A 1647 1.48 -40.85 -4.13
C GLN A 1647 1.81 -40.12 -2.83
N LYS A 1648 2.97 -40.42 -2.26
CA LYS A 1648 3.32 -39.98 -0.92
C LYS A 1648 4.27 -38.80 -0.93
N PHE A 1649 4.00 -37.82 -0.07
CA PHE A 1649 4.86 -36.67 0.16
C PHE A 1649 5.12 -36.54 1.65
N GLN A 1650 6.25 -35.93 2.00
CA GLN A 1650 6.65 -35.78 3.38
C GLN A 1650 7.00 -34.33 3.68
N PHE A 1651 6.57 -33.86 4.86
CA PHE A 1651 6.86 -32.51 5.30
C PHE A 1651 6.86 -32.46 6.82
N GLU A 1652 7.31 -31.33 7.37
CA GLU A 1652 7.40 -31.14 8.81
C GLU A 1652 6.80 -29.81 9.21
N VAL A 1653 6.27 -29.77 10.43
CA VAL A 1653 5.68 -28.56 11.01
C VAL A 1653 6.48 -28.20 12.26
N ARG A 1654 6.93 -26.95 12.34
CA ARG A 1654 7.73 -26.47 13.46
C ARG A 1654 6.93 -25.44 14.24
N PHE A 1655 6.89 -25.61 15.57
CA PHE A 1655 6.09 -24.76 16.44
C PHE A 1655 6.92 -24.34 17.64
N GLU A 1656 6.50 -23.25 18.28
CA GLU A 1656 7.17 -22.77 19.48
C GLU A 1656 6.17 -22.01 20.36
N ASN A 1657 6.33 -22.17 21.68
CA ASN A 1657 5.51 -21.47 22.67
C ASN A 1657 4.02 -21.79 22.49
N LEU A 1658 3.72 -23.08 22.58
CA LEU A 1658 2.36 -23.57 22.42
C LEU A 1658 1.87 -24.19 23.71
N ARG A 1659 0.65 -23.83 24.13
CA ARG A 1659 0.00 -24.54 25.21
C ARG A 1659 -0.45 -25.91 24.74
N GLU A 1660 -0.58 -26.84 25.69
CA GLU A 1660 -0.81 -28.24 25.32
C GLU A 1660 -2.16 -28.44 24.62
N TRP A 1661 -3.18 -27.67 24.98
CA TRP A 1661 -4.46 -27.79 24.29
C TRP A 1661 -4.34 -27.36 22.83
N GLU A 1662 -3.57 -26.31 22.56
CA GLU A 1662 -3.34 -25.89 21.18
C GLU A 1662 -2.62 -26.98 20.40
N LEU A 1663 -1.62 -27.62 21.01
CA LEU A 1663 -0.89 -28.69 20.34
C LEU A 1663 -1.80 -29.89 20.05
N GLY A 1664 -2.65 -30.24 21.02
CA GLY A 1664 -3.59 -31.33 20.78
C GLY A 1664 -4.57 -31.04 19.67
N LEU A 1665 -5.10 -29.81 19.64
CA LEU A 1665 -6.03 -29.44 18.57
C LEU A 1665 -5.33 -29.41 17.22
N LEU A 1666 -4.09 -28.92 17.18
CA LEU A 1666 -3.34 -28.93 15.93
C LEU A 1666 -3.10 -30.36 15.43
N VAL A 1667 -2.74 -31.26 16.34
CA VAL A 1667 -2.52 -32.66 15.95
C VAL A 1667 -3.82 -33.26 15.43
N TYR A 1668 -4.94 -32.97 16.10
CA TYR A 1668 -6.22 -33.52 15.63
C TYR A 1668 -6.60 -32.95 14.26
N VAL A 1669 -6.38 -31.66 14.04
CA VAL A 1669 -6.71 -31.06 12.75
C VAL A 1669 -5.86 -31.66 11.64
N LEU A 1670 -4.55 -31.79 11.88
CA LEU A 1670 -3.69 -32.38 10.87
C LEU A 1670 -4.07 -33.83 10.59
N GLN A 1671 -4.38 -34.59 11.62
CA GLN A 1671 -4.70 -36.02 11.51
C GLN A 1671 -6.14 -36.23 11.97
N LEU A 1672 -7.07 -36.22 11.02
CA LEU A 1672 -8.48 -36.43 11.32
C LEU A 1672 -8.73 -37.93 11.50
N GLU A 1673 -10.00 -38.31 11.61
CA GLU A 1673 -10.36 -39.71 11.67
C GLU A 1673 -10.12 -40.37 10.32
N PRO A 1674 -9.91 -41.69 10.30
CA PRO A 1674 -9.68 -42.38 9.02
C PRO A 1674 -10.84 -42.29 8.06
N GLN A 1675 -12.04 -41.99 8.54
CA GLN A 1675 -13.20 -41.93 7.66
C GLN A 1675 -13.16 -40.71 6.73
N PHE A 1676 -12.60 -39.60 7.20
CA PHE A 1676 -12.66 -38.33 6.47
C PHE A 1676 -11.36 -38.07 5.72
N ALA A 1677 -11.33 -36.95 5.00
CA ALA A 1677 -10.18 -36.57 4.21
C ALA A 1677 -10.23 -35.06 3.97
N HIS A 1678 -9.11 -34.52 3.50
CA HIS A 1678 -8.97 -33.10 3.22
C HIS A 1678 -9.28 -32.83 1.75
N LYS A 1679 -9.17 -31.55 1.37
CA LYS A 1679 -9.36 -31.15 -0.02
C LYS A 1679 -8.41 -30.02 -0.35
N LEU A 1680 -7.57 -30.24 -1.35
CA LEU A 1680 -6.47 -29.34 -1.67
C LEU A 1680 -6.37 -29.17 -3.19
N GLY A 1681 -5.77 -28.07 -3.61
CA GLY A 1681 -5.49 -27.87 -5.01
C GLY A 1681 -6.57 -27.12 -5.76
N MET A 1682 -6.50 -27.23 -7.09
CA MET A 1682 -7.40 -26.53 -7.98
C MET A 1682 -8.47 -27.48 -8.50
N GLY A 1683 -9.62 -26.91 -8.88
CA GLY A 1683 -10.72 -27.69 -9.38
C GLY A 1683 -11.37 -28.53 -8.31
N LYS A 1684 -11.65 -27.91 -7.15
CA LYS A 1684 -12.26 -28.64 -6.04
C LYS A 1684 -13.67 -29.07 -6.39
N ALA A 1685 -14.43 -28.23 -7.10
CA ALA A 1685 -15.82 -28.55 -7.42
C ALA A 1685 -15.94 -29.73 -8.36
N LEU A 1686 -14.87 -30.10 -9.07
CA LEU A 1686 -14.89 -31.23 -9.99
C LEU A 1686 -14.41 -32.53 -9.34
N GLY A 1687 -14.10 -32.51 -8.04
CA GLY A 1687 -13.66 -33.69 -7.34
C GLY A 1687 -12.17 -33.87 -7.22
N PHE A 1688 -11.38 -32.87 -7.59
CA PHE A 1688 -9.93 -32.98 -7.58
C PHE A 1688 -9.35 -32.59 -6.22
N GLY A 1689 -8.37 -33.37 -5.76
CA GLY A 1689 -7.54 -32.96 -4.65
C GLY A 1689 -7.87 -33.53 -3.28
N SER A 1690 -8.45 -34.72 -3.20
CA SER A 1690 -8.70 -35.33 -1.91
C SER A 1690 -7.41 -35.95 -1.38
N VAL A 1691 -6.94 -35.48 -0.22
CA VAL A 1691 -5.67 -35.91 0.34
C VAL A 1691 -5.88 -36.29 1.81
N ARG A 1692 -4.94 -37.07 2.33
CA ARG A 1692 -4.95 -37.51 3.72
C ARG A 1692 -3.56 -37.33 4.31
N ILE A 1693 -3.50 -36.81 5.54
CA ILE A 1693 -2.26 -36.52 6.22
C ILE A 1693 -2.16 -37.40 7.47
N ARG A 1694 -1.02 -38.05 7.64
CA ARG A 1694 -0.77 -38.90 8.79
C ARG A 1694 0.35 -38.31 9.64
N VAL A 1695 0.16 -38.31 10.96
CA VAL A 1695 1.12 -37.76 11.91
C VAL A 1695 1.94 -38.90 12.48
N GLY A 1696 3.26 -38.78 12.41
CA GLY A 1696 4.14 -39.87 12.78
C GLY A 1696 4.79 -39.76 14.14
N GLU A 1697 5.26 -38.57 14.51
CA GLU A 1697 5.97 -38.40 15.76
C GLU A 1697 5.94 -36.92 16.15
N ILE A 1698 6.03 -36.68 17.46
CA ILE A 1698 6.10 -35.32 18.01
C ILE A 1698 7.40 -35.21 18.79
N HIS A 1699 8.25 -34.26 18.40
CA HIS A 1699 9.53 -34.03 19.05
C HIS A 1699 9.41 -32.77 19.91
N SER A 1700 8.99 -32.96 21.15
CA SER A 1700 8.77 -31.85 22.07
C SER A 1700 10.03 -31.44 22.84
N GLY A 1701 11.16 -32.08 22.54
CA GLY A 1701 12.41 -31.73 23.18
C GLY A 1701 12.59 -32.40 24.52
N PRO A 1702 13.47 -31.83 25.36
CA PRO A 1702 13.71 -32.43 26.69
C PRO A 1702 12.48 -32.48 27.57
N LYS A 1703 11.52 -31.57 27.36
CA LYS A 1703 10.33 -31.54 28.19
C LYS A 1703 9.49 -32.79 27.96
N GLU A 1704 8.89 -33.28 29.04
CA GLU A 1704 8.04 -34.47 28.96
C GLU A 1704 6.64 -34.11 28.52
N LEU A 1705 6.07 -34.94 27.64
CA LEU A 1705 4.72 -34.72 27.13
C LEU A 1705 4.04 -36.07 26.99
N ASP A 1706 2.73 -36.10 27.28
CA ASP A 1706 1.94 -37.32 27.19
C ASP A 1706 0.65 -37.03 26.45
N GLU A 1707 0.14 -38.07 25.78
CA GLU A 1707 -1.05 -37.90 24.95
C GLU A 1707 -2.33 -37.74 25.77
N SER A 1708 -2.38 -38.34 26.96
CA SER A 1708 -3.58 -38.21 27.79
C SER A 1708 -3.85 -36.76 28.16
N ARG A 1709 -2.80 -36.03 28.54
CA ARG A 1709 -2.97 -34.63 28.86
C ARG A 1709 -3.42 -33.83 27.65
N LEU A 1710 -2.86 -34.12 26.47
CA LEU A 1710 -3.26 -33.42 25.26
C LEU A 1710 -4.75 -33.65 24.96
N VAL A 1711 -5.18 -34.91 25.03
CA VAL A 1711 -6.58 -35.22 24.73
C VAL A 1711 -7.51 -34.56 25.76
N SER A 1712 -7.15 -34.63 27.04
CA SER A 1712 -7.98 -34.03 28.07
C SER A 1712 -8.07 -32.51 27.89
N SER A 1713 -6.95 -31.86 27.59
CA SER A 1713 -6.96 -30.41 27.39
C SER A 1713 -7.78 -30.01 26.17
N ALA A 1714 -7.65 -30.77 25.07
CA ALA A 1714 -8.45 -30.48 23.89
C ALA A 1714 -9.93 -30.64 24.17
N MET A 1715 -10.30 -31.71 24.89
CA MET A 1715 -11.70 -31.91 25.24
C MET A 1715 -12.22 -30.78 26.13
N LYS A 1716 -11.41 -30.36 27.10
CA LYS A 1716 -11.83 -29.26 27.98
C LYS A 1716 -12.02 -27.97 27.19
N LYS A 1717 -11.10 -27.67 26.26
CA LYS A 1717 -11.24 -26.46 25.47
C LYS A 1717 -12.48 -26.52 24.58
N MET A 1718 -12.73 -27.67 23.95
CA MET A 1718 -13.91 -27.78 23.10
C MET A 1718 -15.20 -27.66 23.90
N GLU A 1719 -15.23 -28.26 25.10
CA GLU A 1719 -16.41 -28.14 25.94
C GLU A 1719 -16.60 -26.71 26.42
N GLU A 1720 -15.51 -25.98 26.69
CA GLU A 1720 -15.63 -24.59 27.09
C GLU A 1720 -16.14 -23.73 25.94
N ILE A 1721 -15.71 -24.03 24.71
CA ILE A 1721 -16.08 -23.19 23.57
C ILE A 1721 -17.51 -23.49 23.14
N TRP A 1722 -17.79 -24.73 22.75
CA TRP A 1722 -19.09 -25.06 22.16
C TRP A 1722 -20.20 -25.14 23.20
N ASP A 1723 -19.87 -25.53 24.44
CA ASP A 1723 -20.84 -25.62 25.53
C ASP A 1723 -21.95 -26.63 25.19
N ARG A 1724 -21.53 -27.84 24.84
CA ARG A 1724 -22.44 -28.95 24.53
C ARG A 1724 -23.41 -28.58 23.41
N ASP A 1725 -22.87 -27.96 22.36
CA ASP A 1725 -23.61 -27.67 21.15
C ASP A 1725 -23.02 -28.53 20.03
N LYS A 1726 -23.87 -29.28 19.34
CA LYS A 1726 -23.42 -30.26 18.37
C LYS A 1726 -23.94 -30.03 16.95
N ASN A 1727 -24.96 -29.20 16.77
CA ASN A 1727 -25.55 -29.03 15.43
C ASN A 1727 -24.51 -28.60 14.40
N VAL A 1728 -23.77 -27.53 14.71
CA VAL A 1728 -22.76 -27.06 13.79
C VAL A 1728 -21.65 -28.09 13.63
N LEU A 1729 -21.30 -28.78 14.72
CA LEU A 1729 -20.26 -29.81 14.64
C LEU A 1729 -20.70 -30.99 13.79
N GLU A 1730 -21.95 -31.45 13.94
CA GLU A 1730 -22.45 -32.52 13.10
C GLU A 1730 -22.48 -32.10 11.63
N LYS A 1731 -22.90 -30.87 11.36
CA LYS A 1731 -22.90 -30.38 9.99
C LYS A 1731 -21.49 -30.33 9.40
N LEU A 1732 -20.53 -29.86 10.20
CA LEU A 1732 -19.15 -29.79 9.72
C LEU A 1732 -18.58 -31.17 9.44
N PHE A 1733 -18.86 -32.14 10.32
CA PHE A 1733 -18.37 -33.49 10.10
C PHE A 1733 -19.11 -34.20 8.98
N ARG A 1734 -20.33 -33.75 8.65
CA ARG A 1734 -21.01 -34.24 7.46
C ARG A 1734 -20.42 -33.65 6.19
N LEU A 1735 -19.94 -32.40 6.24
CA LEU A 1735 -19.31 -31.80 5.09
C LEU A 1735 -17.92 -32.39 4.82
N LEU A 1736 -17.30 -33.02 5.81
CA LEU A 1736 -15.98 -33.60 5.65
C LEU A 1736 -16.00 -35.09 5.38
N TYR A 1737 -17.18 -35.70 5.28
CA TYR A 1737 -17.26 -37.13 5.00
C TYR A 1737 -16.73 -37.42 3.60
N PHE A 1738 -16.02 -38.54 3.47
CA PHE A 1738 -15.40 -38.92 2.21
C PHE A 1738 -16.31 -39.87 1.44
N ASN A 1739 -16.54 -39.55 0.17
CA ASN A 1739 -17.39 -40.36 -0.70
C ASN A 1739 -16.52 -41.03 -1.76
N GLU A 1740 -16.50 -42.35 -1.76
CA GLU A 1740 -15.78 -43.13 -2.76
C GLU A 1740 -16.69 -43.74 -3.81
N SER A 1741 -17.99 -43.83 -3.54
CA SER A 1741 -18.92 -44.46 -4.47
C SER A 1741 -18.93 -43.74 -5.81
N LYS A 1742 -18.86 -44.53 -6.89
CA LYS A 1742 -18.87 -43.99 -8.25
C LYS A 1742 -20.28 -43.70 -8.76
N ASP A 1743 -21.31 -44.07 -8.00
CA ASP A 1743 -22.69 -43.91 -8.44
C ASP A 1743 -23.32 -42.61 -7.97
N ILE A 1744 -22.57 -41.75 -7.30
CA ILE A 1744 -23.08 -40.47 -6.81
C ILE A 1744 -22.62 -39.37 -7.76
N LYS A 1745 -23.58 -38.63 -8.31
CA LYS A 1745 -23.32 -37.60 -9.29
C LYS A 1745 -23.64 -36.23 -8.71
N VAL A 1746 -22.67 -35.32 -8.79
CA VAL A 1746 -22.85 -33.93 -8.37
C VAL A 1746 -22.50 -33.02 -9.54
N ARG A 1747 -23.39 -32.06 -9.83
CA ARG A 1747 -23.20 -31.15 -10.94
C ARG A 1747 -23.79 -29.80 -10.55
N TYR A 1748 -23.91 -28.91 -11.52
CA TYR A 1748 -24.54 -27.61 -11.35
C TYR A 1748 -25.84 -27.55 -12.14
N PRO A 1749 -26.78 -26.69 -11.70
CA PRO A 1749 -28.10 -26.67 -12.34
C PRO A 1749 -28.10 -26.31 -13.82
N LYS A 1750 -27.03 -25.71 -14.35
CA LYS A 1750 -26.94 -25.44 -15.78
C LYS A 1750 -28.11 -24.56 -16.23
N LEU A 1751 -28.08 -23.29 -15.82
CA LEU A 1751 -29.18 -22.34 -16.00
C LEU A 1751 -29.94 -22.56 -17.30
N GLN A 1752 -31.28 -22.59 -17.18
CA GLN A 1752 -32.23 -22.72 -18.29
C GLN A 1752 -32.23 -24.13 -18.87
N LYS A 1753 -33.37 -24.55 -19.41
CA LYS A 1753 -33.53 -25.85 -20.05
C LYS A 1753 -34.03 -25.63 -21.46
N GLU A 1754 -33.38 -26.27 -22.43
CA GLU A 1754 -33.77 -26.19 -23.83
C GLU A 1754 -34.23 -27.56 -24.30
N LYS A 1755 -34.60 -27.64 -25.59
CA LYS A 1755 -34.98 -28.89 -26.24
C LYS A 1755 -36.28 -29.44 -25.67
N GLU A 1756 -36.86 -30.44 -26.34
CA GLU A 1756 -38.11 -31.05 -25.89
C GLU A 1756 -37.87 -32.09 -24.81
N GLU A 1757 -38.89 -32.88 -24.51
CA GLU A 1757 -38.85 -33.95 -23.49
C GLU A 1757 -38.62 -33.29 -22.14
N GLU A 1758 -37.93 -33.96 -21.20
CA GLU A 1758 -37.75 -33.42 -19.86
C GLU A 1758 -36.39 -32.75 -19.71
N GLU A 1759 -35.31 -33.50 -19.99
CA GLU A 1759 -33.94 -32.99 -19.88
C GLU A 1759 -33.67 -32.42 -18.49
N GLU A 1760 -34.09 -33.16 -17.46
CA GLU A 1760 -33.85 -32.81 -16.06
C GLU A 1760 -34.65 -31.57 -15.64
N GLU A 1761 -34.71 -31.31 -14.33
CA GLU A 1761 -35.22 -30.06 -13.82
C GLU A 1761 -34.16 -28.97 -13.81
N SER A 1762 -33.12 -29.14 -14.62
CA SER A 1762 -31.97 -28.24 -14.61
C SER A 1762 -32.39 -26.81 -14.94
N GLY A 1763 -31.76 -25.86 -14.25
CA GLY A 1763 -32.05 -24.45 -14.47
C GLY A 1763 -32.22 -23.70 -13.17
N TYR A 1764 -31.44 -22.63 -12.99
CA TYR A 1764 -31.50 -21.88 -11.74
C TYR A 1764 -32.82 -21.16 -11.59
N MET A 1765 -33.39 -20.67 -12.69
CA MET A 1765 -34.71 -20.04 -12.64
C MET A 1765 -35.78 -21.05 -12.24
N GLU A 1766 -35.82 -22.19 -12.94
CA GLU A 1766 -36.88 -23.18 -12.71
C GLU A 1766 -36.79 -23.77 -11.31
N LEU A 1767 -35.57 -23.92 -10.77
CA LEU A 1767 -35.44 -24.34 -9.38
C LEU A 1767 -35.99 -23.29 -8.43
N ALA A 1768 -35.75 -22.01 -8.74
CA ALA A 1768 -36.25 -20.94 -7.87
C ALA A 1768 -37.77 -20.82 -7.95
N LYS A 1769 -38.36 -21.22 -9.06
CA LYS A 1769 -39.81 -21.08 -9.23
C LYS A 1769 -40.58 -21.97 -8.26
N GLU A 1770 -40.16 -23.23 -8.12
CA GLU A 1770 -41.03 -24.20 -7.47
C GLU A 1770 -40.47 -24.75 -6.15
N GLU A 1771 -39.20 -25.17 -6.14
CA GLU A 1771 -38.70 -25.92 -4.99
C GLU A 1771 -37.98 -25.03 -3.99
N TYR A 1772 -36.95 -24.30 -4.44
CA TYR A 1772 -36.10 -23.54 -3.52
C TYR A 1772 -36.78 -22.24 -3.08
N GLN A 1773 -37.10 -21.36 -4.05
CA GLN A 1773 -37.76 -20.08 -3.84
C GLN A 1773 -36.85 -19.10 -3.13
N PRO A 1774 -36.94 -17.81 -3.43
CA PRO A 1774 -36.04 -16.83 -2.77
C PRO A 1774 -36.19 -16.78 -1.26
N GLU A 1775 -37.41 -16.93 -0.76
CA GLU A 1775 -37.64 -16.78 0.69
C GLU A 1775 -37.10 -17.97 1.46
N GLN A 1776 -37.18 -19.17 0.90
CA GLN A 1776 -36.71 -20.38 1.56
C GLN A 1776 -35.28 -20.73 1.18
N ARG A 1777 -34.65 -19.95 0.29
CA ARG A 1777 -33.30 -20.28 -0.16
C ARG A 1777 -32.28 -20.16 0.95
N ARG A 1778 -32.64 -19.54 2.08
CA ARG A 1778 -31.76 -19.57 3.25
C ARG A 1778 -31.97 -20.88 4.00
N ASN A 1779 -31.90 -21.99 3.26
CA ASN A 1779 -32.11 -23.34 3.74
C ASN A 1779 -31.91 -24.25 2.53
N LYS A 1780 -31.71 -25.55 2.80
CA LYS A 1780 -31.36 -26.54 1.79
C LYS A 1780 -29.95 -26.29 1.25
N LEU A 1781 -29.33 -25.20 1.68
CA LEU A 1781 -27.93 -24.91 1.39
C LEU A 1781 -27.05 -24.99 2.63
N THR A 1782 -27.60 -24.66 3.80
CA THR A 1782 -26.91 -24.91 5.05
C THR A 1782 -27.04 -26.35 5.51
N ASN A 1783 -27.98 -27.10 4.93
CA ASN A 1783 -28.14 -28.51 5.26
C ASN A 1783 -27.29 -29.34 4.29
N PRO A 1784 -26.24 -30.00 4.76
CA PRO A 1784 -25.35 -30.71 3.85
C PRO A 1784 -26.01 -31.91 3.19
N TRP A 1785 -25.51 -32.25 2.00
CA TRP A 1785 -25.90 -33.45 1.26
C TRP A 1785 -27.40 -33.46 0.96
N GLU A 1786 -27.82 -32.47 0.17
CA GLU A 1786 -29.21 -32.36 -0.27
C GLU A 1786 -29.22 -32.10 -1.77
N GLY A 1787 -29.85 -32.99 -2.53
CA GLY A 1787 -29.95 -32.83 -3.96
C GLY A 1787 -31.10 -31.93 -4.37
N TRP A 1788 -31.08 -31.48 -5.63
CA TRP A 1788 -32.12 -30.61 -6.13
C TRP A 1788 -33.07 -31.30 -7.11
N GLY A 1789 -32.58 -32.28 -7.86
CA GLY A 1789 -33.41 -32.96 -8.85
C GLY A 1789 -33.07 -34.42 -8.95
N ASN A 1790 -33.99 -35.17 -9.55
CA ASN A 1790 -33.82 -36.60 -9.73
C ASN A 1790 -33.27 -36.90 -11.12
N ILE A 1791 -32.77 -38.13 -11.28
CA ILE A 1791 -32.24 -38.57 -12.57
C ILE A 1791 -33.39 -38.94 -13.49
N LEU A 1792 -33.42 -38.33 -14.67
CA LEU A 1792 -34.50 -38.57 -15.62
C LEU A 1792 -34.40 -39.97 -16.21
N SER C 2 -6.04 10.51 41.48
CA SER C 2 -6.08 11.77 42.22
C SER C 2 -6.40 12.93 41.30
N SER C 3 -7.61 12.93 40.74
CA SER C 3 -8.07 13.96 39.81
C SER C 3 -7.07 14.13 38.66
N ALA C 4 -6.68 13.01 38.07
CA ALA C 4 -5.68 13.01 37.00
C ALA C 4 -6.01 11.87 36.04
N PHE C 5 -5.05 11.53 35.18
CA PHE C 5 -5.26 10.47 34.20
C PHE C 5 -5.50 9.13 34.86
N SER C 6 -4.90 8.91 36.04
CA SER C 6 -5.06 7.67 36.80
C SER C 6 -4.64 6.44 36.00
N GLY C 7 -3.64 6.60 35.13
CA GLY C 7 -3.12 5.47 34.39
C GLY C 7 -1.68 5.18 34.73
N LEU C 8 -0.92 6.22 35.06
CA LEU C 8 0.47 6.05 35.47
C LEU C 8 0.53 5.44 36.86
N LYS C 9 1.38 4.43 37.04
CA LYS C 9 1.50 3.79 38.35
C LYS C 9 2.08 4.73 39.38
N ILE C 10 3.19 5.39 39.04
CA ILE C 10 3.84 6.35 39.94
C ILE C 10 4.74 7.24 39.08
N PRO C 11 4.91 8.51 39.43
CA PRO C 11 5.91 9.33 38.72
C PRO C 11 7.33 8.83 38.87
N GLU C 12 7.61 8.03 39.91
CA GLU C 12 8.96 7.49 40.08
C GLU C 12 9.35 6.59 38.91
N LEU C 13 8.45 5.71 38.49
CA LEU C 13 8.66 4.82 37.36
C LEU C 13 7.56 5.10 36.33
N SER C 14 7.93 5.73 35.22
CA SER C 14 6.97 6.17 34.22
C SER C 14 6.44 4.97 33.45
N VAL C 15 5.54 4.23 34.10
CA VAL C 15 4.92 3.06 33.52
C VAL C 15 3.41 3.17 33.67
N ASP C 16 2.69 2.46 32.81
CA ASP C 16 1.24 2.36 32.92
C ASP C 16 0.81 0.93 32.68
N PRO C 17 0.20 0.27 33.67
CA PRO C 17 -0.16 -1.15 33.54
C PRO C 17 -1.50 -1.35 32.83
N ALA C 18 -1.52 -0.99 31.54
CA ALA C 18 -2.72 -1.09 30.71
C ALA C 18 -3.90 -0.39 31.37
N GLU C 19 -5.09 -1.00 31.28
CA GLU C 19 -6.32 -0.52 31.92
C GLU C 19 -6.56 0.97 31.69
N VAL C 20 -6.01 1.50 30.59
CA VAL C 20 -6.26 2.88 30.21
C VAL C 20 -7.48 3.03 29.30
N PHE C 21 -7.95 1.93 28.71
CA PHE C 21 -9.12 1.98 27.85
C PHE C 21 -10.41 2.21 28.64
N LYS C 22 -10.35 2.15 29.97
CA LYS C 22 -11.52 2.47 30.78
C LYS C 22 -11.96 3.92 30.58
N SER C 23 -11.01 4.81 30.29
CA SER C 23 -11.35 6.19 29.99
C SER C 23 -12.06 6.29 28.65
N ASP C 24 -12.83 7.37 28.48
CA ASP C 24 -13.63 7.56 27.28
C ASP C 24 -12.91 8.35 26.21
N ASN C 25 -12.08 9.31 26.60
CA ASN C 25 -11.43 10.18 25.63
C ASN C 25 -10.36 9.42 24.85
N PRO C 26 -10.45 9.35 23.53
CA PRO C 26 -9.35 8.73 22.75
C PRO C 26 -8.04 9.46 22.91
N GLN C 27 -8.08 10.78 23.15
CA GLN C 27 -6.84 11.54 23.34
C GLN C 27 -6.07 11.05 24.56
N LEU C 28 -6.77 10.78 25.66
CA LEU C 28 -6.10 10.21 26.84
C LEU C 28 -5.47 8.87 26.50
N VAL C 29 -6.22 8.01 25.81
CA VAL C 29 -5.69 6.68 25.48
C VAL C 29 -4.57 6.78 24.45
N SER C 30 -4.74 7.64 23.45
CA SER C 30 -3.77 7.69 22.36
C SER C 30 -2.38 8.06 22.87
N VAL C 31 -2.31 9.08 23.73
CA VAL C 31 -1.01 9.56 24.20
C VAL C 31 -0.38 8.56 25.18
N LEU C 32 -1.18 7.91 26.01
CA LEU C 32 -0.59 7.09 27.07
C LEU C 32 0.13 5.87 26.54
N LEU C 33 -0.15 5.45 25.31
CA LEU C 33 0.45 4.25 24.74
C LEU C 33 1.81 4.46 24.05
N ASP C 34 2.19 5.69 23.70
CA ASP C 34 3.34 5.88 22.83
C ASP C 34 4.50 6.73 23.37
N GLU C 35 4.47 7.15 24.64
CA GLU C 35 5.68 7.63 25.29
C GLU C 35 5.99 6.97 26.63
N PHE C 36 5.19 5.99 27.06
CA PHE C 36 5.47 5.25 28.28
C PHE C 36 5.50 3.76 27.97
N GLU C 37 6.43 3.05 28.61
CA GLU C 37 6.49 1.60 28.45
C GLU C 37 5.26 0.95 29.07
N LEU C 38 4.76 -0.09 28.40
CA LEU C 38 3.44 -0.63 28.67
C LEU C 38 3.43 -1.69 29.77
N GLN C 39 4.56 -1.91 30.44
CA GLN C 39 4.65 -2.89 31.51
C GLN C 39 4.33 -4.28 30.99
N GLU C 40 4.11 -5.24 31.91
CA GLU C 40 3.75 -6.61 31.58
C GLU C 40 4.85 -7.31 30.79
N GLN C 41 4.74 -8.62 30.61
CA GLN C 41 5.71 -9.38 29.82
C GLN C 41 5.08 -10.00 28.59
N ARG C 42 3.85 -9.65 28.26
CA ARG C 42 3.14 -10.15 27.10
C ARG C 42 2.54 -9.00 26.32
N PRO C 43 2.38 -9.14 25.00
CA PRO C 43 1.74 -8.08 24.23
C PRO C 43 0.29 -7.89 24.64
N PHE C 44 -0.17 -6.65 24.57
CA PHE C 44 -1.53 -6.28 24.95
C PHE C 44 -2.29 -5.80 23.71
N PHE C 45 -3.43 -6.41 23.44
CA PHE C 45 -4.26 -6.07 22.29
C PHE C 45 -5.67 -5.75 22.77
N SER C 46 -6.13 -4.54 22.50
CA SER C 46 -7.48 -4.12 22.86
C SER C 46 -7.81 -2.87 22.06
N GLY C 47 -9.06 -2.41 22.21
CA GLY C 47 -9.49 -1.24 21.48
C GLY C 47 -10.83 -0.74 21.98
N LEU C 48 -11.32 0.29 21.32
CA LEU C 48 -12.60 0.90 21.63
C LEU C 48 -13.58 0.63 20.48
N ILE C 49 -14.83 1.07 20.68
CA ILE C 49 -15.88 0.90 19.69
C ILE C 49 -15.92 2.16 18.83
N PRO C 50 -15.76 2.06 17.52
CA PRO C 50 -15.74 3.27 16.68
C PRO C 50 -17.10 3.91 16.52
N GLU C 51 -17.69 4.36 17.63
CA GLU C 51 -18.97 5.05 17.61
C GLU C 51 -18.96 6.23 18.58
N LYS C 52 -17.75 6.65 18.99
CA LYS C 52 -17.61 7.71 19.97
C LYS C 52 -17.94 9.05 19.33
N GLN C 53 -18.96 9.72 19.86
CA GLN C 53 -19.37 11.02 19.37
C GLN C 53 -18.45 12.12 19.91
N ILE C 54 -18.85 13.37 19.66
CA ILE C 54 -18.25 14.60 20.19
C ILE C 54 -16.88 14.83 19.56
N ASN C 55 -16.48 13.90 18.68
CA ASN C 55 -15.21 13.97 17.95
C ASN C 55 -14.02 13.80 18.88
N ILE C 56 -12.82 13.99 18.34
CA ILE C 56 -11.58 13.71 19.05
C ILE C 56 -10.78 15.00 19.28
N ALA C 57 -11.37 16.14 18.89
CA ALA C 57 -10.84 17.49 19.12
C ALA C 57 -9.66 17.81 18.23
N LEU C 58 -9.19 16.82 17.46
CA LEU C 58 -8.22 16.98 16.37
C LEU C 58 -6.88 17.57 16.80
N LYS C 59 -6.62 17.69 18.11
CA LYS C 59 -5.37 18.28 18.57
C LYS C 59 -4.78 17.43 19.69
N LYS C 60 -3.46 17.47 19.80
CA LYS C 60 -2.75 16.81 20.88
C LYS C 60 -2.24 17.77 21.95
N SER C 61 -1.90 19.00 21.57
CA SER C 61 -1.25 19.93 22.50
C SER C 61 -2.02 20.16 23.79
N PRO C 62 -3.34 20.35 23.80
CA PRO C 62 -4.02 20.57 25.09
C PRO C 62 -3.94 19.37 26.03
N GLN C 63 -3.61 18.19 25.52
CA GLN C 63 -3.63 16.99 26.35
C GLN C 63 -2.28 16.74 27.03
N LEU C 64 -1.20 16.61 26.27
CA LEU C 64 0.09 16.33 26.90
C LEU C 64 0.66 17.55 27.63
N LYS C 65 0.05 18.72 27.46
CA LYS C 65 0.39 19.85 28.32
C LYS C 65 0.02 19.56 29.76
N LYS C 66 -1.06 18.83 29.99
CA LYS C 66 -1.43 18.41 31.34
C LYS C 66 -0.41 17.45 31.93
N LEU C 67 0.30 16.71 31.07
CA LEU C 67 1.40 15.89 31.56
C LEU C 67 2.52 16.75 32.14
N ALA C 68 2.81 17.88 31.48
CA ALA C 68 3.91 18.74 31.92
C ALA C 68 3.68 19.26 33.33
N CYS C 69 2.51 19.82 33.59
CA CYS C 69 2.22 20.33 34.93
C CYS C 69 2.20 19.21 35.96
N HIS C 70 1.64 18.06 35.59
CA HIS C 70 1.55 16.94 36.51
C HIS C 70 2.92 16.38 36.85
N LEU C 71 3.82 16.31 35.86
CA LEU C 71 5.15 15.75 36.11
C LEU C 71 6.02 16.73 36.89
N LEU C 72 5.95 18.03 36.56
CA LEU C 72 6.77 19.02 37.26
C LEU C 72 6.38 19.13 38.73
N GLU C 73 5.08 19.10 39.03
CA GLU C 73 4.67 19.21 40.43
C GLU C 73 5.09 17.99 41.23
N ALA C 74 5.24 16.84 40.58
CA ALA C 74 5.69 15.64 41.28
C ALA C 74 7.09 15.82 41.83
N TYR C 75 7.99 16.41 41.04
CA TYR C 75 9.36 16.66 41.51
C TYR C 75 9.35 17.67 42.65
N GLU C 76 8.57 18.75 42.51
CA GLU C 76 8.57 19.81 43.51
C GLU C 76 7.89 19.40 44.81
N ILE C 77 7.20 18.27 44.84
CA ILE C 77 6.53 17.79 46.04
C ILE C 77 7.15 16.49 46.55
N ASN C 78 7.45 15.54 45.65
CA ASN C 78 7.94 14.23 46.06
C ASN C 78 9.25 13.86 45.40
N GLY C 79 10.04 14.85 44.97
CA GLY C 79 11.26 14.55 44.24
C GLY C 79 12.49 14.33 45.10
N ARG C 80 12.40 14.63 46.40
CA ARG C 80 13.58 14.51 47.24
C ARG C 80 13.89 13.05 47.60
N ARG C 81 12.86 12.21 47.71
CA ARG C 81 13.08 10.83 48.11
C ARG C 81 13.61 9.97 46.97
N TRP C 82 13.32 10.33 45.72
CA TRP C 82 13.72 9.52 44.59
C TRP C 82 15.23 9.60 44.37
N LYS C 83 15.78 8.56 43.75
CA LYS C 83 17.20 8.44 43.53
C LYS C 83 17.63 9.28 42.33
N HIS C 84 18.94 9.26 42.05
CA HIS C 84 19.50 10.08 40.97
C HIS C 84 18.92 9.67 39.63
N ALA C 85 18.84 8.37 39.37
CA ALA C 85 18.28 7.91 38.09
C ALA C 85 16.82 8.30 37.96
N ASP C 86 16.05 8.19 39.04
CA ASP C 86 14.65 8.57 39.01
C ASP C 86 14.48 10.08 38.79
N ARG C 87 15.32 10.89 39.43
CA ARG C 87 15.23 12.33 39.27
C ARG C 87 15.49 12.76 37.83
N ARG C 88 16.51 12.16 37.20
CA ARG C 88 16.83 12.49 35.82
C ARG C 88 15.72 12.07 34.87
N ARG C 89 15.12 10.90 35.11
CA ARG C 89 14.11 10.38 34.20
C ARG C 89 12.87 11.28 34.16
N VAL C 90 12.45 11.77 35.32
CA VAL C 90 11.25 12.61 35.37
C VAL C 90 11.47 13.92 34.62
N LEU C 91 12.61 14.58 34.86
CA LEU C 91 12.88 15.85 34.21
C LEU C 91 13.10 15.67 32.71
N GLU C 92 13.89 14.68 32.32
CA GLU C 92 14.19 14.49 30.90
C GLU C 92 12.93 14.18 30.12
N LYS C 93 12.03 13.38 30.69
CA LYS C 93 10.77 13.09 30.02
C LYS C 93 9.93 14.34 29.84
N ALA C 94 9.89 15.21 30.87
CA ALA C 94 9.09 16.42 30.79
C ALA C 94 9.59 17.35 29.70
N ILE C 95 10.92 17.44 29.54
CA ILE C 95 11.49 18.31 28.51
C ILE C 95 11.11 17.81 27.12
N ARG C 96 11.12 16.48 26.91
CA ARG C 96 10.82 15.93 25.59
C ARG C 96 9.40 16.27 25.16
N LEU C 97 8.43 16.16 26.07
CA LEU C 97 7.05 16.46 25.70
C LEU C 97 6.82 17.97 25.59
N LEU C 98 7.54 18.76 26.37
CA LEU C 98 7.35 20.21 26.34
C LEU C 98 7.76 20.82 25.00
N GLU C 99 8.88 20.36 24.44
CA GLU C 99 9.37 20.95 23.20
C GLU C 99 8.51 20.56 22.01
N LYS C 100 7.87 19.39 22.05
CA LYS C 100 7.03 18.97 20.94
C LYS C 100 5.84 19.91 20.76
N VAL C 101 5.22 20.32 21.87
CA VAL C 101 4.11 21.26 21.78
C VAL C 101 4.59 22.61 21.26
N SER C 102 5.74 23.07 21.75
CA SER C 102 6.28 24.35 21.30
C SER C 102 6.61 24.34 19.82
N ASN C 103 7.15 23.22 19.32
CA ASN C 103 7.44 23.12 17.90
C ASN C 103 6.17 23.24 17.06
N GLU C 104 5.09 22.58 17.50
CA GLU C 104 3.82 22.71 16.80
C GLU C 104 3.28 24.14 16.86
N LEU C 105 3.37 24.76 18.04
CA LEU C 105 2.86 26.12 18.20
C LEU C 105 3.67 27.13 17.42
N LYS C 106 5.01 27.02 17.46
CA LYS C 106 5.85 27.97 16.75
C LYS C 106 5.64 27.86 15.24
N GLY C 107 5.51 26.64 14.72
CA GLY C 107 5.22 26.47 13.31
C GLY C 107 3.89 27.05 12.90
N ASP C 108 2.89 26.98 13.79
CA ASP C 108 1.61 27.63 13.52
C ASP C 108 1.77 29.15 13.52
N ILE C 109 2.72 29.67 14.29
CA ILE C 109 2.87 31.12 14.43
C ILE C 109 3.30 31.74 13.10
N GLN C 110 4.33 31.18 12.46
CA GLN C 110 4.82 31.75 11.22
C GLN C 110 3.78 31.63 10.10
N LYS C 111 3.12 30.47 10.01
CA LYS C 111 2.12 30.30 8.96
C LYS C 111 0.90 31.18 9.19
N LEU C 112 0.66 31.61 10.44
CA LEU C 112 -0.43 32.51 10.73
C LEU C 112 0.02 33.97 10.69
N GLU C 113 1.28 34.25 11.04
CA GLU C 113 1.78 35.62 10.97
C GLU C 113 1.79 36.14 9.54
N ASN C 114 1.94 35.24 8.56
CA ASN C 114 1.76 35.64 7.17
C ASN C 114 0.30 35.85 6.83
N ASN C 115 -0.59 35.07 7.45
CA ASN C 115 -2.03 35.20 7.17
C ASN C 115 -2.63 36.43 7.84
N VAL C 116 -2.13 36.82 9.02
CA VAL C 116 -2.74 37.90 9.77
C VAL C 116 -2.55 39.25 9.08
N LYS C 117 -1.60 39.33 8.14
CA LYS C 117 -1.36 40.60 7.45
C LYS C 117 -2.59 41.04 6.64
N GLU C 118 -3.35 40.08 6.11
CA GLU C 118 -4.57 40.38 5.37
C GLU C 118 -5.82 40.20 6.20
N SER C 119 -5.68 39.99 7.51
CA SER C 119 -6.80 39.80 8.41
C SER C 119 -7.05 41.01 9.30
N GLY C 120 -6.59 42.19 8.89
CA GLY C 120 -6.78 43.39 9.69
C GLY C 120 -6.00 43.42 10.99
N LYS C 121 -4.76 42.91 10.97
CA LYS C 121 -3.83 42.93 12.11
C LYS C 121 -4.51 42.57 13.43
N ASP C 122 -5.36 41.53 13.37
CA ASP C 122 -6.06 41.04 14.55
C ASP C 122 -5.14 40.07 15.29
N SER C 123 -4.66 40.48 16.46
CA SER C 123 -3.75 39.70 17.26
C SER C 123 -4.44 38.96 18.40
N GLU C 124 -5.77 38.91 18.39
CA GLU C 124 -6.49 38.22 19.46
C GLU C 124 -6.15 36.72 19.48
N GLU C 125 -6.17 36.09 18.30
CA GLU C 125 -5.77 34.69 18.22
C GLU C 125 -4.28 34.53 18.50
N LEU C 126 -3.47 35.49 18.05
CA LEU C 126 -2.03 35.44 18.30
C LEU C 126 -1.72 35.54 19.79
N ASN C 127 -2.45 36.41 20.50
CA ASN C 127 -2.19 36.61 21.92
C ASN C 127 -2.42 35.34 22.72
N LYS C 128 -3.50 34.62 22.43
CA LYS C 128 -3.78 33.38 23.14
C LYS C 128 -2.71 32.33 22.87
N THR C 129 -2.28 32.19 21.61
CA THR C 129 -1.28 31.19 21.26
C THR C 129 0.10 31.58 21.77
N ARG C 130 0.47 32.85 21.63
CA ARG C 130 1.81 33.28 22.06
C ARG C 130 1.95 33.20 23.57
N GLU C 131 0.87 33.48 24.31
CA GLU C 131 0.91 33.37 25.76
C GLU C 131 1.18 31.93 26.18
N LYS C 132 0.54 30.97 25.52
CA LYS C 132 0.82 29.56 25.80
C LYS C 132 2.25 29.20 25.42
N HIS C 133 2.74 29.75 24.30
CA HIS C 133 4.13 29.54 23.92
C HIS C 133 5.08 30.14 24.96
N GLY C 134 4.76 31.34 25.45
CA GLY C 134 5.55 31.93 26.51
C GLY C 134 5.43 31.16 27.81
N GLU C 135 4.25 30.61 28.08
CA GLU C 135 4.07 29.79 29.29
C GLU C 135 4.91 28.53 29.21
N ILE C 136 5.01 27.92 28.03
CA ILE C 136 5.86 26.76 27.85
C ILE C 136 7.33 27.13 28.06
N LEU C 137 7.73 28.29 27.53
CA LEU C 137 9.11 28.74 27.74
C LEU C 137 9.41 28.96 29.21
N ALA C 138 8.41 29.37 30.00
CA ALA C 138 8.59 29.45 31.44
C ALA C 138 8.87 28.07 32.02
N ASP C 139 8.13 27.05 31.58
CA ASP C 139 8.42 25.68 31.99
C ASP C 139 9.75 25.20 31.41
N MET C 140 10.12 25.70 30.22
CA MET C 140 11.39 25.33 29.61
C MET C 140 12.55 25.75 30.50
N GLY C 141 12.51 26.97 31.03
CA GLY C 141 13.58 27.43 31.91
C GLY C 141 13.62 26.66 33.22
N ARG C 142 12.46 26.35 33.79
CA ARG C 142 12.41 25.66 35.07
C ARG C 142 12.98 24.24 34.95
N ALA C 143 12.68 23.54 33.86
CA ALA C 143 13.14 22.16 33.72
C ALA C 143 14.66 22.07 33.60
N TYR C 144 15.24 22.89 32.72
CA TYR C 144 16.69 22.87 32.54
C TYR C 144 17.41 23.33 33.80
N LEU C 145 16.87 24.35 34.48
CA LEU C 145 17.48 24.83 35.71
C LEU C 145 17.43 23.75 36.80
N HIS C 146 16.32 23.00 36.87
CA HIS C 146 16.20 21.95 37.86
C HIS C 146 17.24 20.87 37.66
N ARG C 147 17.47 20.46 36.41
CA ARG C 147 18.46 19.43 36.14
C ARG C 147 19.88 19.94 36.31
N ALA C 148 20.12 21.23 36.04
CA ALA C 148 21.45 21.80 36.22
C ALA C 148 21.87 21.79 37.68
N LYS C 149 20.91 21.93 38.60
CA LYS C 149 21.24 21.87 40.02
C LYS C 149 21.65 20.47 40.44
N ILE C 150 21.06 19.44 39.83
CA ILE C 150 21.42 18.07 40.16
C ILE C 150 22.83 17.75 39.67
N ILE C 151 23.15 18.15 38.44
CA ILE C 151 24.48 17.90 37.88
C ILE C 151 25.48 18.88 38.46
#